data_3QJM
# 
_entry.id   3QJM 
# 
_audit_conform.dict_name       mmcif_pdbx.dic 
_audit_conform.dict_version    5.388 
_audit_conform.dict_location   http://mmcif.pdb.org/dictionaries/ascii/mmcif_pdbx.dic 
# 
loop_
_database_2.database_id 
_database_2.database_code 
_database_2.pdbx_database_accession 
_database_2.pdbx_DOI 
PDB   3QJM         pdb_00003qjm 10.2210/pdb3qjm/pdb 
RCSB  RCSB063727   ?            ?                   
WWPDB D_1000063727 ?            ?                   
# 
loop_
_pdbx_audit_revision_history.ordinal 
_pdbx_audit_revision_history.data_content_type 
_pdbx_audit_revision_history.major_revision 
_pdbx_audit_revision_history.minor_revision 
_pdbx_audit_revision_history.revision_date 
1 'Structure model' 1 0 2011-04-13 
2 'Structure model' 1 1 2011-07-13 
3 'Structure model' 1 2 2024-03-20 
# 
_pdbx_audit_revision_details.ordinal             1 
_pdbx_audit_revision_details.revision_ordinal    1 
_pdbx_audit_revision_details.data_content_type   'Structure model' 
_pdbx_audit_revision_details.provider            repository 
_pdbx_audit_revision_details.type                'Initial release' 
_pdbx_audit_revision_details.description         ? 
_pdbx_audit_revision_details.details             ? 
# 
loop_
_pdbx_audit_revision_group.ordinal 
_pdbx_audit_revision_group.revision_ordinal 
_pdbx_audit_revision_group.data_content_type 
_pdbx_audit_revision_group.group 
1 2 'Structure model' 'Version format compliance' 
2 3 'Structure model' 'Data collection'           
3 3 'Structure model' 'Database references'       
# 
loop_
_pdbx_audit_revision_category.ordinal 
_pdbx_audit_revision_category.revision_ordinal 
_pdbx_audit_revision_category.data_content_type 
_pdbx_audit_revision_category.category 
1 3 'Structure model' chem_comp_atom 
2 3 'Structure model' chem_comp_bond 
3 3 'Structure model' database_2     
# 
loop_
_pdbx_audit_revision_item.ordinal 
_pdbx_audit_revision_item.revision_ordinal 
_pdbx_audit_revision_item.data_content_type 
_pdbx_audit_revision_item.item 
1 3 'Structure model' '_database_2.pdbx_DOI'                
2 3 'Structure model' '_database_2.pdbx_database_accession' 
# 
_pdbx_database_status.status_code                     REL 
_pdbx_database_status.entry_id                        3QJM 
_pdbx_database_status.recvd_initial_deposition_date   2011-01-30 
_pdbx_database_status.deposit_site                    RCSB 
_pdbx_database_status.process_site                    PDBJ 
_pdbx_database_status.status_code_sf                  REL 
_pdbx_database_status.status_code_mr                  ? 
_pdbx_database_status.SG_entry                        ? 
_pdbx_database_status.status_code_cs                  ? 
_pdbx_database_status.pdb_format_compatible           Y 
_pdbx_database_status.status_code_nmr_data            ? 
_pdbx_database_status.methods_development_category    ? 
# 
_pdbx_database_related.db_name        PDB 
_pdbx_database_related.db_id          3QJN 
_pdbx_database_related.details        . 
_pdbx_database_related.content_type   unspecified 
# 
loop_
_audit_author.name 
_audit_author.pdbx_ordinal 
'Lee, J.H.'  1 
'Park, H.'   2 
'Park, S.J.' 3 
'Kim, H.J.'  4 
'Eom, S.H.'  5 
# 
_citation.id                        primary 
_citation.title                     
'The structural flexibility of the shank1 PDZ domain is important for its binding to different ligands' 
_citation.journal_abbrev            Biochem.Biophys.Res.Commun. 
_citation.journal_volume            407 
_citation.page_first                207 
_citation.page_last                 212 
_citation.year                      2011 
_citation.journal_id_ASTM           BBRCA9 
_citation.country                   US 
_citation.journal_id_ISSN           0006-291X 
_citation.journal_id_CSD            0146 
_citation.book_publisher            ? 
_citation.pdbx_database_id_PubMed   21376703 
_citation.pdbx_database_id_DOI      10.1016/j.bbrc.2011.02.141 
# 
loop_
_citation_author.citation_id 
_citation_author.name 
_citation_author.ordinal 
_citation_author.identifier_ORCID 
primary 'Lee, J.H.'  1 ? 
primary 'Park, H.'   2 ? 
primary 'Park, S.J.' 3 ? 
primary 'Kim, H.J.'  4 ? 
primary 'Eom, S.H.'  5 ? 
# 
loop_
_entity.id 
_entity.type 
_entity.src_method 
_entity.pdbx_description 
_entity.formula_weight 
_entity.pdbx_number_of_molecules 
_entity.pdbx_ec 
_entity.pdbx_mutation 
_entity.pdbx_fragment 
_entity.details 
1 polymer man 'SH3 and multiple ankyrin repeat domains protein 1' 12755.696 2  ? ? 'PDZ domain' ? 
2 polymer syn Beta-PIX                                            590.581   2  ? ? ?            ? 
3 water   nat water                                               18.015    80 ? ? ?            ? 
# 
_entity_name_com.entity_id   1 
_entity_name_com.name        
;Shank1, GKAP/SAPAP-interacting protein, SPANK-1, Somatostatin receptor-interacting protein, SSTR-interacting protein, SSTRIP, Synamon
;
# 
loop_
_entity_poly.entity_id 
_entity_poly.type 
_entity_poly.nstd_linkage 
_entity_poly.nstd_monomer 
_entity_poly.pdbx_seq_one_letter_code 
_entity_poly.pdbx_seq_one_letter_code_can 
_entity_poly.pdbx_strand_id 
_entity_poly.pdbx_target_identifier 
1 'polypeptide(L)' no no 
;GSDYIIKEKTVLLQKKDSEGFGFVLRGAKAQTPIEEFTPTPAFPALQYLESVDEGGVAWRAGLRMGDFLIEVNGQNVVKV
GHRQVVNMIRQGGNTLMVKVVMVTRHPDMDEAVHK
;
;GSDYIIKEKTVLLQKKDSEGFGFVLRGAKAQTPIEEFTPTPAFPALQYLESVDEGGVAWRAGLRMGDFLIEVNGQNVVKV
GHRQVVNMIRQGGNTLMVKVVMVTRHPDMDEAVHK
;
A,B ? 
2 'polypeptide(L)' no no DETNL DETNL C,D ? 
# 
_pdbx_entity_nonpoly.entity_id   3 
_pdbx_entity_nonpoly.name        water 
_pdbx_entity_nonpoly.comp_id     HOH 
# 
loop_
_entity_poly_seq.entity_id 
_entity_poly_seq.num 
_entity_poly_seq.mon_id 
_entity_poly_seq.hetero 
1 1   GLY n 
1 2   SER n 
1 3   ASP n 
1 4   TYR n 
1 5   ILE n 
1 6   ILE n 
1 7   LYS n 
1 8   GLU n 
1 9   LYS n 
1 10  THR n 
1 11  VAL n 
1 12  LEU n 
1 13  LEU n 
1 14  GLN n 
1 15  LYS n 
1 16  LYS n 
1 17  ASP n 
1 18  SER n 
1 19  GLU n 
1 20  GLY n 
1 21  PHE n 
1 22  GLY n 
1 23  PHE n 
1 24  VAL n 
1 25  LEU n 
1 26  ARG n 
1 27  GLY n 
1 28  ALA n 
1 29  LYS n 
1 30  ALA n 
1 31  GLN n 
1 32  THR n 
1 33  PRO n 
1 34  ILE n 
1 35  GLU n 
1 36  GLU n 
1 37  PHE n 
1 38  THR n 
1 39  PRO n 
1 40  THR n 
1 41  PRO n 
1 42  ALA n 
1 43  PHE n 
1 44  PRO n 
1 45  ALA n 
1 46  LEU n 
1 47  GLN n 
1 48  TYR n 
1 49  LEU n 
1 50  GLU n 
1 51  SER n 
1 52  VAL n 
1 53  ASP n 
1 54  GLU n 
1 55  GLY n 
1 56  GLY n 
1 57  VAL n 
1 58  ALA n 
1 59  TRP n 
1 60  ARG n 
1 61  ALA n 
1 62  GLY n 
1 63  LEU n 
1 64  ARG n 
1 65  MET n 
1 66  GLY n 
1 67  ASP n 
1 68  PHE n 
1 69  LEU n 
1 70  ILE n 
1 71  GLU n 
1 72  VAL n 
1 73  ASN n 
1 74  GLY n 
1 75  GLN n 
1 76  ASN n 
1 77  VAL n 
1 78  VAL n 
1 79  LYS n 
1 80  VAL n 
1 81  GLY n 
1 82  HIS n 
1 83  ARG n 
1 84  GLN n 
1 85  VAL n 
1 86  VAL n 
1 87  ASN n 
1 88  MET n 
1 89  ILE n 
1 90  ARG n 
1 91  GLN n 
1 92  GLY n 
1 93  GLY n 
1 94  ASN n 
1 95  THR n 
1 96  LEU n 
1 97  MET n 
1 98  VAL n 
1 99  LYS n 
1 100 VAL n 
1 101 VAL n 
1 102 MET n 
1 103 VAL n 
1 104 THR n 
1 105 ARG n 
1 106 HIS n 
1 107 PRO n 
1 108 ASP n 
1 109 MET n 
1 110 ASP n 
1 111 GLU n 
1 112 ALA n 
1 113 VAL n 
1 114 HIS n 
1 115 LYS n 
2 1   ASP n 
2 2   GLU n 
2 3   THR n 
2 4   ASN n 
2 5   LEU n 
# 
_entity_src_gen.entity_id                          1 
_entity_src_gen.pdbx_src_id                        1 
_entity_src_gen.pdbx_alt_source_flag               sample 
_entity_src_gen.pdbx_seq_type                      ? 
_entity_src_gen.pdbx_beg_seq_num                   ? 
_entity_src_gen.pdbx_end_seq_num                   ? 
_entity_src_gen.gene_src_common_name               rat 
_entity_src_gen.gene_src_genus                     ? 
_entity_src_gen.pdbx_gene_src_gene                 Shank1 
_entity_src_gen.gene_src_species                   ? 
_entity_src_gen.gene_src_strain                    ? 
_entity_src_gen.gene_src_tissue                    ? 
_entity_src_gen.gene_src_tissue_fraction           ? 
_entity_src_gen.gene_src_details                   ? 
_entity_src_gen.pdbx_gene_src_fragment             ? 
_entity_src_gen.pdbx_gene_src_scientific_name      'Rattus norvegicus' 
_entity_src_gen.pdbx_gene_src_ncbi_taxonomy_id     10116 
_entity_src_gen.pdbx_gene_src_variant              ? 
_entity_src_gen.pdbx_gene_src_cell_line            ? 
_entity_src_gen.pdbx_gene_src_atcc                 ? 
_entity_src_gen.pdbx_gene_src_organ                ? 
_entity_src_gen.pdbx_gene_src_organelle            ? 
_entity_src_gen.pdbx_gene_src_cell                 ? 
_entity_src_gen.pdbx_gene_src_cellular_location    ? 
_entity_src_gen.host_org_common_name               ? 
_entity_src_gen.pdbx_host_org_scientific_name      'Escherichia coli' 
_entity_src_gen.pdbx_host_org_ncbi_taxonomy_id     562 
_entity_src_gen.host_org_genus                     ? 
_entity_src_gen.pdbx_host_org_gene                 ? 
_entity_src_gen.pdbx_host_org_organ                ? 
_entity_src_gen.host_org_species                   ? 
_entity_src_gen.pdbx_host_org_tissue               ? 
_entity_src_gen.pdbx_host_org_tissue_fraction      ? 
_entity_src_gen.pdbx_host_org_strain               ? 
_entity_src_gen.pdbx_host_org_variant              ? 
_entity_src_gen.pdbx_host_org_cell_line            ? 
_entity_src_gen.pdbx_host_org_atcc                 ? 
_entity_src_gen.pdbx_host_org_culture_collection   ? 
_entity_src_gen.pdbx_host_org_cell                 ? 
_entity_src_gen.pdbx_host_org_organelle            ? 
_entity_src_gen.pdbx_host_org_cellular_location    ? 
_entity_src_gen.pdbx_host_org_vector_type          ? 
_entity_src_gen.pdbx_host_org_vector               ? 
_entity_src_gen.host_org_details                   ? 
_entity_src_gen.expression_system_id               ? 
_entity_src_gen.plasmid_name                       ? 
_entity_src_gen.plasmid_details                    ? 
_entity_src_gen.pdbx_description                   ? 
# 
_pdbx_entity_src_syn.entity_id              2 
_pdbx_entity_src_syn.pdbx_src_id            1 
_pdbx_entity_src_syn.pdbx_alt_source_flag   sample 
_pdbx_entity_src_syn.pdbx_beg_seq_num       ? 
_pdbx_entity_src_syn.pdbx_end_seq_num       ? 
_pdbx_entity_src_syn.organism_scientific    ? 
_pdbx_entity_src_syn.organism_common_name   ? 
_pdbx_entity_src_syn.ncbi_taxonomy_id       ? 
_pdbx_entity_src_syn.details                'synthetic peptide' 
# 
loop_
_chem_comp.id 
_chem_comp.type 
_chem_comp.mon_nstd_flag 
_chem_comp.name 
_chem_comp.pdbx_synonyms 
_chem_comp.formula 
_chem_comp.formula_weight 
ALA 'L-peptide linking' y ALANINE         ? 'C3 H7 N O2'     89.093  
ARG 'L-peptide linking' y ARGININE        ? 'C6 H15 N4 O2 1' 175.209 
ASN 'L-peptide linking' y ASPARAGINE      ? 'C4 H8 N2 O3'    132.118 
ASP 'L-peptide linking' y 'ASPARTIC ACID' ? 'C4 H7 N O4'     133.103 
GLN 'L-peptide linking' y GLUTAMINE       ? 'C5 H10 N2 O3'   146.144 
GLU 'L-peptide linking' y 'GLUTAMIC ACID' ? 'C5 H9 N O4'     147.129 
GLY 'peptide linking'   y GLYCINE         ? 'C2 H5 N O2'     75.067  
HIS 'L-peptide linking' y HISTIDINE       ? 'C6 H10 N3 O2 1' 156.162 
HOH non-polymer         . WATER           ? 'H2 O'           18.015  
ILE 'L-peptide linking' y ISOLEUCINE      ? 'C6 H13 N O2'    131.173 
LEU 'L-peptide linking' y LEUCINE         ? 'C6 H13 N O2'    131.173 
LYS 'L-peptide linking' y LYSINE          ? 'C6 H15 N2 O2 1' 147.195 
MET 'L-peptide linking' y METHIONINE      ? 'C5 H11 N O2 S'  149.211 
PHE 'L-peptide linking' y PHENYLALANINE   ? 'C9 H11 N O2'    165.189 
PRO 'L-peptide linking' y PROLINE         ? 'C5 H9 N O2'     115.130 
SER 'L-peptide linking' y SERINE          ? 'C3 H7 N O3'     105.093 
THR 'L-peptide linking' y THREONINE       ? 'C4 H9 N O3'     119.119 
TRP 'L-peptide linking' y TRYPTOPHAN      ? 'C11 H12 N2 O2'  204.225 
TYR 'L-peptide linking' y TYROSINE        ? 'C9 H11 N O3'    181.189 
VAL 'L-peptide linking' y VALINE          ? 'C5 H11 N O2'    117.146 
# 
loop_
_pdbx_poly_seq_scheme.asym_id 
_pdbx_poly_seq_scheme.entity_id 
_pdbx_poly_seq_scheme.seq_id 
_pdbx_poly_seq_scheme.mon_id 
_pdbx_poly_seq_scheme.ndb_seq_num 
_pdbx_poly_seq_scheme.pdb_seq_num 
_pdbx_poly_seq_scheme.auth_seq_num 
_pdbx_poly_seq_scheme.pdb_mon_id 
_pdbx_poly_seq_scheme.auth_mon_id 
_pdbx_poly_seq_scheme.pdb_strand_id 
_pdbx_poly_seq_scheme.pdb_ins_code 
_pdbx_poly_seq_scheme.hetero 
A 1 1   GLY 1   654 ?   ?   ?   A . n 
A 1 2   SER 2   655 ?   ?   ?   A . n 
A 1 3   ASP 3   656 656 ASP ASP A . n 
A 1 4   TYR 4   657 657 TYR TYR A . n 
A 1 5   ILE 5   658 658 ILE ILE A . n 
A 1 6   ILE 6   659 659 ILE ILE A . n 
A 1 7   LYS 7   660 660 LYS LYS A . n 
A 1 8   GLU 8   661 661 GLU GLU A . n 
A 1 9   LYS 9   662 662 LYS LYS A . n 
A 1 10  THR 10  663 663 THR THR A . n 
A 1 11  VAL 11  664 664 VAL VAL A . n 
A 1 12  LEU 12  665 665 LEU LEU A . n 
A 1 13  LEU 13  666 666 LEU LEU A . n 
A 1 14  GLN 14  667 667 GLN GLN A . n 
A 1 15  LYS 15  668 668 LYS LYS A . n 
A 1 16  LYS 16  669 669 LYS LYS A . n 
A 1 17  ASP 17  670 670 ASP ASP A . n 
A 1 18  SER 18  671 671 SER SER A . n 
A 1 19  GLU 19  672 672 GLU GLU A . n 
A 1 20  GLY 20  673 673 GLY GLY A . n 
A 1 21  PHE 21  674 674 PHE PHE A . n 
A 1 22  GLY 22  675 675 GLY GLY A . n 
A 1 23  PHE 23  676 676 PHE PHE A . n 
A 1 24  VAL 24  677 677 VAL VAL A . n 
A 1 25  LEU 25  678 678 LEU LEU A . n 
A 1 26  ARG 26  679 679 ARG ARG A . n 
A 1 27  GLY 27  680 680 GLY GLY A . n 
A 1 28  ALA 28  681 681 ALA ALA A . n 
A 1 29  LYS 29  682 ?   ?   ?   A . n 
A 1 30  ALA 30  683 ?   ?   ?   A . n 
A 1 31  GLN 31  684 ?   ?   ?   A . n 
A 1 32  THR 32  685 ?   ?   ?   A . n 
A 1 33  PRO 33  686 ?   ?   ?   A . n 
A 1 34  ILE 34  687 687 ILE ILE A . n 
A 1 35  GLU 35  688 688 GLU ALA A . n 
A 1 36  GLU 36  689 689 GLU GLU A . n 
A 1 37  PHE 37  690 690 PHE PHE A . n 
A 1 38  THR 38  691 691 THR THR A . n 
A 1 39  PRO 39  692 692 PRO PRO A . n 
A 1 40  THR 40  693 693 THR THR A . n 
A 1 41  PRO 41  694 694 PRO PRO A . n 
A 1 42  ALA 42  695 695 ALA ALA A . n 
A 1 43  PHE 43  696 696 PHE PHE A . n 
A 1 44  PRO 44  697 697 PRO PRO A . n 
A 1 45  ALA 45  698 698 ALA ALA A . n 
A 1 46  LEU 46  699 699 LEU LEU A . n 
A 1 47  GLN 47  700 700 GLN GLN A . n 
A 1 48  TYR 48  701 701 TYR TYR A . n 
A 1 49  LEU 49  702 702 LEU LEU A . n 
A 1 50  GLU 50  703 703 GLU GLU A . n 
A 1 51  SER 51  704 704 SER SER A . n 
A 1 52  VAL 52  705 705 VAL VAL A . n 
A 1 53  ASP 53  706 706 ASP ASP A . n 
A 1 54  GLU 54  707 707 GLU GLU A . n 
A 1 55  GLY 55  708 708 GLY GLY A . n 
A 1 56  GLY 56  709 709 GLY GLY A . n 
A 1 57  VAL 57  710 710 VAL VAL A . n 
A 1 58  ALA 58  711 711 ALA ALA A . n 
A 1 59  TRP 59  712 712 TRP TRP A . n 
A 1 60  ARG 60  713 713 ARG ARG A . n 
A 1 61  ALA 61  714 714 ALA ALA A . n 
A 1 62  GLY 62  715 715 GLY GLY A . n 
A 1 63  LEU 63  716 716 LEU LEU A . n 
A 1 64  ARG 64  717 717 ARG ARG A . n 
A 1 65  MET 65  718 718 MET MET A . n 
A 1 66  GLY 66  719 719 GLY GLY A . n 
A 1 67  ASP 67  720 720 ASP ASP A . n 
A 1 68  PHE 68  721 721 PHE PHE A . n 
A 1 69  LEU 69  722 722 LEU LEU A . n 
A 1 70  ILE 70  723 723 ILE ILE A . n 
A 1 71  GLU 71  724 724 GLU GLU A . n 
A 1 72  VAL 72  725 725 VAL VAL A . n 
A 1 73  ASN 73  726 726 ASN ASN A . n 
A 1 74  GLY 74  727 727 GLY GLY A . n 
A 1 75  GLN 75  728 728 GLN GLN A . n 
A 1 76  ASN 76  729 729 ASN ASN A . n 
A 1 77  VAL 77  730 730 VAL VAL A . n 
A 1 78  VAL 78  731 731 VAL VAL A . n 
A 1 79  LYS 79  732 732 LYS LYS A . n 
A 1 80  VAL 80  733 733 VAL VAL A . n 
A 1 81  GLY 81  734 734 GLY GLY A . n 
A 1 82  HIS 82  735 735 HIS HIS A . n 
A 1 83  ARG 83  736 736 ARG ARG A . n 
A 1 84  GLN 84  737 737 GLN GLN A . n 
A 1 85  VAL 85  738 738 VAL VAL A . n 
A 1 86  VAL 86  739 739 VAL VAL A . n 
A 1 87  ASN 87  740 740 ASN ASN A . n 
A 1 88  MET 88  741 741 MET MET A . n 
A 1 89  ILE 89  742 742 ILE ILE A . n 
A 1 90  ARG 90  743 743 ARG ARG A . n 
A 1 91  GLN 91  744 744 GLN GLN A . n 
A 1 92  GLY 92  745 745 GLY GLY A . n 
A 1 93  GLY 93  746 746 GLY GLY A . n 
A 1 94  ASN 94  747 747 ASN ASN A . n 
A 1 95  THR 95  748 748 THR THR A . n 
A 1 96  LEU 96  749 749 LEU LEU A . n 
A 1 97  MET 97  750 750 MET MET A . n 
A 1 98  VAL 98  751 751 VAL VAL A . n 
A 1 99  LYS 99  752 752 LYS LYS A . n 
A 1 100 VAL 100 753 753 VAL VAL A . n 
A 1 101 VAL 101 754 754 VAL VAL A . n 
A 1 102 MET 102 755 755 MET MET A . n 
A 1 103 VAL 103 756 756 VAL VAL A . n 
A 1 104 THR 104 757 757 THR THR A . n 
A 1 105 ARG 105 758 758 ARG ARG A . n 
A 1 106 HIS 106 759 ?   ?   ?   A . n 
A 1 107 PRO 107 760 ?   ?   ?   A . n 
A 1 108 ASP 108 761 ?   ?   ?   A . n 
A 1 109 MET 109 762 ?   ?   ?   A . n 
A 1 110 ASP 110 763 ?   ?   ?   A . n 
A 1 111 GLU 111 764 ?   ?   ?   A . n 
A 1 112 ALA 112 765 ?   ?   ?   A . n 
A 1 113 VAL 113 766 ?   ?   ?   A . n 
A 1 114 HIS 114 767 ?   ?   ?   A . n 
A 1 115 LYS 115 768 ?   ?   ?   A . n 
B 1 1   GLY 1   654 654 GLY GLY B . n 
B 1 2   SER 2   655 655 SER SER B . n 
B 1 3   ASP 3   656 656 ASP ASP B . n 
B 1 4   TYR 4   657 657 TYR TYR B . n 
B 1 5   ILE 5   658 658 ILE ILE B . n 
B 1 6   ILE 6   659 659 ILE ILE B . n 
B 1 7   LYS 7   660 660 LYS LYS B . n 
B 1 8   GLU 8   661 661 GLU GLU B . n 
B 1 9   LYS 9   662 662 LYS LYS B . n 
B 1 10  THR 10  663 663 THR THR B . n 
B 1 11  VAL 11  664 664 VAL VAL B . n 
B 1 12  LEU 12  665 665 LEU LEU B . n 
B 1 13  LEU 13  666 666 LEU LEU B . n 
B 1 14  GLN 14  667 667 GLN GLN B . n 
B 1 15  LYS 15  668 668 LYS LYS B . n 
B 1 16  LYS 16  669 669 LYS LYS B . n 
B 1 17  ASP 17  670 670 ASP ASP B . n 
B 1 18  SER 18  671 671 SER SER B . n 
B 1 19  GLU 19  672 672 GLU GLU B . n 
B 1 20  GLY 20  673 673 GLY GLY B . n 
B 1 21  PHE 21  674 674 PHE PHE B . n 
B 1 22  GLY 22  675 675 GLY GLY B . n 
B 1 23  PHE 23  676 676 PHE PHE B . n 
B 1 24  VAL 24  677 677 VAL VAL B . n 
B 1 25  LEU 25  678 678 LEU LEU B . n 
B 1 26  ARG 26  679 679 ARG ARG B . n 
B 1 27  GLY 27  680 680 GLY GLY B . n 
B 1 28  ALA 28  681 681 ALA ALA B . n 
B 1 29  LYS 29  682 ?   ?   ?   B . n 
B 1 30  ALA 30  683 ?   ?   ?   B . n 
B 1 31  GLN 31  684 ?   ?   ?   B . n 
B 1 32  THR 32  685 ?   ?   ?   B . n 
B 1 33  PRO 33  686 ?   ?   ?   B . n 
B 1 34  ILE 34  687 ?   ?   ?   B . n 
B 1 35  GLU 35  688 ?   ?   ?   B . n 
B 1 36  GLU 36  689 689 GLU GLU B . n 
B 1 37  PHE 37  690 690 PHE PHE B . n 
B 1 38  THR 38  691 691 THR THR B . n 
B 1 39  PRO 39  692 692 PRO PRO B . n 
B 1 40  THR 40  693 693 THR THR B . n 
B 1 41  PRO 41  694 694 PRO PRO B . n 
B 1 42  ALA 42  695 695 ALA ALA B . n 
B 1 43  PHE 43  696 696 PHE PHE B . n 
B 1 44  PRO 44  697 697 PRO PRO B . n 
B 1 45  ALA 45  698 698 ALA ALA B . n 
B 1 46  LEU 46  699 699 LEU LEU B . n 
B 1 47  GLN 47  700 700 GLN GLN B . n 
B 1 48  TYR 48  701 701 TYR TYR B . n 
B 1 49  LEU 49  702 702 LEU LEU B . n 
B 1 50  GLU 50  703 703 GLU GLU B . n 
B 1 51  SER 51  704 704 SER SER B . n 
B 1 52  VAL 52  705 705 VAL VAL B . n 
B 1 53  ASP 53  706 706 ASP ASP B . n 
B 1 54  GLU 54  707 707 GLU GLU B . n 
B 1 55  GLY 55  708 708 GLY GLY B . n 
B 1 56  GLY 56  709 709 GLY GLY B . n 
B 1 57  VAL 57  710 710 VAL VAL B . n 
B 1 58  ALA 58  711 711 ALA ALA B . n 
B 1 59  TRP 59  712 712 TRP TRP B . n 
B 1 60  ARG 60  713 713 ARG ARG B . n 
B 1 61  ALA 61  714 714 ALA ALA B . n 
B 1 62  GLY 62  715 715 GLY GLY B . n 
B 1 63  LEU 63  716 716 LEU LEU B . n 
B 1 64  ARG 64  717 717 ARG ARG B . n 
B 1 65  MET 65  718 718 MET MET B . n 
B 1 66  GLY 66  719 719 GLY GLY B . n 
B 1 67  ASP 67  720 720 ASP ASP B . n 
B 1 68  PHE 68  721 721 PHE PHE B . n 
B 1 69  LEU 69  722 722 LEU LEU B . n 
B 1 70  ILE 70  723 723 ILE ILE B . n 
B 1 71  GLU 71  724 724 GLU GLU B . n 
B 1 72  VAL 72  725 725 VAL VAL B . n 
B 1 73  ASN 73  726 726 ASN ASN B . n 
B 1 74  GLY 74  727 727 GLY GLY B . n 
B 1 75  GLN 75  728 728 GLN GLN B . n 
B 1 76  ASN 76  729 729 ASN ASN B . n 
B 1 77  VAL 77  730 730 VAL VAL B . n 
B 1 78  VAL 78  731 731 VAL VAL B . n 
B 1 79  LYS 79  732 732 LYS LYS B . n 
B 1 80  VAL 80  733 733 VAL VAL B . n 
B 1 81  GLY 81  734 734 GLY GLY B . n 
B 1 82  HIS 82  735 735 HIS HIS B . n 
B 1 83  ARG 83  736 736 ARG ARG B . n 
B 1 84  GLN 84  737 737 GLN GLN B . n 
B 1 85  VAL 85  738 738 VAL VAL B . n 
B 1 86  VAL 86  739 739 VAL VAL B . n 
B 1 87  ASN 87  740 740 ASN ASN B . n 
B 1 88  MET 88  741 741 MET MET B . n 
B 1 89  ILE 89  742 742 ILE ILE B . n 
B 1 90  ARG 90  743 743 ARG ARG B . n 
B 1 91  GLN 91  744 744 GLN GLN B . n 
B 1 92  GLY 92  745 745 GLY GLY B . n 
B 1 93  GLY 93  746 746 GLY GLY B . n 
B 1 94  ASN 94  747 747 ASN ASN B . n 
B 1 95  THR 95  748 748 THR THR B . n 
B 1 96  LEU 96  749 749 LEU LEU B . n 
B 1 97  MET 97  750 750 MET MET B . n 
B 1 98  VAL 98  751 751 VAL VAL B . n 
B 1 99  LYS 99  752 752 LYS LYS B . n 
B 1 100 VAL 100 753 753 VAL VAL B . n 
B 1 101 VAL 101 754 754 VAL VAL B . n 
B 1 102 MET 102 755 755 MET MET B . n 
B 1 103 VAL 103 756 756 VAL VAL B . n 
B 1 104 THR 104 757 757 THR THR B . n 
B 1 105 ARG 105 758 758 ARG ARG B . n 
B 1 106 HIS 106 759 ?   ?   ?   B . n 
B 1 107 PRO 107 760 ?   ?   ?   B . n 
B 1 108 ASP 108 761 ?   ?   ?   B . n 
B 1 109 MET 109 762 ?   ?   ?   B . n 
B 1 110 ASP 110 763 ?   ?   ?   B . n 
B 1 111 GLU 111 764 ?   ?   ?   B . n 
B 1 112 ALA 112 765 ?   ?   ?   B . n 
B 1 113 VAL 113 766 ?   ?   ?   B . n 
B 1 114 HIS 114 767 ?   ?   ?   B . n 
B 1 115 LYS 115 768 ?   ?   ?   B . n 
C 2 1   ASP 1   642 642 ASP ASP C . n 
C 2 2   GLU 2   643 643 GLU GLU C . n 
C 2 3   THR 3   644 644 THR THR C . n 
C 2 4   ASN 4   645 645 ASN ASN C . n 
C 2 5   LEU 5   646 646 LEU LEU C . n 
D 2 1   ASP 1   642 642 ASP ASP D . n 
D 2 2   GLU 2   643 643 GLU GLU D . n 
D 2 3   THR 3   644 644 THR THR D . n 
D 2 4   ASN 4   645 645 ASN ASN D . n 
D 2 5   LEU 5   646 646 LEU LEU D . n 
# 
loop_
_pdbx_nonpoly_scheme.asym_id 
_pdbx_nonpoly_scheme.entity_id 
_pdbx_nonpoly_scheme.mon_id 
_pdbx_nonpoly_scheme.ndb_seq_num 
_pdbx_nonpoly_scheme.pdb_seq_num 
_pdbx_nonpoly_scheme.auth_seq_num 
_pdbx_nonpoly_scheme.pdb_mon_id 
_pdbx_nonpoly_scheme.auth_mon_id 
_pdbx_nonpoly_scheme.pdb_strand_id 
_pdbx_nonpoly_scheme.pdb_ins_code 
E 3 HOH 1  1  1  HOH HOH A . 
E 3 HOH 2  3  3  HOH HOH A . 
E 3 HOH 3  11 11 HOH HOH A . 
E 3 HOH 4  13 13 HOH HOH A . 
E 3 HOH 5  14 14 HOH HOH A . 
E 3 HOH 6  19 19 HOH HOH A . 
E 3 HOH 7  22 22 HOH HOH A . 
E 3 HOH 8  23 23 HOH HOH A . 
E 3 HOH 9  36 36 HOH HOH A . 
E 3 HOH 10 37 37 HOH HOH A . 
E 3 HOH 11 38 38 HOH HOH A . 
E 3 HOH 12 40 40 HOH HOH A . 
E 3 HOH 13 42 42 HOH HOH A . 
E 3 HOH 14 44 44 HOH HOH A . 
E 3 HOH 15 47 47 HOH HOH A . 
E 3 HOH 16 49 49 HOH HOH A . 
E 3 HOH 17 52 52 HOH HOH A . 
E 3 HOH 18 55 55 HOH HOH A . 
E 3 HOH 19 58 58 HOH HOH A . 
E 3 HOH 20 59 59 HOH HOH A . 
E 3 HOH 21 63 63 HOH HOH A . 
E 3 HOH 22 65 65 HOH HOH A . 
E 3 HOH 23 68 68 HOH HOH A . 
E 3 HOH 24 69 69 HOH HOH A . 
E 3 HOH 25 72 72 HOH HOH A . 
E 3 HOH 26 73 73 HOH HOH A . 
E 3 HOH 27 76 76 HOH HOH A . 
F 3 HOH 1  2  2  HOH HOH B . 
F 3 HOH 2  4  4  HOH HOH B . 
F 3 HOH 3  6  6  HOH HOH B . 
F 3 HOH 4  7  7  HOH HOH B . 
F 3 HOH 5  8  8  HOH HOH B . 
F 3 HOH 6  9  9  HOH HOH B . 
F 3 HOH 7  10 10 HOH HOH B . 
F 3 HOH 8  12 12 HOH HOH B . 
F 3 HOH 9  15 15 HOH HOH B . 
F 3 HOH 10 16 16 HOH HOH B . 
F 3 HOH 11 17 17 HOH HOH B . 
F 3 HOH 12 18 18 HOH HOH B . 
F 3 HOH 13 20 20 HOH HOH B . 
F 3 HOH 14 21 21 HOH HOH B . 
F 3 HOH 15 24 24 HOH HOH B . 
F 3 HOH 16 25 25 HOH HOH B . 
F 3 HOH 17 26 26 HOH HOH B . 
F 3 HOH 18 27 27 HOH HOH B . 
F 3 HOH 19 28 28 HOH HOH B . 
F 3 HOH 20 29 29 HOH HOH B . 
F 3 HOH 21 30 30 HOH HOH B . 
F 3 HOH 22 31 31 HOH HOH B . 
F 3 HOH 23 32 32 HOH HOH B . 
F 3 HOH 24 33 33 HOH HOH B . 
F 3 HOH 25 34 34 HOH HOH B . 
F 3 HOH 26 35 35 HOH HOH B . 
F 3 HOH 27 39 39 HOH HOH B . 
F 3 HOH 28 41 41 HOH HOH B . 
F 3 HOH 29 43 43 HOH HOH B . 
F 3 HOH 30 45 45 HOH HOH B . 
F 3 HOH 31 46 46 HOH HOH B . 
F 3 HOH 32 48 48 HOH HOH B . 
F 3 HOH 33 50 50 HOH HOH B . 
F 3 HOH 34 51 51 HOH HOH B . 
F 3 HOH 35 53 53 HOH HOH B . 
F 3 HOH 36 54 54 HOH HOH B . 
F 3 HOH 37 57 57 HOH HOH B . 
F 3 HOH 38 60 60 HOH HOH B . 
F 3 HOH 39 61 61 HOH HOH B . 
F 3 HOH 40 62 62 HOH HOH B . 
F 3 HOH 41 66 66 HOH HOH B . 
F 3 HOH 42 70 70 HOH HOH B . 
F 3 HOH 43 71 71 HOH HOH B . 
F 3 HOH 44 74 74 HOH HOH B . 
F 3 HOH 45 75 75 HOH HOH B . 
F 3 HOH 46 77 77 HOH HOH B . 
F 3 HOH 47 78 78 HOH HOH B . 
F 3 HOH 48 79 79 HOH HOH B . 
F 3 HOH 49 80 80 HOH HOH B . 
G 3 HOH 1  5  5  HOH HOH C . 
G 3 HOH 2  56 56 HOH HOH C . 
H 3 HOH 1  64 64 HOH HOH D . 
H 3 HOH 2  67 67 HOH HOH D . 
# 
loop_
_pdbx_unobs_or_zero_occ_atoms.id 
_pdbx_unobs_or_zero_occ_atoms.PDB_model_num 
_pdbx_unobs_or_zero_occ_atoms.polymer_flag 
_pdbx_unobs_or_zero_occ_atoms.occupancy_flag 
_pdbx_unobs_or_zero_occ_atoms.auth_asym_id 
_pdbx_unobs_or_zero_occ_atoms.auth_comp_id 
_pdbx_unobs_or_zero_occ_atoms.auth_seq_id 
_pdbx_unobs_or_zero_occ_atoms.PDB_ins_code 
_pdbx_unobs_or_zero_occ_atoms.auth_atom_id 
_pdbx_unobs_or_zero_occ_atoms.label_alt_id 
_pdbx_unobs_or_zero_occ_atoms.label_asym_id 
_pdbx_unobs_or_zero_occ_atoms.label_comp_id 
_pdbx_unobs_or_zero_occ_atoms.label_seq_id 
_pdbx_unobs_or_zero_occ_atoms.label_atom_id 
1 1 Y 1 A GLU 688 ? CG  ? A GLU 35 CG  
2 1 Y 1 A GLU 688 ? CD  ? A GLU 35 CD  
3 1 Y 1 A GLU 688 ? OE1 ? A GLU 35 OE1 
4 1 Y 1 A GLU 688 ? OE2 ? A GLU 35 OE2 
# 
loop_
_software.name 
_software.classification 
_software.version 
_software.citation_id 
_software.pdbx_ordinal 
HKL-2000 'data collection' .                            ? 1 
MOLREP   phasing           .                            ? 2 
PHENIX   refinement        '(phenix.refine: 1.6.1_357)' ? 3 
HKL-2000 'data reduction'  .                            ? 4 
HKL-2000 'data scaling'    .                            ? 5 
# 
_cell.entry_id           3QJM 
_cell.length_a           57.625 
_cell.length_b           57.625 
_cell.length_c           144.042 
_cell.angle_alpha        90.00 
_cell.angle_beta         90.00 
_cell.angle_gamma        90.00 
_cell.Z_PDB              16 
_cell.pdbx_unique_axis   ? 
_cell.length_a_esd       ? 
_cell.length_b_esd       ? 
_cell.length_c_esd       ? 
_cell.angle_alpha_esd    ? 
_cell.angle_beta_esd     ? 
_cell.angle_gamma_esd    ? 
# 
_symmetry.entry_id                         3QJM 
_symmetry.space_group_name_H-M             'P 41 21 2' 
_symmetry.pdbx_full_space_group_name_H-M   ? 
_symmetry.cell_setting                     ? 
_symmetry.Int_Tables_number                92 
_symmetry.space_group_name_Hall            ? 
# 
_exptl.entry_id          3QJM 
_exptl.method            'X-RAY DIFFRACTION' 
_exptl.crystals_number   1 
# 
_exptl_crystal.id                    1 
_exptl_crystal.density_meas          ? 
_exptl_crystal.density_Matthews      2.24 
_exptl_crystal.density_percent_sol   45.09 
_exptl_crystal.description           ? 
_exptl_crystal.F_000                 ? 
_exptl_crystal.preparation           ? 
# 
_exptl_crystal_grow.crystal_id      1 
_exptl_crystal_grow.method          'VAPOR DIFFUSION, HANGING DROP' 
_exptl_crystal_grow.temp            294 
_exptl_crystal_grow.temp_details    ? 
_exptl_crystal_grow.pH              5.5 
_exptl_crystal_grow.pdbx_details    
'100mM sodium acetate(pH 5.5-6.0), 0.8M lithium sulfate, 0.7M ammonium sulfate, VAPOR DIFFUSION, HANGING DROP, temperature 294K' 
_exptl_crystal_grow.pdbx_pH_range   . 
# 
_diffrn.id                     1 
_diffrn.ambient_temp           100 
_diffrn.ambient_temp_details   ? 
_diffrn.crystal_id             1 
# 
_diffrn_detector.diffrn_id              1 
_diffrn_detector.detector               CCD 
_diffrn_detector.type                   ? 
_diffrn_detector.pdbx_collection_date   ? 
_diffrn_detector.details                ? 
# 
_diffrn_radiation.diffrn_id                        1 
_diffrn_radiation.wavelength_id                    1 
_diffrn_radiation.pdbx_monochromatic_or_laue_m_l   M 
_diffrn_radiation.monochromator                    ? 
_diffrn_radiation.pdbx_diffrn_protocol             'SINGLE WAVELENGTH' 
_diffrn_radiation.pdbx_scattering_type             x-ray 
# 
_diffrn_radiation_wavelength.id           1 
_diffrn_radiation_wavelength.wavelength   1.0000 
_diffrn_radiation_wavelength.wt           1.0 
# 
_diffrn_source.diffrn_id                   1 
_diffrn_source.source                      SYNCHROTRON 
_diffrn_source.type                        'PHOTON FACTORY BEAMLINE AR-NW12A' 
_diffrn_source.pdbx_synchrotron_site       'Photon Factory' 
_diffrn_source.pdbx_synchrotron_beamline   AR-NW12A 
_diffrn_source.pdbx_wavelength             ? 
_diffrn_source.pdbx_wavelength_list        1.0000 
# 
_reflns.entry_id                     3QJM 
_reflns.observed_criterion_sigma_I   0 
_reflns.observed_criterion_sigma_F   0 
_reflns.d_resolution_low             30 
_reflns.d_resolution_high            2.3 
_reflns.number_obs                   10106 
_reflns.number_all                   10106 
_reflns.percent_possible_obs         89.5 
_reflns.pdbx_Rmerge_I_obs            ? 
_reflns.pdbx_Rsym_value              ? 
_reflns.pdbx_netI_over_sigmaI        ? 
_reflns.B_iso_Wilson_estimate        ? 
_reflns.pdbx_redundancy              ? 
_reflns.R_free_details               ? 
_reflns.limit_h_max                  ? 
_reflns.limit_h_min                  ? 
_reflns.limit_k_max                  ? 
_reflns.limit_k_min                  ? 
_reflns.limit_l_max                  ? 
_reflns.limit_l_min                  ? 
_reflns.observed_criterion_F_max     ? 
_reflns.observed_criterion_F_min     ? 
_reflns.pdbx_chi_squared             ? 
_reflns.pdbx_scaling_rejects         ? 
_reflns.pdbx_diffrn_id               1 
_reflns.pdbx_ordinal                 1 
# 
_reflns_shell.d_res_high                  2.30 
_reflns_shell.d_res_low                   2.38 
_reflns_shell.percent_possible_all        83.7 
_reflns_shell.Rmerge_I_obs                ? 
_reflns_shell.pdbx_Rsym_value             ? 
_reflns_shell.meanI_over_sigI_obs         ? 
_reflns_shell.pdbx_redundancy             ? 
_reflns_shell.percent_possible_obs        ? 
_reflns_shell.number_unique_all           ? 
_reflns_shell.number_measured_all         ? 
_reflns_shell.number_measured_obs         ? 
_reflns_shell.number_unique_obs           ? 
_reflns_shell.pdbx_chi_squared            ? 
_reflns_shell.pdbx_rejects                ? 
_reflns_shell.pdbx_netI_over_sigmaI_obs   ? 
_reflns_shell.number_possible             ? 
_reflns_shell.Rmerge_F_all                ? 
_reflns_shell.Rmerge_F_obs                ? 
_reflns_shell.Rmerge_I_all                ? 
_reflns_shell.meanI_over_sigI_all         ? 
_reflns_shell.pdbx_Rrim_I_all             ? 
_reflns_shell.pdbx_Rpim_I_all             ? 
_reflns_shell.pdbx_diffrn_id              ? 
_reflns_shell.pdbx_ordinal                1 
# 
_refine.entry_id                                 3QJM 
_refine.ls_number_reflns_obs                     10087 
_refine.ls_number_reflns_all                     10106 
_refine.pdbx_ls_sigma_I                          ? 
_refine.pdbx_ls_sigma_F                          2.47 
_refine.pdbx_data_cutoff_high_absF               ? 
_refine.pdbx_data_cutoff_low_absF                ? 
_refine.pdbx_data_cutoff_high_rms_absF           ? 
_refine.ls_d_res_low                             25.368 
_refine.ls_d_res_high                            2.311 
_refine.ls_percent_reflns_obs                    89.48 
_refine.ls_R_factor_obs                          0.2362 
_refine.ls_R_factor_all                          ? 
_refine.ls_R_factor_R_work                       0.2346 
_refine.ls_R_factor_R_free                       0.2670 
_refine.ls_R_factor_R_free_error                 ? 
_refine.ls_R_factor_R_free_error_details         ? 
_refine.ls_percent_reflns_R_free                 5.00 
_refine.ls_number_reflns_R_free                  504 
_refine.ls_number_parameters                     ? 
_refine.ls_number_restraints                     ? 
_refine.correlation_coeff_Fo_to_Fc               ? 
_refine.correlation_coeff_Fo_to_Fc_free          ? 
_refine.B_iso_mean                               25.9547 
_refine.aniso_B[1][1]                            5.4461 
_refine.aniso_B[2][2]                            5.4461 
_refine.aniso_B[3][3]                            -10.8923 
_refine.aniso_B[1][2]                            0.0000 
_refine.aniso_B[1][3]                            -0.0000 
_refine.aniso_B[2][3]                            0.0000 
_refine.solvent_model_details                    'FLAT BULK SOLVENT MODEL' 
_refine.solvent_model_param_ksol                 0.418 
_refine.solvent_model_param_bsol                 43.148 
_refine.pdbx_solvent_vdw_probe_radii             1.11 
_refine.pdbx_solvent_ion_probe_radii             ? 
_refine.pdbx_solvent_shrinkage_radii             0.90 
_refine.pdbx_ls_cross_valid_method               ? 
_refine.details                                  ? 
_refine.pdbx_starting_model                      ? 
_refine.pdbx_method_to_determine_struct          'MOLECULAR REPLACEMENT' 
_refine.pdbx_isotropic_thermal_model             ? 
_refine.pdbx_stereochemistry_target_values       ML 
_refine.pdbx_stereochem_target_val_spec_case     ? 
_refine.pdbx_R_Free_selection_details            RANDOM 
_refine.pdbx_overall_ESU_R_Free                  ? 
_refine.overall_SU_ML                            0.25 
_refine.overall_SU_B                             ? 
_refine.overall_SU_R_Cruickshank_DPI             ? 
_refine.ls_redundancy_reflns_obs                 ? 
_refine.overall_SU_R_free                        ? 
_refine.ls_wR_factor_R_free                      ? 
_refine.ls_wR_factor_R_work                      ? 
_refine.overall_FOM_free_R_set                   ? 
_refine.overall_FOM_work_R_set                   0.8143 
_refine.B_iso_max                                74.850 
_refine.B_iso_min                                8.600 
_refine.pdbx_overall_phase_error                 24.6600 
_refine.occupancy_max                            1.000 
_refine.occupancy_min                            0.490 
_refine.pdbx_refine_id                           'X-RAY DIFFRACTION' 
_refine.pdbx_overall_ESU_R                       ? 
_refine.pdbx_diffrn_id                           1 
_refine.pdbx_TLS_residual_ADP_flag               ? 
_refine.pdbx_overall_SU_R_free_Cruickshank_DPI   ? 
_refine.pdbx_overall_SU_R_Blow_DPI               ? 
_refine.pdbx_overall_SU_R_free_Blow_DPI          ? 
# 
_refine_hist.pdbx_refine_id                   'X-RAY DIFFRACTION' 
_refine_hist.cycle_id                         LAST 
_refine_hist.pdbx_number_atoms_protein        1602 
_refine_hist.pdbx_number_atoms_nucleic_acid   0 
_refine_hist.pdbx_number_atoms_ligand         0 
_refine_hist.number_atoms_solvent             80 
_refine_hist.number_atoms_total               1682 
_refine_hist.d_res_high                       2.311 
_refine_hist.d_res_low                        25.368 
# 
loop_
_refine_ls_restr.pdbx_refine_id 
_refine_ls_restr.type 
_refine_ls_restr.number 
_refine_ls_restr.dev_ideal 
_refine_ls_restr.dev_ideal_target 
_refine_ls_restr.weight 
_refine_ls_restr.pdbx_restraint_function 
'X-RAY DIFFRACTION' f_bond_d           1631 0.008  ? ? ? 
'X-RAY DIFFRACTION' f_angle_d          2193 1.135  ? ? ? 
'X-RAY DIFFRACTION' f_chiral_restr     251  0.071  ? ? ? 
'X-RAY DIFFRACTION' f_plane_restr      282  0.005  ? ? ? 
'X-RAY DIFFRACTION' f_dihedral_angle_d 608  16.631 ? ? ? 
# 
loop_
_refine_ls_shell.d_res_high 
_refine_ls_shell.d_res_low 
_refine_ls_shell.pdbx_total_number_of_bins_used 
_refine_ls_shell.percent_reflns_obs 
_refine_ls_shell.number_reflns_R_work 
_refine_ls_shell.R_factor_all 
_refine_ls_shell.R_factor_R_work 
_refine_ls_shell.R_factor_R_free 
_refine_ls_shell.percent_reflns_R_free 
_refine_ls_shell.number_reflns_R_free 
_refine_ls_shell.R_factor_R_free_error 
_refine_ls_shell.number_reflns_all 
_refine_ls_shell.number_reflns_obs 
_refine_ls_shell.pdbx_refine_id 
_refine_ls_shell.redundancy_reflns_obs 
2.3105 2.5429  4 85.0000 2200 . 0.2249 0.2930 . 116 . 2316 . 'X-RAY DIFFRACTION' . 
2.5429 2.9104  4 90.0000 2378 . 0.2374 0.2965 . 124 . 2502 . 'X-RAY DIFFRACTION' . 
2.9104 3.6650  4 94.0000 2499 . 0.2212 0.2388 . 132 . 2631 . 'X-RAY DIFFRACTION' . 
3.6650 25.3694 4 89.0000 2506 . 0.2346 0.2626 . 132 . 2638 . 'X-RAY DIFFRACTION' . 
# 
_struct.entry_id                  3QJM 
_struct.title                     'Structural flexibility of Shank PDZ domain is important for its binding to different ligands' 
_struct.pdbx_model_details        ? 
_struct.pdbx_CASP_flag            ? 
_struct.pdbx_model_type_details   ? 
# 
_struct_keywords.entry_id        3QJM 
_struct_keywords.pdbx_keywords   'PROTEIN BINDING' 
_struct_keywords.text            'PDZ domain, Protein-protein interaction, Beta-PIX, PROTEIN BINDING' 
# 
loop_
_struct_asym.id 
_struct_asym.pdbx_blank_PDB_chainid_flag 
_struct_asym.pdbx_modified 
_struct_asym.entity_id 
_struct_asym.details 
A N N 1 ? 
B N N 1 ? 
C N N 2 ? 
D N N 2 ? 
E N N 3 ? 
F N N 3 ? 
G N N 3 ? 
H N N 3 ? 
# 
loop_
_struct_ref.id 
_struct_ref.db_name 
_struct_ref.db_code 
_struct_ref.pdbx_db_accession 
_struct_ref.entity_id 
_struct_ref.pdbx_seq_one_letter_code 
_struct_ref.pdbx_align_begin 
_struct_ref.pdbx_db_isoform 
1 UNP SHAN1_RAT Q9WV48 1 
;GSDYIIKEKTVLLQKKDSEGFGFVLRGAKAQTPIEEFTPTPAFPALQYLESVDEGGVAWRAGLRMGDFLIEVNGQNVVKV
GHRQVVNMIRQGGNTLMVKVVMVTRHPDMDEAVHK
;
654 ? 
2 PDB 3QJM      3QJM   2 ? ?   ? 
# 
loop_
_struct_ref_seq.align_id 
_struct_ref_seq.ref_id 
_struct_ref_seq.pdbx_PDB_id_code 
_struct_ref_seq.pdbx_strand_id 
_struct_ref_seq.seq_align_beg 
_struct_ref_seq.pdbx_seq_align_beg_ins_code 
_struct_ref_seq.seq_align_end 
_struct_ref_seq.pdbx_seq_align_end_ins_code 
_struct_ref_seq.pdbx_db_accession 
_struct_ref_seq.db_align_beg 
_struct_ref_seq.pdbx_db_align_beg_ins_code 
_struct_ref_seq.db_align_end 
_struct_ref_seq.pdbx_db_align_end_ins_code 
_struct_ref_seq.pdbx_auth_seq_align_beg 
_struct_ref_seq.pdbx_auth_seq_align_end 
1 1 3QJM A 1 ? 115 ? Q9WV48 654 ? 768 ? 654 768 
2 1 3QJM B 1 ? 115 ? Q9WV48 654 ? 768 ? 654 768 
3 2 3QJM C 1 ? 5   ? 3QJM   642 ? 646 ? 642 646 
4 2 3QJM D 1 ? 5   ? 3QJM   642 ? 646 ? 642 646 
# 
loop_
_pdbx_struct_assembly.id 
_pdbx_struct_assembly.details 
_pdbx_struct_assembly.method_details 
_pdbx_struct_assembly.oligomeric_details 
_pdbx_struct_assembly.oligomeric_count 
1 author_and_software_defined_assembly PISA dimeric 2 
2 author_and_software_defined_assembly PISA dimeric 2 
# 
loop_
_pdbx_struct_assembly_prop.biol_id 
_pdbx_struct_assembly_prop.type 
_pdbx_struct_assembly_prop.value 
_pdbx_struct_assembly_prop.details 
1 'ABSA (A^2)' 780  ? 
1 MORE         -3   ? 
1 'SSA (A^2)'  6030 ? 
2 'ABSA (A^2)' 790  ? 
2 MORE         -3   ? 
2 'SSA (A^2)'  6240 ? 
# 
loop_
_pdbx_struct_assembly_gen.assembly_id 
_pdbx_struct_assembly_gen.oper_expression 
_pdbx_struct_assembly_gen.asym_id_list 
1 1 A,C,E,G 
2 1 B,D,F,H 
# 
_pdbx_struct_oper_list.id                   1 
_pdbx_struct_oper_list.type                 'identity operation' 
_pdbx_struct_oper_list.name                 1_555 
_pdbx_struct_oper_list.symmetry_operation   x,y,z 
_pdbx_struct_oper_list.matrix[1][1]         1.0000000000 
_pdbx_struct_oper_list.matrix[1][2]         0.0000000000 
_pdbx_struct_oper_list.matrix[1][3]         0.0000000000 
_pdbx_struct_oper_list.vector[1]            0.0000000000 
_pdbx_struct_oper_list.matrix[2][1]         0.0000000000 
_pdbx_struct_oper_list.matrix[2][2]         1.0000000000 
_pdbx_struct_oper_list.matrix[2][3]         0.0000000000 
_pdbx_struct_oper_list.vector[2]            0.0000000000 
_pdbx_struct_oper_list.matrix[3][1]         0.0000000000 
_pdbx_struct_oper_list.matrix[3][2]         0.0000000000 
_pdbx_struct_oper_list.matrix[3][3]         1.0000000000 
_pdbx_struct_oper_list.vector[3]            0.0000000000 
# 
_struct_biol.id        1 
_struct_biol.details   ? 
# 
loop_
_struct_conf.conf_type_id 
_struct_conf.id 
_struct_conf.pdbx_PDB_helix_id 
_struct_conf.beg_label_comp_id 
_struct_conf.beg_label_asym_id 
_struct_conf.beg_label_seq_id 
_struct_conf.pdbx_beg_PDB_ins_code 
_struct_conf.end_label_comp_id 
_struct_conf.end_label_asym_id 
_struct_conf.end_label_seq_id 
_struct_conf.pdbx_end_PDB_ins_code 
_struct_conf.beg_auth_comp_id 
_struct_conf.beg_auth_asym_id 
_struct_conf.beg_auth_seq_id 
_struct_conf.end_auth_comp_id 
_struct_conf.end_auth_asym_id 
_struct_conf.end_auth_seq_id 
_struct_conf.pdbx_PDB_helix_class 
_struct_conf.details 
_struct_conf.pdbx_PDB_helix_length 
HELX_P HELX_P1 1 GLY A 56 ? ALA A 61 ? GLY A 709 ALA A 714 1 ? 6  
HELX_P HELX_P2 2 GLY A 81 ? GLY A 92 ? GLY A 734 GLY A 745 1 ? 12 
HELX_P HELX_P3 3 GLY B 56 ? ALA B 61 ? GLY B 709 ALA B 714 1 ? 6  
HELX_P HELX_P4 4 GLY B 81 ? GLY B 92 ? GLY B 734 GLY B 745 1 ? 12 
# 
_struct_conf_type.id          HELX_P 
_struct_conf_type.criteria    ? 
_struct_conf_type.reference   ? 
# 
loop_
_struct_sheet.id 
_struct_sheet.type 
_struct_sheet.number_strands 
_struct_sheet.details 
A ? 8 ? 
B ? 3 ? 
C ? 3 ? 
# 
loop_
_struct_sheet_order.sheet_id 
_struct_sheet_order.range_id_1 
_struct_sheet_order.range_id_2 
_struct_sheet_order.offset 
_struct_sheet_order.sense 
A 1 2 ? anti-parallel 
A 2 3 ? anti-parallel 
A 3 4 ? anti-parallel 
A 4 5 ? anti-parallel 
A 5 6 ? anti-parallel 
A 6 7 ? anti-parallel 
A 7 8 ? anti-parallel 
B 1 2 ? anti-parallel 
B 2 3 ? anti-parallel 
C 1 2 ? anti-parallel 
C 2 3 ? anti-parallel 
# 
loop_
_struct_sheet_range.sheet_id 
_struct_sheet_range.id 
_struct_sheet_range.beg_label_comp_id 
_struct_sheet_range.beg_label_asym_id 
_struct_sheet_range.beg_label_seq_id 
_struct_sheet_range.pdbx_beg_PDB_ins_code 
_struct_sheet_range.end_label_comp_id 
_struct_sheet_range.end_label_asym_id 
_struct_sheet_range.end_label_seq_id 
_struct_sheet_range.pdbx_end_PDB_ins_code 
_struct_sheet_range.beg_auth_comp_id 
_struct_sheet_range.beg_auth_asym_id 
_struct_sheet_range.beg_auth_seq_id 
_struct_sheet_range.end_auth_comp_id 
_struct_sheet_range.end_auth_asym_id 
_struct_sheet_range.end_auth_seq_id 
A 1 GLN A 75 ? ASN A 76  ? GLN A 728 ASN A 729 
A 2 PHE A 68 ? VAL A 72  ? PHE A 721 VAL A 725 
A 3 THR A 95 ? THR A 104 ? THR A 748 THR A 757 
A 4 TYR A 4  ? GLN A 14  ? TYR A 657 GLN A 667 
A 5 SER B 2  ? GLN B 14  ? SER B 655 GLN B 667 
A 6 THR B 95 ? THR B 104 ? THR B 748 THR B 757 
A 7 PHE B 68 ? VAL B 72  ? PHE B 721 VAL B 725 
A 8 GLN B 75 ? ASN B 76  ? GLN B 728 ASN B 729 
B 1 GLN A 47 ? VAL A 52  ? GLN A 700 VAL A 705 
B 2 PHE A 23 ? GLY A 27  ? PHE A 676 GLY A 680 
B 3 GLU C 2  ? ASN C 4   ? GLU C 643 ASN C 645 
C 1 GLN B 47 ? VAL B 52  ? GLN B 700 VAL B 705 
C 2 PHE B 23 ? GLY B 27  ? PHE B 676 GLY B 680 
C 3 GLU D 2  ? ASN D 4   ? GLU D 643 ASN D 645 
# 
loop_
_pdbx_struct_sheet_hbond.sheet_id 
_pdbx_struct_sheet_hbond.range_id_1 
_pdbx_struct_sheet_hbond.range_id_2 
_pdbx_struct_sheet_hbond.range_1_label_atom_id 
_pdbx_struct_sheet_hbond.range_1_label_comp_id 
_pdbx_struct_sheet_hbond.range_1_label_asym_id 
_pdbx_struct_sheet_hbond.range_1_label_seq_id 
_pdbx_struct_sheet_hbond.range_1_PDB_ins_code 
_pdbx_struct_sheet_hbond.range_1_auth_atom_id 
_pdbx_struct_sheet_hbond.range_1_auth_comp_id 
_pdbx_struct_sheet_hbond.range_1_auth_asym_id 
_pdbx_struct_sheet_hbond.range_1_auth_seq_id 
_pdbx_struct_sheet_hbond.range_2_label_atom_id 
_pdbx_struct_sheet_hbond.range_2_label_comp_id 
_pdbx_struct_sheet_hbond.range_2_label_asym_id 
_pdbx_struct_sheet_hbond.range_2_label_seq_id 
_pdbx_struct_sheet_hbond.range_2_PDB_ins_code 
_pdbx_struct_sheet_hbond.range_2_auth_atom_id 
_pdbx_struct_sheet_hbond.range_2_auth_comp_id 
_pdbx_struct_sheet_hbond.range_2_auth_asym_id 
_pdbx_struct_sheet_hbond.range_2_auth_seq_id 
A 1 2 O GLN A 75  ? O GLN A 728 N VAL A 72  ? N VAL A 725 
A 2 3 N ILE A 70  ? N ILE A 723 O LYS A 99  ? O LYS A 752 
A 3 4 O VAL A 100 ? O VAL A 753 N LYS A 9   ? N LYS A 662 
A 4 5 N ILE A 6   ? N ILE A 659 O TYR B 4   ? O TYR B 657 
A 5 6 N LYS B 7   ? N LYS B 660 O MET B 102 ? O MET B 755 
A 6 7 O LYS B 99  ? O LYS B 752 N ILE B 70  ? N ILE B 723 
A 7 8 N VAL B 72  ? N VAL B 725 O GLN B 75  ? O GLN B 728 
B 1 2 O TYR A 48  ? O TYR A 701 N ARG A 26  ? N ARG A 679 
B 2 3 N LEU A 25  ? N LEU A 678 O THR C 3   ? O THR C 644 
C 1 2 O GLU B 50  ? O GLU B 703 N VAL B 24  ? N VAL B 677 
C 2 3 N LEU B 25  ? N LEU B 678 O THR D 3   ? O THR D 644 
# 
loop_
_pdbx_validate_close_contact.id 
_pdbx_validate_close_contact.PDB_model_num 
_pdbx_validate_close_contact.auth_atom_id_1 
_pdbx_validate_close_contact.auth_asym_id_1 
_pdbx_validate_close_contact.auth_comp_id_1 
_pdbx_validate_close_contact.auth_seq_id_1 
_pdbx_validate_close_contact.PDB_ins_code_1 
_pdbx_validate_close_contact.label_alt_id_1 
_pdbx_validate_close_contact.auth_atom_id_2 
_pdbx_validate_close_contact.auth_asym_id_2 
_pdbx_validate_close_contact.auth_comp_id_2 
_pdbx_validate_close_contact.auth_seq_id_2 
_pdbx_validate_close_contact.PDB_ins_code_2 
_pdbx_validate_close_contact.label_alt_id_2 
_pdbx_validate_close_contact.dist 
1 1 O B ARG 758 ? ? O B HOH 32 ? ? 2.10 
2 1 O A HOH 55  ? ? O A HOH 58 ? ? 2.18 
# 
_pdbx_validate_torsion.id              1 
_pdbx_validate_torsion.PDB_model_num   1 
_pdbx_validate_torsion.auth_comp_id    GLU 
_pdbx_validate_torsion.auth_asym_id    A 
_pdbx_validate_torsion.auth_seq_id     688 
_pdbx_validate_torsion.PDB_ins_code    ? 
_pdbx_validate_torsion.label_alt_id    ? 
_pdbx_validate_torsion.phi             173.57 
_pdbx_validate_torsion.psi             11.68 
# 
_pdbx_struct_special_symmetry.id              1 
_pdbx_struct_special_symmetry.PDB_model_num   1 
_pdbx_struct_special_symmetry.auth_asym_id    B 
_pdbx_struct_special_symmetry.auth_comp_id    HOH 
_pdbx_struct_special_symmetry.auth_seq_id     60 
_pdbx_struct_special_symmetry.PDB_ins_code    ? 
_pdbx_struct_special_symmetry.label_asym_id   F 
_pdbx_struct_special_symmetry.label_comp_id   HOH 
_pdbx_struct_special_symmetry.label_seq_id    . 
# 
loop_
_pdbx_unobs_or_zero_occ_residues.id 
_pdbx_unobs_or_zero_occ_residues.PDB_model_num 
_pdbx_unobs_or_zero_occ_residues.polymer_flag 
_pdbx_unobs_or_zero_occ_residues.occupancy_flag 
_pdbx_unobs_or_zero_occ_residues.auth_asym_id 
_pdbx_unobs_or_zero_occ_residues.auth_comp_id 
_pdbx_unobs_or_zero_occ_residues.auth_seq_id 
_pdbx_unobs_or_zero_occ_residues.PDB_ins_code 
_pdbx_unobs_or_zero_occ_residues.label_asym_id 
_pdbx_unobs_or_zero_occ_residues.label_comp_id 
_pdbx_unobs_or_zero_occ_residues.label_seq_id 
1  1 Y 1 A GLY 654 ? A GLY 1   
2  1 Y 1 A SER 655 ? A SER 2   
3  1 Y 1 A LYS 682 ? A LYS 29  
4  1 Y 1 A ALA 683 ? A ALA 30  
5  1 Y 1 A GLN 684 ? A GLN 31  
6  1 Y 1 A THR 685 ? A THR 32  
7  1 Y 1 A PRO 686 ? A PRO 33  
8  1 Y 1 A HIS 759 ? A HIS 106 
9  1 Y 1 A PRO 760 ? A PRO 107 
10 1 Y 1 A ASP 761 ? A ASP 108 
11 1 Y 1 A MET 762 ? A MET 109 
12 1 Y 1 A ASP 763 ? A ASP 110 
13 1 Y 1 A GLU 764 ? A GLU 111 
14 1 Y 1 A ALA 765 ? A ALA 112 
15 1 Y 1 A VAL 766 ? A VAL 113 
16 1 Y 1 A HIS 767 ? A HIS 114 
17 1 Y 1 A LYS 768 ? A LYS 115 
18 1 Y 1 B LYS 682 ? B LYS 29  
19 1 Y 1 B ALA 683 ? B ALA 30  
20 1 Y 1 B GLN 684 ? B GLN 31  
21 1 Y 1 B THR 685 ? B THR 32  
22 1 Y 1 B PRO 686 ? B PRO 33  
23 1 Y 1 B ILE 687 ? B ILE 34  
24 1 Y 1 B GLU 688 ? B GLU 35  
25 1 Y 1 B HIS 759 ? B HIS 106 
26 1 Y 1 B PRO 760 ? B PRO 107 
27 1 Y 1 B ASP 761 ? B ASP 108 
28 1 Y 1 B MET 762 ? B MET 109 
29 1 Y 1 B ASP 763 ? B ASP 110 
30 1 Y 1 B GLU 764 ? B GLU 111 
31 1 Y 1 B ALA 765 ? B ALA 112 
32 1 Y 1 B VAL 766 ? B VAL 113 
33 1 Y 1 B HIS 767 ? B HIS 114 
34 1 Y 1 B LYS 768 ? B LYS 115 
# 
loop_
_chem_comp_atom.comp_id 
_chem_comp_atom.atom_id 
_chem_comp_atom.type_symbol 
_chem_comp_atom.pdbx_aromatic_flag 
_chem_comp_atom.pdbx_stereo_config 
_chem_comp_atom.pdbx_ordinal 
ALA N    N N N 1   
ALA CA   C N S 2   
ALA C    C N N 3   
ALA O    O N N 4   
ALA CB   C N N 5   
ALA OXT  O N N 6   
ALA H    H N N 7   
ALA H2   H N N 8   
ALA HA   H N N 9   
ALA HB1  H N N 10  
ALA HB2  H N N 11  
ALA HB3  H N N 12  
ALA HXT  H N N 13  
ARG N    N N N 14  
ARG CA   C N S 15  
ARG C    C N N 16  
ARG O    O N N 17  
ARG CB   C N N 18  
ARG CG   C N N 19  
ARG CD   C N N 20  
ARG NE   N N N 21  
ARG CZ   C N N 22  
ARG NH1  N N N 23  
ARG NH2  N N N 24  
ARG OXT  O N N 25  
ARG H    H N N 26  
ARG H2   H N N 27  
ARG HA   H N N 28  
ARG HB2  H N N 29  
ARG HB3  H N N 30  
ARG HG2  H N N 31  
ARG HG3  H N N 32  
ARG HD2  H N N 33  
ARG HD3  H N N 34  
ARG HE   H N N 35  
ARG HH11 H N N 36  
ARG HH12 H N N 37  
ARG HH21 H N N 38  
ARG HH22 H N N 39  
ARG HXT  H N N 40  
ASN N    N N N 41  
ASN CA   C N S 42  
ASN C    C N N 43  
ASN O    O N N 44  
ASN CB   C N N 45  
ASN CG   C N N 46  
ASN OD1  O N N 47  
ASN ND2  N N N 48  
ASN OXT  O N N 49  
ASN H    H N N 50  
ASN H2   H N N 51  
ASN HA   H N N 52  
ASN HB2  H N N 53  
ASN HB3  H N N 54  
ASN HD21 H N N 55  
ASN HD22 H N N 56  
ASN HXT  H N N 57  
ASP N    N N N 58  
ASP CA   C N S 59  
ASP C    C N N 60  
ASP O    O N N 61  
ASP CB   C N N 62  
ASP CG   C N N 63  
ASP OD1  O N N 64  
ASP OD2  O N N 65  
ASP OXT  O N N 66  
ASP H    H N N 67  
ASP H2   H N N 68  
ASP HA   H N N 69  
ASP HB2  H N N 70  
ASP HB3  H N N 71  
ASP HD2  H N N 72  
ASP HXT  H N N 73  
GLN N    N N N 74  
GLN CA   C N S 75  
GLN C    C N N 76  
GLN O    O N N 77  
GLN CB   C N N 78  
GLN CG   C N N 79  
GLN CD   C N N 80  
GLN OE1  O N N 81  
GLN NE2  N N N 82  
GLN OXT  O N N 83  
GLN H    H N N 84  
GLN H2   H N N 85  
GLN HA   H N N 86  
GLN HB2  H N N 87  
GLN HB3  H N N 88  
GLN HG2  H N N 89  
GLN HG3  H N N 90  
GLN HE21 H N N 91  
GLN HE22 H N N 92  
GLN HXT  H N N 93  
GLU N    N N N 94  
GLU CA   C N S 95  
GLU C    C N N 96  
GLU O    O N N 97  
GLU CB   C N N 98  
GLU CG   C N N 99  
GLU CD   C N N 100 
GLU OE1  O N N 101 
GLU OE2  O N N 102 
GLU OXT  O N N 103 
GLU H    H N N 104 
GLU H2   H N N 105 
GLU HA   H N N 106 
GLU HB2  H N N 107 
GLU HB3  H N N 108 
GLU HG2  H N N 109 
GLU HG3  H N N 110 
GLU HE2  H N N 111 
GLU HXT  H N N 112 
GLY N    N N N 113 
GLY CA   C N N 114 
GLY C    C N N 115 
GLY O    O N N 116 
GLY OXT  O N N 117 
GLY H    H N N 118 
GLY H2   H N N 119 
GLY HA2  H N N 120 
GLY HA3  H N N 121 
GLY HXT  H N N 122 
HIS N    N N N 123 
HIS CA   C N S 124 
HIS C    C N N 125 
HIS O    O N N 126 
HIS CB   C N N 127 
HIS CG   C Y N 128 
HIS ND1  N Y N 129 
HIS CD2  C Y N 130 
HIS CE1  C Y N 131 
HIS NE2  N Y N 132 
HIS OXT  O N N 133 
HIS H    H N N 134 
HIS H2   H N N 135 
HIS HA   H N N 136 
HIS HB2  H N N 137 
HIS HB3  H N N 138 
HIS HD1  H N N 139 
HIS HD2  H N N 140 
HIS HE1  H N N 141 
HIS HE2  H N N 142 
HIS HXT  H N N 143 
HOH O    O N N 144 
HOH H1   H N N 145 
HOH H2   H N N 146 
ILE N    N N N 147 
ILE CA   C N S 148 
ILE C    C N N 149 
ILE O    O N N 150 
ILE CB   C N S 151 
ILE CG1  C N N 152 
ILE CG2  C N N 153 
ILE CD1  C N N 154 
ILE OXT  O N N 155 
ILE H    H N N 156 
ILE H2   H N N 157 
ILE HA   H N N 158 
ILE HB   H N N 159 
ILE HG12 H N N 160 
ILE HG13 H N N 161 
ILE HG21 H N N 162 
ILE HG22 H N N 163 
ILE HG23 H N N 164 
ILE HD11 H N N 165 
ILE HD12 H N N 166 
ILE HD13 H N N 167 
ILE HXT  H N N 168 
LEU N    N N N 169 
LEU CA   C N S 170 
LEU C    C N N 171 
LEU O    O N N 172 
LEU CB   C N N 173 
LEU CG   C N N 174 
LEU CD1  C N N 175 
LEU CD2  C N N 176 
LEU OXT  O N N 177 
LEU H    H N N 178 
LEU H2   H N N 179 
LEU HA   H N N 180 
LEU HB2  H N N 181 
LEU HB3  H N N 182 
LEU HG   H N N 183 
LEU HD11 H N N 184 
LEU HD12 H N N 185 
LEU HD13 H N N 186 
LEU HD21 H N N 187 
LEU HD22 H N N 188 
LEU HD23 H N N 189 
LEU HXT  H N N 190 
LYS N    N N N 191 
LYS CA   C N S 192 
LYS C    C N N 193 
LYS O    O N N 194 
LYS CB   C N N 195 
LYS CG   C N N 196 
LYS CD   C N N 197 
LYS CE   C N N 198 
LYS NZ   N N N 199 
LYS OXT  O N N 200 
LYS H    H N N 201 
LYS H2   H N N 202 
LYS HA   H N N 203 
LYS HB2  H N N 204 
LYS HB3  H N N 205 
LYS HG2  H N N 206 
LYS HG3  H N N 207 
LYS HD2  H N N 208 
LYS HD3  H N N 209 
LYS HE2  H N N 210 
LYS HE3  H N N 211 
LYS HZ1  H N N 212 
LYS HZ2  H N N 213 
LYS HZ3  H N N 214 
LYS HXT  H N N 215 
MET N    N N N 216 
MET CA   C N S 217 
MET C    C N N 218 
MET O    O N N 219 
MET CB   C N N 220 
MET CG   C N N 221 
MET SD   S N N 222 
MET CE   C N N 223 
MET OXT  O N N 224 
MET H    H N N 225 
MET H2   H N N 226 
MET HA   H N N 227 
MET HB2  H N N 228 
MET HB3  H N N 229 
MET HG2  H N N 230 
MET HG3  H N N 231 
MET HE1  H N N 232 
MET HE2  H N N 233 
MET HE3  H N N 234 
MET HXT  H N N 235 
PHE N    N N N 236 
PHE CA   C N S 237 
PHE C    C N N 238 
PHE O    O N N 239 
PHE CB   C N N 240 
PHE CG   C Y N 241 
PHE CD1  C Y N 242 
PHE CD2  C Y N 243 
PHE CE1  C Y N 244 
PHE CE2  C Y N 245 
PHE CZ   C Y N 246 
PHE OXT  O N N 247 
PHE H    H N N 248 
PHE H2   H N N 249 
PHE HA   H N N 250 
PHE HB2  H N N 251 
PHE HB3  H N N 252 
PHE HD1  H N N 253 
PHE HD2  H N N 254 
PHE HE1  H N N 255 
PHE HE2  H N N 256 
PHE HZ   H N N 257 
PHE HXT  H N N 258 
PRO N    N N N 259 
PRO CA   C N S 260 
PRO C    C N N 261 
PRO O    O N N 262 
PRO CB   C N N 263 
PRO CG   C N N 264 
PRO CD   C N N 265 
PRO OXT  O N N 266 
PRO H    H N N 267 
PRO HA   H N N 268 
PRO HB2  H N N 269 
PRO HB3  H N N 270 
PRO HG2  H N N 271 
PRO HG3  H N N 272 
PRO HD2  H N N 273 
PRO HD3  H N N 274 
PRO HXT  H N N 275 
SER N    N N N 276 
SER CA   C N S 277 
SER C    C N N 278 
SER O    O N N 279 
SER CB   C N N 280 
SER OG   O N N 281 
SER OXT  O N N 282 
SER H    H N N 283 
SER H2   H N N 284 
SER HA   H N N 285 
SER HB2  H N N 286 
SER HB3  H N N 287 
SER HG   H N N 288 
SER HXT  H N N 289 
THR N    N N N 290 
THR CA   C N S 291 
THR C    C N N 292 
THR O    O N N 293 
THR CB   C N R 294 
THR OG1  O N N 295 
THR CG2  C N N 296 
THR OXT  O N N 297 
THR H    H N N 298 
THR H2   H N N 299 
THR HA   H N N 300 
THR HB   H N N 301 
THR HG1  H N N 302 
THR HG21 H N N 303 
THR HG22 H N N 304 
THR HG23 H N N 305 
THR HXT  H N N 306 
TRP N    N N N 307 
TRP CA   C N S 308 
TRP C    C N N 309 
TRP O    O N N 310 
TRP CB   C N N 311 
TRP CG   C Y N 312 
TRP CD1  C Y N 313 
TRP CD2  C Y N 314 
TRP NE1  N Y N 315 
TRP CE2  C Y N 316 
TRP CE3  C Y N 317 
TRP CZ2  C Y N 318 
TRP CZ3  C Y N 319 
TRP CH2  C Y N 320 
TRP OXT  O N N 321 
TRP H    H N N 322 
TRP H2   H N N 323 
TRP HA   H N N 324 
TRP HB2  H N N 325 
TRP HB3  H N N 326 
TRP HD1  H N N 327 
TRP HE1  H N N 328 
TRP HE3  H N N 329 
TRP HZ2  H N N 330 
TRP HZ3  H N N 331 
TRP HH2  H N N 332 
TRP HXT  H N N 333 
TYR N    N N N 334 
TYR CA   C N S 335 
TYR C    C N N 336 
TYR O    O N N 337 
TYR CB   C N N 338 
TYR CG   C Y N 339 
TYR CD1  C Y N 340 
TYR CD2  C Y N 341 
TYR CE1  C Y N 342 
TYR CE2  C Y N 343 
TYR CZ   C Y N 344 
TYR OH   O N N 345 
TYR OXT  O N N 346 
TYR H    H N N 347 
TYR H2   H N N 348 
TYR HA   H N N 349 
TYR HB2  H N N 350 
TYR HB3  H N N 351 
TYR HD1  H N N 352 
TYR HD2  H N N 353 
TYR HE1  H N N 354 
TYR HE2  H N N 355 
TYR HH   H N N 356 
TYR HXT  H N N 357 
VAL N    N N N 358 
VAL CA   C N S 359 
VAL C    C N N 360 
VAL O    O N N 361 
VAL CB   C N N 362 
VAL CG1  C N N 363 
VAL CG2  C N N 364 
VAL OXT  O N N 365 
VAL H    H N N 366 
VAL H2   H N N 367 
VAL HA   H N N 368 
VAL HB   H N N 369 
VAL HG11 H N N 370 
VAL HG12 H N N 371 
VAL HG13 H N N 372 
VAL HG21 H N N 373 
VAL HG22 H N N 374 
VAL HG23 H N N 375 
VAL HXT  H N N 376 
# 
loop_
_chem_comp_bond.comp_id 
_chem_comp_bond.atom_id_1 
_chem_comp_bond.atom_id_2 
_chem_comp_bond.value_order 
_chem_comp_bond.pdbx_aromatic_flag 
_chem_comp_bond.pdbx_stereo_config 
_chem_comp_bond.pdbx_ordinal 
ALA N   CA   sing N N 1   
ALA N   H    sing N N 2   
ALA N   H2   sing N N 3   
ALA CA  C    sing N N 4   
ALA CA  CB   sing N N 5   
ALA CA  HA   sing N N 6   
ALA C   O    doub N N 7   
ALA C   OXT  sing N N 8   
ALA CB  HB1  sing N N 9   
ALA CB  HB2  sing N N 10  
ALA CB  HB3  sing N N 11  
ALA OXT HXT  sing N N 12  
ARG N   CA   sing N N 13  
ARG N   H    sing N N 14  
ARG N   H2   sing N N 15  
ARG CA  C    sing N N 16  
ARG CA  CB   sing N N 17  
ARG CA  HA   sing N N 18  
ARG C   O    doub N N 19  
ARG C   OXT  sing N N 20  
ARG CB  CG   sing N N 21  
ARG CB  HB2  sing N N 22  
ARG CB  HB3  sing N N 23  
ARG CG  CD   sing N N 24  
ARG CG  HG2  sing N N 25  
ARG CG  HG3  sing N N 26  
ARG CD  NE   sing N N 27  
ARG CD  HD2  sing N N 28  
ARG CD  HD3  sing N N 29  
ARG NE  CZ   sing N N 30  
ARG NE  HE   sing N N 31  
ARG CZ  NH1  sing N N 32  
ARG CZ  NH2  doub N N 33  
ARG NH1 HH11 sing N N 34  
ARG NH1 HH12 sing N N 35  
ARG NH2 HH21 sing N N 36  
ARG NH2 HH22 sing N N 37  
ARG OXT HXT  sing N N 38  
ASN N   CA   sing N N 39  
ASN N   H    sing N N 40  
ASN N   H2   sing N N 41  
ASN CA  C    sing N N 42  
ASN CA  CB   sing N N 43  
ASN CA  HA   sing N N 44  
ASN C   O    doub N N 45  
ASN C   OXT  sing N N 46  
ASN CB  CG   sing N N 47  
ASN CB  HB2  sing N N 48  
ASN CB  HB3  sing N N 49  
ASN CG  OD1  doub N N 50  
ASN CG  ND2  sing N N 51  
ASN ND2 HD21 sing N N 52  
ASN ND2 HD22 sing N N 53  
ASN OXT HXT  sing N N 54  
ASP N   CA   sing N N 55  
ASP N   H    sing N N 56  
ASP N   H2   sing N N 57  
ASP CA  C    sing N N 58  
ASP CA  CB   sing N N 59  
ASP CA  HA   sing N N 60  
ASP C   O    doub N N 61  
ASP C   OXT  sing N N 62  
ASP CB  CG   sing N N 63  
ASP CB  HB2  sing N N 64  
ASP CB  HB3  sing N N 65  
ASP CG  OD1  doub N N 66  
ASP CG  OD2  sing N N 67  
ASP OD2 HD2  sing N N 68  
ASP OXT HXT  sing N N 69  
GLN N   CA   sing N N 70  
GLN N   H    sing N N 71  
GLN N   H2   sing N N 72  
GLN CA  C    sing N N 73  
GLN CA  CB   sing N N 74  
GLN CA  HA   sing N N 75  
GLN C   O    doub N N 76  
GLN C   OXT  sing N N 77  
GLN CB  CG   sing N N 78  
GLN CB  HB2  sing N N 79  
GLN CB  HB3  sing N N 80  
GLN CG  CD   sing N N 81  
GLN CG  HG2  sing N N 82  
GLN CG  HG3  sing N N 83  
GLN CD  OE1  doub N N 84  
GLN CD  NE2  sing N N 85  
GLN NE2 HE21 sing N N 86  
GLN NE2 HE22 sing N N 87  
GLN OXT HXT  sing N N 88  
GLU N   CA   sing N N 89  
GLU N   H    sing N N 90  
GLU N   H2   sing N N 91  
GLU CA  C    sing N N 92  
GLU CA  CB   sing N N 93  
GLU CA  HA   sing N N 94  
GLU C   O    doub N N 95  
GLU C   OXT  sing N N 96  
GLU CB  CG   sing N N 97  
GLU CB  HB2  sing N N 98  
GLU CB  HB3  sing N N 99  
GLU CG  CD   sing N N 100 
GLU CG  HG2  sing N N 101 
GLU CG  HG3  sing N N 102 
GLU CD  OE1  doub N N 103 
GLU CD  OE2  sing N N 104 
GLU OE2 HE2  sing N N 105 
GLU OXT HXT  sing N N 106 
GLY N   CA   sing N N 107 
GLY N   H    sing N N 108 
GLY N   H2   sing N N 109 
GLY CA  C    sing N N 110 
GLY CA  HA2  sing N N 111 
GLY CA  HA3  sing N N 112 
GLY C   O    doub N N 113 
GLY C   OXT  sing N N 114 
GLY OXT HXT  sing N N 115 
HIS N   CA   sing N N 116 
HIS N   H    sing N N 117 
HIS N   H2   sing N N 118 
HIS CA  C    sing N N 119 
HIS CA  CB   sing N N 120 
HIS CA  HA   sing N N 121 
HIS C   O    doub N N 122 
HIS C   OXT  sing N N 123 
HIS CB  CG   sing N N 124 
HIS CB  HB2  sing N N 125 
HIS CB  HB3  sing N N 126 
HIS CG  ND1  sing Y N 127 
HIS CG  CD2  doub Y N 128 
HIS ND1 CE1  doub Y N 129 
HIS ND1 HD1  sing N N 130 
HIS CD2 NE2  sing Y N 131 
HIS CD2 HD2  sing N N 132 
HIS CE1 NE2  sing Y N 133 
HIS CE1 HE1  sing N N 134 
HIS NE2 HE2  sing N N 135 
HIS OXT HXT  sing N N 136 
HOH O   H1   sing N N 137 
HOH O   H2   sing N N 138 
ILE N   CA   sing N N 139 
ILE N   H    sing N N 140 
ILE N   H2   sing N N 141 
ILE CA  C    sing N N 142 
ILE CA  CB   sing N N 143 
ILE CA  HA   sing N N 144 
ILE C   O    doub N N 145 
ILE C   OXT  sing N N 146 
ILE CB  CG1  sing N N 147 
ILE CB  CG2  sing N N 148 
ILE CB  HB   sing N N 149 
ILE CG1 CD1  sing N N 150 
ILE CG1 HG12 sing N N 151 
ILE CG1 HG13 sing N N 152 
ILE CG2 HG21 sing N N 153 
ILE CG2 HG22 sing N N 154 
ILE CG2 HG23 sing N N 155 
ILE CD1 HD11 sing N N 156 
ILE CD1 HD12 sing N N 157 
ILE CD1 HD13 sing N N 158 
ILE OXT HXT  sing N N 159 
LEU N   CA   sing N N 160 
LEU N   H    sing N N 161 
LEU N   H2   sing N N 162 
LEU CA  C    sing N N 163 
LEU CA  CB   sing N N 164 
LEU CA  HA   sing N N 165 
LEU C   O    doub N N 166 
LEU C   OXT  sing N N 167 
LEU CB  CG   sing N N 168 
LEU CB  HB2  sing N N 169 
LEU CB  HB3  sing N N 170 
LEU CG  CD1  sing N N 171 
LEU CG  CD2  sing N N 172 
LEU CG  HG   sing N N 173 
LEU CD1 HD11 sing N N 174 
LEU CD1 HD12 sing N N 175 
LEU CD1 HD13 sing N N 176 
LEU CD2 HD21 sing N N 177 
LEU CD2 HD22 sing N N 178 
LEU CD2 HD23 sing N N 179 
LEU OXT HXT  sing N N 180 
LYS N   CA   sing N N 181 
LYS N   H    sing N N 182 
LYS N   H2   sing N N 183 
LYS CA  C    sing N N 184 
LYS CA  CB   sing N N 185 
LYS CA  HA   sing N N 186 
LYS C   O    doub N N 187 
LYS C   OXT  sing N N 188 
LYS CB  CG   sing N N 189 
LYS CB  HB2  sing N N 190 
LYS CB  HB3  sing N N 191 
LYS CG  CD   sing N N 192 
LYS CG  HG2  sing N N 193 
LYS CG  HG3  sing N N 194 
LYS CD  CE   sing N N 195 
LYS CD  HD2  sing N N 196 
LYS CD  HD3  sing N N 197 
LYS CE  NZ   sing N N 198 
LYS CE  HE2  sing N N 199 
LYS CE  HE3  sing N N 200 
LYS NZ  HZ1  sing N N 201 
LYS NZ  HZ2  sing N N 202 
LYS NZ  HZ3  sing N N 203 
LYS OXT HXT  sing N N 204 
MET N   CA   sing N N 205 
MET N   H    sing N N 206 
MET N   H2   sing N N 207 
MET CA  C    sing N N 208 
MET CA  CB   sing N N 209 
MET CA  HA   sing N N 210 
MET C   O    doub N N 211 
MET C   OXT  sing N N 212 
MET CB  CG   sing N N 213 
MET CB  HB2  sing N N 214 
MET CB  HB3  sing N N 215 
MET CG  SD   sing N N 216 
MET CG  HG2  sing N N 217 
MET CG  HG3  sing N N 218 
MET SD  CE   sing N N 219 
MET CE  HE1  sing N N 220 
MET CE  HE2  sing N N 221 
MET CE  HE3  sing N N 222 
MET OXT HXT  sing N N 223 
PHE N   CA   sing N N 224 
PHE N   H    sing N N 225 
PHE N   H2   sing N N 226 
PHE CA  C    sing N N 227 
PHE CA  CB   sing N N 228 
PHE CA  HA   sing N N 229 
PHE C   O    doub N N 230 
PHE C   OXT  sing N N 231 
PHE CB  CG   sing N N 232 
PHE CB  HB2  sing N N 233 
PHE CB  HB3  sing N N 234 
PHE CG  CD1  doub Y N 235 
PHE CG  CD2  sing Y N 236 
PHE CD1 CE1  sing Y N 237 
PHE CD1 HD1  sing N N 238 
PHE CD2 CE2  doub Y N 239 
PHE CD2 HD2  sing N N 240 
PHE CE1 CZ   doub Y N 241 
PHE CE1 HE1  sing N N 242 
PHE CE2 CZ   sing Y N 243 
PHE CE2 HE2  sing N N 244 
PHE CZ  HZ   sing N N 245 
PHE OXT HXT  sing N N 246 
PRO N   CA   sing N N 247 
PRO N   CD   sing N N 248 
PRO N   H    sing N N 249 
PRO CA  C    sing N N 250 
PRO CA  CB   sing N N 251 
PRO CA  HA   sing N N 252 
PRO C   O    doub N N 253 
PRO C   OXT  sing N N 254 
PRO CB  CG   sing N N 255 
PRO CB  HB2  sing N N 256 
PRO CB  HB3  sing N N 257 
PRO CG  CD   sing N N 258 
PRO CG  HG2  sing N N 259 
PRO CG  HG3  sing N N 260 
PRO CD  HD2  sing N N 261 
PRO CD  HD3  sing N N 262 
PRO OXT HXT  sing N N 263 
SER N   CA   sing N N 264 
SER N   H    sing N N 265 
SER N   H2   sing N N 266 
SER CA  C    sing N N 267 
SER CA  CB   sing N N 268 
SER CA  HA   sing N N 269 
SER C   O    doub N N 270 
SER C   OXT  sing N N 271 
SER CB  OG   sing N N 272 
SER CB  HB2  sing N N 273 
SER CB  HB3  sing N N 274 
SER OG  HG   sing N N 275 
SER OXT HXT  sing N N 276 
THR N   CA   sing N N 277 
THR N   H    sing N N 278 
THR N   H2   sing N N 279 
THR CA  C    sing N N 280 
THR CA  CB   sing N N 281 
THR CA  HA   sing N N 282 
THR C   O    doub N N 283 
THR C   OXT  sing N N 284 
THR CB  OG1  sing N N 285 
THR CB  CG2  sing N N 286 
THR CB  HB   sing N N 287 
THR OG1 HG1  sing N N 288 
THR CG2 HG21 sing N N 289 
THR CG2 HG22 sing N N 290 
THR CG2 HG23 sing N N 291 
THR OXT HXT  sing N N 292 
TRP N   CA   sing N N 293 
TRP N   H    sing N N 294 
TRP N   H2   sing N N 295 
TRP CA  C    sing N N 296 
TRP CA  CB   sing N N 297 
TRP CA  HA   sing N N 298 
TRP C   O    doub N N 299 
TRP C   OXT  sing N N 300 
TRP CB  CG   sing N N 301 
TRP CB  HB2  sing N N 302 
TRP CB  HB3  sing N N 303 
TRP CG  CD1  doub Y N 304 
TRP CG  CD2  sing Y N 305 
TRP CD1 NE1  sing Y N 306 
TRP CD1 HD1  sing N N 307 
TRP CD2 CE2  doub Y N 308 
TRP CD2 CE3  sing Y N 309 
TRP NE1 CE2  sing Y N 310 
TRP NE1 HE1  sing N N 311 
TRP CE2 CZ2  sing Y N 312 
TRP CE3 CZ3  doub Y N 313 
TRP CE3 HE3  sing N N 314 
TRP CZ2 CH2  doub Y N 315 
TRP CZ2 HZ2  sing N N 316 
TRP CZ3 CH2  sing Y N 317 
TRP CZ3 HZ3  sing N N 318 
TRP CH2 HH2  sing N N 319 
TRP OXT HXT  sing N N 320 
TYR N   CA   sing N N 321 
TYR N   H    sing N N 322 
TYR N   H2   sing N N 323 
TYR CA  C    sing N N 324 
TYR CA  CB   sing N N 325 
TYR CA  HA   sing N N 326 
TYR C   O    doub N N 327 
TYR C   OXT  sing N N 328 
TYR CB  CG   sing N N 329 
TYR CB  HB2  sing N N 330 
TYR CB  HB3  sing N N 331 
TYR CG  CD1  doub Y N 332 
TYR CG  CD2  sing Y N 333 
TYR CD1 CE1  sing Y N 334 
TYR CD1 HD1  sing N N 335 
TYR CD2 CE2  doub Y N 336 
TYR CD2 HD2  sing N N 337 
TYR CE1 CZ   doub Y N 338 
TYR CE1 HE1  sing N N 339 
TYR CE2 CZ   sing Y N 340 
TYR CE2 HE2  sing N N 341 
TYR CZ  OH   sing N N 342 
TYR OH  HH   sing N N 343 
TYR OXT HXT  sing N N 344 
VAL N   CA   sing N N 345 
VAL N   H    sing N N 346 
VAL N   H2   sing N N 347 
VAL CA  C    sing N N 348 
VAL CA  CB   sing N N 349 
VAL CA  HA   sing N N 350 
VAL C   O    doub N N 351 
VAL C   OXT  sing N N 352 
VAL CB  CG1  sing N N 353 
VAL CB  CG2  sing N N 354 
VAL CB  HB   sing N N 355 
VAL CG1 HG11 sing N N 356 
VAL CG1 HG12 sing N N 357 
VAL CG1 HG13 sing N N 358 
VAL CG2 HG21 sing N N 359 
VAL CG2 HG22 sing N N 360 
VAL CG2 HG23 sing N N 361 
VAL OXT HXT  sing N N 362 
# 
_atom_sites.entry_id                    3QJM 
_atom_sites.fract_transf_matrix[1][1]   -0.01661364 
_atom_sites.fract_transf_matrix[1][2]   -0.00226683 
_atom_sites.fract_transf_matrix[1][3]   0.00447323 
_atom_sites.fract_transf_matrix[2][1]   0.00438703 
_atom_sites.fract_transf_matrix[2][2]   0.00092963 
_atom_sites.fract_transf_matrix[2][3]   0.01676458 
_atom_sites.fract_transf_matrix[3][1]   -0.00097184 
_atom_sites.fract_transf_matrix[3][2]   0.00687247 
_atom_sites.fract_transf_matrix[3][3]   -0.00012678 
_atom_sites.fract_transf_vector[1]      0.085882 
_atom_sites.fract_transf_vector[2]      0.214043 
_atom_sites.fract_transf_vector[3]      -0.420767 
# 
loop_
_atom_type.symbol 
C 
N 
O 
S 
# 
loop_
_atom_site.group_PDB 
_atom_site.id 
_atom_site.type_symbol 
_atom_site.label_atom_id 
_atom_site.label_alt_id 
_atom_site.label_comp_id 
_atom_site.label_asym_id 
_atom_site.label_entity_id 
_atom_site.label_seq_id 
_atom_site.pdbx_PDB_ins_code 
_atom_site.Cartn_x 
_atom_site.Cartn_y 
_atom_site.Cartn_z 
_atom_site.occupancy 
_atom_site.B_iso_or_equiv 
_atom_site.pdbx_formal_charge 
_atom_site.auth_seq_id 
_atom_site.auth_comp_id 
_atom_site.auth_asym_id 
_atom_site.auth_atom_id 
_atom_site.pdbx_PDB_model_num 
ATOM   1    N N   . ASP A 1 3   ? -15.223 -0.649  2.520   1.00 28.68 ? 656 ASP A N   1 
ATOM   2    C CA  . ASP A 1 3   ? -14.424 -1.533  1.681   1.00 30.81 ? 656 ASP A CA  1 
ATOM   3    C C   . ASP A 1 3   ? -13.766 -0.727  0.569   1.00 29.05 ? 656 ASP A C   1 
ATOM   4    O O   . ASP A 1 3   ? -14.330 0.253   0.107   1.00 34.89 ? 656 ASP A O   1 
ATOM   5    C CB  . ASP A 1 3   ? -15.290 -2.637  1.052   1.00 25.34 ? 656 ASP A CB  1 
ATOM   6    C CG  . ASP A 1 3   ? -15.726 -3.682  2.050   1.00 30.81 ? 656 ASP A CG  1 
ATOM   7    O OD1 . ASP A 1 3   ? -15.424 -3.497  3.246   1.00 35.28 ? 656 ASP A OD1 1 
ATOM   8    O OD2 . ASP A 1 3   ? -16.379 -4.678  1.643   1.00 24.72 ? 656 ASP A OD2 1 
ATOM   9    N N   . TYR A 1 4   ? -12.572 -1.145  0.160   1.00 23.80 ? 657 TYR A N   1 
ATOM   10   C CA  . TYR A 1 4   ? -11.928 -0.636  -1.045  1.00 23.43 ? 657 TYR A CA  1 
ATOM   11   C C   . TYR A 1 4   ? -11.479 -1.816  -1.899  1.00 26.10 ? 657 TYR A C   1 
ATOM   12   O O   . TYR A 1 4   ? -10.587 -2.574  -1.512  1.00 24.76 ? 657 TYR A O   1 
ATOM   13   C CB  . TYR A 1 4   ? -10.727 0.233   -0.689  1.00 28.43 ? 657 TYR A CB  1 
ATOM   14   C CG  . TYR A 1 4   ? -11.113 1.505   0.007   1.00 33.22 ? 657 TYR A CG  1 
ATOM   15   C CD1 . TYR A 1 4   ? -11.225 1.558   1.391   1.00 34.52 ? 657 TYR A CD1 1 
ATOM   16   C CD2 . TYR A 1 4   ? -11.388 2.657   -0.720  1.00 34.39 ? 657 TYR A CD2 1 
ATOM   17   C CE1 . TYR A 1 4   ? -11.590 2.734   2.031   1.00 41.96 ? 657 TYR A CE1 1 
ATOM   18   C CE2 . TYR A 1 4   ? -11.753 3.834   -0.082  1.00 35.48 ? 657 TYR A CE2 1 
ATOM   19   C CZ  . TYR A 1 4   ? -11.850 3.862   1.285   1.00 37.37 ? 657 TYR A CZ  1 
ATOM   20   O OH  . TYR A 1 4   ? -12.209 5.030   1.913   1.00 54.21 ? 657 TYR A OH  1 
ATOM   21   N N   . ILE A 1 5   ? -12.123 -2.000  -3.044  1.00 23.25 ? 658 ILE A N   1 
ATOM   22   C CA  . ILE A 1 5   ? -11.746 -3.078  -3.924  1.00 23.74 ? 658 ILE A CA  1 
ATOM   23   C C   . ILE A 1 5   ? -10.552 -2.613  -4.733  1.00 23.14 ? 658 ILE A C   1 
ATOM   24   O O   . ILE A 1 5   ? -10.618 -1.590  -5.393  1.00 22.29 ? 658 ILE A O   1 
ATOM   25   C CB  . ILE A 1 5   ? -12.896 -3.518  -4.854  1.00 28.07 ? 658 ILE A CB  1 
ATOM   26   C CG1 . ILE A 1 5   ? -13.911 -4.380  -4.099  1.00 31.49 ? 658 ILE A CG1 1 
ATOM   27   C CG2 . ILE A 1 5   ? -12.356 -4.370  -5.973  1.00 24.84 ? 658 ILE A CG2 1 
ATOM   28   C CD1 . ILE A 1 5   ? -14.790 -3.642  -3.137  1.00 28.48 ? 658 ILE A CD1 1 
ATOM   29   N N   . ILE A 1 6   ? -9.455  -3.363  -4.679  1.00 24.55 ? 659 ILE A N   1 
ATOM   30   C CA  . ILE A 1 6   ? -8.256  -2.959  -5.402  1.00 22.49 ? 659 ILE A CA  1 
ATOM   31   C C   . ILE A 1 6   ? -7.927  -3.907  -6.523  1.00 23.79 ? 659 ILE A C   1 
ATOM   32   O O   . ILE A 1 6   ? -7.839  -5.116  -6.321  1.00 28.59 ? 659 ILE A O   1 
ATOM   33   C CB  . ILE A 1 6   ? -7.026  -2.867  -4.495  1.00 21.32 ? 659 ILE A CB  1 
ATOM   34   C CG1 . ILE A 1 6   ? -7.283  -1.899  -3.341  1.00 20.18 ? 659 ILE A CG1 1 
ATOM   35   C CG2 . ILE A 1 6   ? -5.821  -2.451  -5.308  1.00 21.06 ? 659 ILE A CG2 1 
ATOM   36   C CD1 . ILE A 1 6   ? -7.892  -0.597  -3.780  1.00 25.18 ? 659 ILE A CD1 1 
ATOM   37   N N   . LYS A 1 7   ? -7.741  -3.342  -7.709  1.00 26.38 ? 660 LYS A N   1 
ATOM   38   C CA  . LYS A 1 7   ? -7.278  -4.092  -8.862  1.00 23.70 ? 660 LYS A CA  1 
ATOM   39   C C   . LYS A 1 7   ? -5.889  -3.592  -9.169  1.00 22.96 ? 660 LYS A C   1 
ATOM   40   O O   . LYS A 1 7   ? -5.716  -2.516  -9.735  1.00 23.94 ? 660 LYS A O   1 
ATOM   41   C CB  . LYS A 1 7   ? -8.198  -3.864  -10.059 1.00 28.36 ? 660 LYS A CB  1 
ATOM   42   C CG  . LYS A 1 7   ? -8.355  -5.073  -10.974 1.00 35.78 ? 660 LYS A CG  1 
ATOM   43   C CD  . LYS A 1 7   ? -7.414  -5.045  -12.171 1.00 36.53 ? 660 LYS A CD  1 
ATOM   44   C CE  . LYS A 1 7   ? -7.439  -6.398  -12.900 1.00 47.92 ? 660 LYS A CE  1 
ATOM   45   N NZ  . LYS A 1 7   ? -6.888  -6.348  -14.292 1.00 45.10 ? 660 LYS A NZ  1 
ATOM   46   N N   . GLU A 1 8   ? -4.891  -4.357  -8.758  1.00 22.32 ? 661 GLU A N   1 
ATOM   47   C CA  . GLU A 1 8   ? -3.509  -4.011  -9.040  1.00 20.45 ? 661 GLU A CA  1 
ATOM   48   C C   . GLU A 1 8   ? -2.997  -4.754  -10.269 1.00 24.53 ? 661 GLU A C   1 
ATOM   49   O O   . GLU A 1 8   ? -3.245  -5.954  -10.430 1.00 22.72 ? 661 GLU A O   1 
ATOM   50   C CB  . GLU A 1 8   ? -2.626  -4.338  -7.840  1.00 18.95 ? 661 GLU A CB  1 
ATOM   51   C CG  . GLU A 1 8   ? -1.150  -4.207  -8.118  1.00 19.28 ? 661 GLU A CG  1 
ATOM   52   C CD  . GLU A 1 8   ? -0.295  -4.659  -6.959  1.00 27.08 ? 661 GLU A CD  1 
ATOM   53   O OE1 . GLU A 1 8   ? -0.576  -4.264  -5.805  1.00 27.68 ? 661 GLU A OE1 1 
ATOM   54   O OE2 . GLU A 1 8   ? 0.654   -5.425  -7.208  1.00 28.84 ? 661 GLU A OE2 1 
ATOM   55   N N   . LYS A 1 9   ? -2.287  -4.044  -11.145 1.00 19.02 ? 662 LYS A N   1 
ATOM   56   C CA  . LYS A 1 9   ? -1.603  -4.718  -12.230 1.00 23.86 ? 662 LYS A CA  1 
ATOM   57   C C   . LYS A 1 9   ? -0.213  -4.160  -12.471 1.00 24.74 ? 662 LYS A C   1 
ATOM   58   O O   . LYS A 1 9   ? 0.058   -2.986  -12.208 1.00 25.64 ? 662 LYS A O   1 
ATOM   59   C CB  . LYS A 1 9   ? -2.445  -4.738  -13.507 1.00 30.54 ? 662 LYS A CB  1 
ATOM   60   C CG  . LYS A 1 9   ? -3.080  -3.432  -13.881 1.00 26.27 ? 662 LYS A CG  1 
ATOM   61   C CD  . LYS A 1 9   ? -4.266  -3.682  -14.802 1.00 30.79 ? 662 LYS A CD  1 
ATOM   62   C CE  . LYS A 1 9   ? -3.868  -4.579  -15.971 1.00 36.02 ? 662 LYS A CE  1 
ATOM   63   N NZ  . LYS A 1 9   ? -5.045  -5.281  -16.567 1.00 41.24 ? 662 LYS A NZ  1 
ATOM   64   N N   . THR A 1 10  ? 0.678   -5.037  -12.921 1.00 21.05 ? 663 THR A N   1 
ATOM   65   C CA  . THR A 1 10  ? 2.052   -4.660  -13.212 1.00 27.17 ? 663 THR A CA  1 
ATOM   66   C C   . THR A 1 10  ? 2.295   -5.044  -14.649 1.00 24.68 ? 663 THR A C   1 
ATOM   67   O O   . THR A 1 10  ? 2.263   -6.208  -14.984 1.00 24.02 ? 663 THR A O   1 
ATOM   68   C CB  . THR A 1 10  ? 3.042   -5.407  -12.306 1.00 27.55 ? 663 THR A CB  1 
ATOM   69   O OG1 . THR A 1 10  ? 2.541   -5.403  -10.968 1.00 28.06 ? 663 THR A OG1 1 
ATOM   70   C CG2 . THR A 1 10  ? 4.416   -4.731  -12.326 1.00 25.48 ? 663 THR A CG2 1 
ATOM   71   N N   . VAL A 1 11  ? 2.517   -4.067  -15.513 1.00 29.35 ? 664 VAL A N   1 
ATOM   72   C CA  . VAL A 1 11  ? 2.531   -4.370  -16.933 1.00 30.54 ? 664 VAL A CA  1 
ATOM   73   C C   . VAL A 1 11  ? 3.725   -3.784  -17.668 1.00 31.23 ? 664 VAL A C   1 
ATOM   74   O O   . VAL A 1 11  ? 4.364   -2.841  -17.205 1.00 28.51 ? 664 VAL A O   1 
ATOM   75   C CB  . VAL A 1 11  ? 1.239   -3.904  -17.599 1.00 28.81 ? 664 VAL A CB  1 
ATOM   76   C CG1 . VAL A 1 11  ? 0.063   -4.658  -17.026 1.00 30.24 ? 664 VAL A CG1 1 
ATOM   77   C CG2 . VAL A 1 11  ? 1.058   -2.409  -17.400 1.00 25.65 ? 664 VAL A CG2 1 
ATOM   78   N N   . LEU A 1 12  ? 4.015   -4.363  -18.826 1.00 31.03 ? 665 LEU A N   1 
ATOM   79   C CA  . LEU A 1 12  ? 5.124   -3.907  -19.639 1.00 35.15 ? 665 LEU A CA  1 
ATOM   80   C C   . LEU A 1 12  ? 4.595   -3.330  -20.942 1.00 35.04 ? 665 LEU A C   1 
ATOM   81   O O   . LEU A 1 12  ? 3.866   -3.999  -21.682 1.00 35.45 ? 665 LEU A O   1 
ATOM   82   C CB  . LEU A 1 12  ? 6.092   -5.061  -19.911 1.00 34.13 ? 665 LEU A CB  1 
ATOM   83   C CG  . LEU A 1 12  ? 7.559   -4.667  -20.138 1.00 41.39 ? 665 LEU A CG  1 
ATOM   84   C CD1 . LEU A 1 12  ? 8.511   -5.698  -19.527 1.00 51.80 ? 665 LEU A CD1 1 
ATOM   85   C CD2 . LEU A 1 12  ? 7.860   -4.463  -21.612 1.00 34.90 ? 665 LEU A CD2 1 
ATOM   86   N N   . LEU A 1 13  ? 4.953   -2.081  -21.212 1.00 30.75 ? 666 LEU A N   1 
ATOM   87   C CA  . LEU A 1 13  ? 4.607   -1.447  -22.476 1.00 32.33 ? 666 LEU A CA  1 
ATOM   88   C C   . LEU A 1 13  ? 5.824   -1.445  -23.378 1.00 30.56 ? 666 LEU A C   1 
ATOM   89   O O   . LEU A 1 13  ? 6.937   -1.179  -22.930 1.00 26.30 ? 666 LEU A O   1 
ATOM   90   C CB  . LEU A 1 13  ? 4.139   -0.004  -22.273 1.00 28.06 ? 666 LEU A CB  1 
ATOM   91   C CG  . LEU A 1 13  ? 2.741   0.287   -21.746 1.00 32.09 ? 666 LEU A CG  1 
ATOM   92   C CD1 . LEU A 1 13  ? 2.614   -0.149  -20.315 1.00 28.54 ? 666 LEU A CD1 1 
ATOM   93   C CD2 . LEU A 1 13  ? 2.445   1.787   -21.877 1.00 29.40 ? 666 LEU A CD2 1 
ATOM   94   N N   . GLN A 1 14  ? 5.596   -1.738  -24.653 1.00 32.27 ? 667 GLN A N   1 
ATOM   95   C CA  . GLN A 1 14  ? 6.652   -1.767  -25.654 1.00 37.37 ? 667 GLN A CA  1 
ATOM   96   C C   . GLN A 1 14  ? 6.174   -1.005  -26.880 1.00 38.81 ? 667 GLN A C   1 
ATOM   97   O O   . GLN A 1 14  ? 5.101   -1.299  -27.415 1.00 37.03 ? 667 GLN A O   1 
ATOM   98   C CB  . GLN A 1 14  ? 6.966   -3.213  -26.044 1.00 36.58 ? 667 GLN A CB  1 
ATOM   99   C CG  . GLN A 1 14  ? 8.439   -3.541  -26.046 1.00 40.74 ? 667 GLN A CG  1 
ATOM   100  C CD  . GLN A 1 14  ? 9.251   -2.569  -26.879 1.00 42.53 ? 667 GLN A CD  1 
ATOM   101  O OE1 . GLN A 1 14  ? 10.365  -2.209  -26.508 1.00 39.50 ? 667 GLN A OE1 1 
ATOM   102  N NE2 . GLN A 1 14  ? 8.697   -2.138  -28.011 1.00 47.47 ? 667 GLN A NE2 1 
ATOM   103  N N   . LYS A 1 15  ? 6.961   -0.032  -27.333 1.00 42.35 ? 668 LYS A N   1 
ATOM   104  C CA  . LYS A 1 15  ? 6.503   0.844   -28.412 1.00 44.65 ? 668 LYS A CA  1 
ATOM   105  C C   . LYS A 1 15  ? 7.584   1.211   -29.432 1.00 40.03 ? 668 LYS A C   1 
ATOM   106  O O   . LYS A 1 15  ? 8.773   1.221   -29.122 1.00 42.58 ? 668 LYS A O   1 
ATOM   107  C CB  . LYS A 1 15  ? 5.879   2.129   -27.839 1.00 34.07 ? 668 LYS A CB  1 
ATOM   108  C CG  . LYS A 1 15  ? 6.891   3.191   -27.405 1.00 36.39 ? 668 LYS A CG  1 
ATOM   109  C CD  . LYS A 1 15  ? 6.206   4.536   -27.113 1.00 39.77 ? 668 LYS A CD  1 
ATOM   110  C CE  . LYS A 1 15  ? 7.218   5.632   -26.784 1.00 33.41 ? 668 LYS A CE  1 
ATOM   111  N NZ  . LYS A 1 15  ? 8.093   5.941   -27.952 1.00 33.95 ? 668 LYS A NZ  1 
ATOM   112  N N   . LYS A 1 16  ? 7.140   1.504   -30.651 1.00 38.87 ? 669 LYS A N   1 
ATOM   113  C CA  . LYS A 1 16  ? 7.977   2.099   -31.682 1.00 41.53 ? 669 LYS A CA  1 
ATOM   114  C C   . LYS A 1 16  ? 8.256   3.552   -31.300 1.00 46.33 ? 669 LYS A C   1 
ATOM   115  O O   . LYS A 1 16  ? 7.626   4.083   -30.379 1.00 46.91 ? 669 LYS A O   1 
ATOM   116  C CB  . LYS A 1 16  ? 7.235   2.039   -33.016 1.00 47.57 ? 669 LYS A CB  1 
ATOM   117  C CG  . LYS A 1 16  ? 6.739   0.645   -33.351 1.00 48.19 ? 669 LYS A CG  1 
ATOM   118  C CD  . LYS A 1 16  ? 5.581   0.631   -34.333 1.00 51.80 ? 669 LYS A CD  1 
ATOM   119  C CE  . LYS A 1 16  ? 5.172   -0.815  -34.629 1.00 65.99 ? 669 LYS A CE  1 
ATOM   120  N NZ  . LYS A 1 16  ? 3.810   -0.951  -35.230 1.00 59.15 ? 669 LYS A NZ  1 
ATOM   121  N N   . ASP A 1 17  ? 9.191   4.195   -32.000 1.00 50.90 ? 670 ASP A N   1 
ATOM   122  C CA  . ASP A 1 17  ? 9.549   5.591   -31.709 1.00 47.45 ? 670 ASP A CA  1 
ATOM   123  C C   . ASP A 1 17  ? 8.559   6.579   -32.301 1.00 47.87 ? 670 ASP A C   1 
ATOM   124  O O   . ASP A 1 17  ? 8.479   7.729   -31.865 1.00 45.60 ? 670 ASP A O   1 
ATOM   125  C CB  . ASP A 1 17  ? 10.940  5.929   -32.251 1.00 53.19 ? 670 ASP A CB  1 
ATOM   126  C CG  . ASP A 1 17  ? 12.046  5.197   -31.527 1.00 57.98 ? 670 ASP A CG  1 
ATOM   127  O OD1 . ASP A 1 17  ? 12.601  5.768   -30.561 1.00 50.05 ? 670 ASP A OD1 1 
ATOM   128  O OD2 . ASP A 1 17  ? 12.360  4.052   -31.926 1.00 58.08 ? 670 ASP A OD2 1 
ATOM   129  N N   . SER A 1 18  ? 7.825   6.131   -33.315 1.00 48.94 ? 671 SER A N   1 
ATOM   130  C CA  . SER A 1 18  ? 6.889   6.998   -34.021 1.00 48.65 ? 671 SER A CA  1 
ATOM   131  C C   . SER A 1 18  ? 5.611   7.201   -33.227 1.00 48.26 ? 671 SER A C   1 
ATOM   132  O O   . SER A 1 18  ? 4.678   7.846   -33.708 1.00 40.12 ? 671 SER A O   1 
ATOM   133  C CB  . SER A 1 18  ? 6.550   6.414   -35.392 1.00 45.69 ? 671 SER A CB  1 
ATOM   134  O OG  . SER A 1 18  ? 5.828   5.202   -35.268 1.00 49.37 ? 671 SER A OG  1 
ATOM   135  N N   . GLU A 1 19  ? 5.573   6.646   -32.014 1.00 49.61 ? 672 GLU A N   1 
ATOM   136  C CA  . GLU A 1 19  ? 4.364   6.660   -31.189 1.00 47.78 ? 672 GLU A CA  1 
ATOM   137  C C   . GLU A 1 19  ? 4.652   6.911   -29.713 1.00 43.75 ? 672 GLU A C   1 
ATOM   138  O O   . GLU A 1 19  ? 5.785   6.755   -29.251 1.00 39.59 ? 672 GLU A O   1 
ATOM   139  C CB  . GLU A 1 19  ? 3.604   5.333   -31.329 1.00 44.04 ? 672 GLU A CB  1 
ATOM   140  C CG  . GLU A 1 19  ? 4.399   4.110   -30.885 1.00 43.33 ? 672 GLU A CG  1 
ATOM   141  C CD  . GLU A 1 19  ? 3.670   2.800   -31.151 1.00 44.89 ? 672 GLU A CD  1 
ATOM   142  O OE1 . GLU A 1 19  ? 2.482   2.842   -31.537 1.00 46.45 ? 672 GLU A OE1 1 
ATOM   143  O OE2 . GLU A 1 19  ? 4.286   1.724   -30.975 1.00 42.56 ? 672 GLU A OE2 1 
ATOM   144  N N   . GLY A 1 20  ? 3.606   7.298   -28.984 1.00 41.10 ? 673 GLY A N   1 
ATOM   145  C CA  . GLY A 1 20  ? 3.654   7.371   -27.535 1.00 28.40 ? 673 GLY A CA  1 
ATOM   146  C C   . GLY A 1 20  ? 3.073   6.105   -26.929 1.00 29.51 ? 673 GLY A C   1 
ATOM   147  O O   . GLY A 1 20  ? 2.652   5.201   -27.651 1.00 32.21 ? 673 GLY A O   1 
ATOM   148  N N   . PHE A 1 21  ? 3.064   6.031   -25.601 1.00 29.87 ? 674 PHE A N   1 
ATOM   149  C CA  . PHE A 1 21  ? 2.475   4.900   -24.889 1.00 26.34 ? 674 PHE A CA  1 
ATOM   150  C C   . PHE A 1 21  ? 0.949   4.976   -24.925 1.00 27.48 ? 674 PHE A C   1 
ATOM   151  O O   . PHE A 1 21  ? 0.259   3.980   -24.706 1.00 29.00 ? 674 PHE A O   1 
ATOM   152  C CB  . PHE A 1 21  ? 2.966   4.852   -23.441 1.00 25.63 ? 674 PHE A CB  1 
ATOM   153  C CG  . PHE A 1 21  ? 4.440   4.590   -23.308 1.00 29.57 ? 674 PHE A CG  1 
ATOM   154  C CD1 . PHE A 1 21  ? 5.262   5.490   -22.662 1.00 29.54 ? 674 PHE A CD1 1 
ATOM   155  C CD2 . PHE A 1 21  ? 5.001   3.440   -23.828 1.00 34.34 ? 674 PHE A CD2 1 
ATOM   156  C CE1 . PHE A 1 21  ? 6.613   5.251   -22.540 1.00 29.16 ? 674 PHE A CE1 1 
ATOM   157  C CE2 . PHE A 1 21  ? 6.353   3.196   -23.704 1.00 35.25 ? 674 PHE A CE2 1 
ATOM   158  C CZ  . PHE A 1 21  ? 7.159   4.107   -23.061 1.00 33.18 ? 674 PHE A CZ  1 
ATOM   159  N N   . GLY A 1 22  ? 0.422   6.162   -25.202 1.00 20.33 ? 675 GLY A N   1 
ATOM   160  C CA  . GLY A 1 22  ? -1.009  6.329   -25.343 1.00 20.93 ? 675 GLY A CA  1 
ATOM   161  C C   . GLY A 1 22  ? -1.741  6.599   -24.042 1.00 24.90 ? 675 GLY A C   1 
ATOM   162  O O   . GLY A 1 22  ? -2.813  6.039   -23.813 1.00 25.39 ? 675 GLY A O   1 
ATOM   163  N N   . PHE A 1 23  ? -1.172  7.455   -23.193 1.00 20.79 ? 676 PHE A N   1 
ATOM   164  C CA  . PHE A 1 23  ? -1.870  7.905   -21.995 1.00 19.49 ? 676 PHE A CA  1 
ATOM   165  C C   . PHE A 1 23  ? -1.487  9.316   -21.526 1.00 23.10 ? 676 PHE A C   1 
ATOM   166  O O   . PHE A 1 23  ? -0.376  9.782   -21.765 1.00 21.67 ? 676 PHE A O   1 
ATOM   167  C CB  . PHE A 1 23  ? -1.729  6.882   -20.856 1.00 19.88 ? 676 PHE A CB  1 
ATOM   168  C CG  . PHE A 1 23  ? -0.328  6.732   -20.301 1.00 18.61 ? 676 PHE A CG  1 
ATOM   169  C CD1 . PHE A 1 23  ? 0.105   7.525   -19.249 1.00 18.94 ? 676 PHE A CD1 1 
ATOM   170  C CD2 . PHE A 1 23  ? 0.521   5.739   -20.775 1.00 21.52 ? 676 PHE A CD2 1 
ATOM   171  C CE1 . PHE A 1 23  ? 1.375   7.365   -18.715 1.00 22.91 ? 676 PHE A CE1 1 
ATOM   172  C CE2 . PHE A 1 23  ? 1.792   5.561   -20.240 1.00 15.54 ? 676 PHE A CE2 1 
ATOM   173  C CZ  . PHE A 1 23  ? 2.221   6.373   -19.213 1.00 21.26 ? 676 PHE A CZ  1 
ATOM   174  N N   . VAL A 1 24  ? -2.432  9.994   -20.879 1.00 22.22 ? 677 VAL A N   1 
ATOM   175  C CA  . VAL A 1 24  ? -2.157  11.267  -20.222 1.00 23.52 ? 677 VAL A CA  1 
ATOM   176  C C   . VAL A 1 24  ? -1.920  11.014  -18.738 1.00 19.05 ? 677 VAL A C   1 
ATOM   177  O O   . VAL A 1 24  ? -2.759  10.425  -18.054 1.00 18.46 ? 677 VAL A O   1 
ATOM   178  C CB  . VAL A 1 24  ? -3.316  12.296  -20.396 1.00 20.24 ? 677 VAL A CB  1 
ATOM   179  C CG1 . VAL A 1 24  ? -3.013  13.555  -19.633 1.00 21.78 ? 677 VAL A CG1 1 
ATOM   180  C CG2 . VAL A 1 24  ? -3.526  12.642  -21.859 1.00 22.76 ? 677 VAL A CG2 1 
ATOM   181  N N   . LEU A 1 25  ? -0.764  11.442  -18.248 1.00 20.35 ? 678 LEU A N   1 
ATOM   182  C CA  . LEU A 1 25  ? -0.451  11.352  -16.831 1.00 20.61 ? 678 LEU A CA  1 
ATOM   183  C C   . LEU A 1 25  ? -0.730  12.701  -16.162 1.00 21.05 ? 678 LEU A C   1 
ATOM   184  O O   . LEU A 1 25  ? -0.222  13.714  -16.615 1.00 22.25 ? 678 LEU A O   1 
ATOM   185  C CB  . LEU A 1 25  ? 1.029   10.975  -16.648 1.00 17.80 ? 678 LEU A CB  1 
ATOM   186  C CG  . LEU A 1 25  ? 1.521   10.787  -15.215 1.00 17.19 ? 678 LEU A CG  1 
ATOM   187  C CD1 . LEU A 1 25  ? 0.873   9.557   -14.613 1.00 23.15 ? 678 LEU A CD1 1 
ATOM   188  C CD2 . LEU A 1 25  ? 3.042   10.661  -15.178 1.00 25.88 ? 678 LEU A CD2 1 
ATOM   189  N N   . ARG A 1 26  ? -1.527  12.718  -15.093 1.00 20.45 ? 679 ARG A N   1 
ATOM   190  C CA  . ARG A 1 26  ? -1.744  13.942  -14.327 1.00 17.59 ? 679 ARG A CA  1 
ATOM   191  C C   . ARG A 1 26  ? -1.316  13.719  -12.878 1.00 22.40 ? 679 ARG A C   1 
ATOM   192  O O   . ARG A 1 26  ? -1.320  12.583  -12.398 1.00 19.80 ? 679 ARG A O   1 
ATOM   193  C CB  . ARG A 1 26  ? -3.215  14.395  -14.355 1.00 18.69 ? 679 ARG A CB  1 
ATOM   194  C CG  . ARG A 1 26  ? -3.410  15.795  -13.738 1.00 25.92 ? 679 ARG A CG  1 
ATOM   195  C CD  . ARG A 1 26  ? -4.841  16.140  -13.284 1.00 24.55 ? 679 ARG A CD  1 
ATOM   196  N NE  . ARG A 1 26  ? -5.728  16.419  -14.404 1.00 25.38 ? 679 ARG A NE  1 
ATOM   197  C CZ  . ARG A 1 26  ? -6.443  17.530  -14.553 1.00 24.84 ? 679 ARG A CZ  1 
ATOM   198  N NH1 . ARG A 1 26  ? -6.404  18.490  -13.644 1.00 31.98 ? 679 ARG A NH1 1 
ATOM   199  N NH2 . ARG A 1 26  ? -7.217  17.672  -15.617 1.00 26.78 ? 679 ARG A NH2 1 
ATOM   200  N N   . GLY A 1 27  ? -0.925  14.802  -12.197 1.00 20.43 ? 680 GLY A N   1 
ATOM   201  C CA  . GLY A 1 27  ? -0.702  14.788  -10.759 1.00 23.07 ? 680 GLY A CA  1 
ATOM   202  C C   . GLY A 1 27  ? 0.098   15.947  -10.168 1.00 21.95 ? 680 GLY A C   1 
ATOM   203  O O   . GLY A 1 27  ? 0.882   16.600  -10.857 1.00 22.99 ? 680 GLY A O   1 
ATOM   204  N N   . ALA A 1 28  ? -0.089  16.187  -8.873  1.00 20.93 ? 681 ALA A N   1 
ATOM   205  C CA  . ALA A 1 28  ? 0.589   17.295  -8.189  1.00 24.29 ? 681 ALA A CA  1 
ATOM   206  C C   . ALA A 1 28  ? 2.058   17.398  -8.582  1.00 19.76 ? 681 ALA A C   1 
ATOM   207  O O   . ALA A 1 28  ? 2.694   16.387  -8.889  1.00 25.86 ? 681 ALA A O   1 
ATOM   208  C CB  . ALA A 1 28  ? 0.445   17.172  -6.665  1.00 18.12 ? 681 ALA A CB  1 
ATOM   209  N N   . ILE A 1 34  ? 4.233   21.841  -2.482  1.00 51.04 ? 687 ILE A N   1 
ATOM   210  C CA  . ILE A 1 34  ? 3.445   21.032  -1.553  1.00 52.11 ? 687 ILE A CA  1 
ATOM   211  C C   . ILE A 1 34  ? 4.309   19.927  -0.952  1.00 56.71 ? 687 ILE A C   1 
ATOM   212  O O   . ILE A 1 34  ? 5.513   19.858  -1.216  1.00 53.67 ? 687 ILE A O   1 
ATOM   213  C CB  . ILE A 1 34  ? 2.196   20.411  -2.237  1.00 50.33 ? 687 ILE A CB  1 
ATOM   214  C CG1 . ILE A 1 34  ? 2.515   19.030  -2.835  1.00 51.11 ? 687 ILE A CG1 1 
ATOM   215  C CG2 . ILE A 1 34  ? 1.652   21.350  -3.309  1.00 44.55 ? 687 ILE A CG2 1 
ATOM   216  C CD1 . ILE A 1 34  ? 1.720   17.872  -2.234  1.00 39.41 ? 687 ILE A CD1 1 
ATOM   217  N N   . GLU A 1 35  ? 3.683   19.081  -0.136  1.00 55.14 ? 688 GLU A N   1 
ATOM   218  C CA  . GLU A 1 35  ? 4.318   17.906  0.460   1.00 54.12 ? 688 GLU A CA  1 
ATOM   219  C C   . GLU A 1 35  ? 3.342   17.283  1.451   1.00 47.47 ? 688 GLU A C   1 
ATOM   220  O O   . GLU A 1 35  ? 3.704   16.408  2.232   1.00 45.53 ? 688 GLU A O   1 
ATOM   221  C CB  . GLU A 1 35  ? 5.612   18.287  1.164   1.00 57.40 ? 688 GLU A CB  1 
ATOM   222  N N   . GLU A 1 36  ? 2.098   17.744  1.397   1.00 46.94 ? 689 GLU A N   1 
ATOM   223  C CA  . GLU A 1 36  ? 1.088   17.413  2.396   1.00 43.11 ? 689 GLU A CA  1 
ATOM   224  C C   . GLU A 1 36  ? 0.291   16.170  2.035   1.00 41.13 ? 689 GLU A C   1 
ATOM   225  O O   . GLU A 1 36  ? -0.687  15.834  2.707   1.00 40.33 ? 689 GLU A O   1 
ATOM   226  C CB  . GLU A 1 36  ? 0.133   18.590  2.565   1.00 45.15 ? 689 GLU A CB  1 
ATOM   227  C CG  . GLU A 1 36  ? -0.647  18.903  1.311   1.00 44.40 ? 689 GLU A CG  1 
ATOM   228  C CD  . GLU A 1 36  ? -1.320  20.262  1.365   1.00 57.18 ? 689 GLU A CD  1 
ATOM   229  O OE1 . GLU A 1 36  ? -1.196  20.946  2.404   1.00 61.43 ? 689 GLU A OE1 1 
ATOM   230  O OE2 . GLU A 1 36  ? -1.966  20.645  0.363   1.00 54.34 ? 689 GLU A OE2 1 
ATOM   231  N N   . PHE A 1 37  ? 0.703   15.488  0.972   1.00 38.92 ? 690 PHE A N   1 
ATOM   232  C CA  . PHE A 1 37  ? 0.031   14.259  0.565   1.00 36.76 ? 690 PHE A CA  1 
ATOM   233  C C   . PHE A 1 37  ? 0.338   13.110  1.519   1.00 30.54 ? 690 PHE A C   1 
ATOM   234  O O   . PHE A 1 37  ? 1.497   12.762  1.727   1.00 31.21 ? 690 PHE A O   1 
ATOM   235  C CB  . PHE A 1 37  ? 0.439   13.865  -0.858  1.00 35.30 ? 690 PHE A CB  1 
ATOM   236  C CG  . PHE A 1 37  ? -0.275  12.647  -1.383  1.00 30.39 ? 690 PHE A CG  1 
ATOM   237  C CD1 . PHE A 1 37  ? -1.627  12.691  -1.669  1.00 34.93 ? 690 PHE A CD1 1 
ATOM   238  C CD2 . PHE A 1 37  ? 0.406   11.468  -1.598  1.00 27.98 ? 690 PHE A CD2 1 
ATOM   239  C CE1 . PHE A 1 37  ? -2.289  11.575  -2.157  1.00 33.01 ? 690 PHE A CE1 1 
ATOM   240  C CE2 . PHE A 1 37  ? -0.245  10.353  -2.093  1.00 28.98 ? 690 PHE A CE2 1 
ATOM   241  C CZ  . PHE A 1 37  ? -1.594  10.407  -2.370  1.00 27.05 ? 690 PHE A CZ  1 
ATOM   242  N N   . THR A 1 38  ? -0.712  12.537  2.097   1.00 32.68 ? 691 THR A N   1 
ATOM   243  C CA  . THR A 1 38  ? -0.614  11.269  2.811   1.00 30.58 ? 691 THR A CA  1 
ATOM   244  C C   . THR A 1 38  ? -1.426  10.212  2.068   1.00 30.61 ? 691 THR A C   1 
ATOM   245  O O   . THR A 1 38  ? -2.644  10.345  1.938   1.00 27.40 ? 691 THR A O   1 
ATOM   246  C CB  . THR A 1 38  ? -1.141  11.387  4.250   1.00 32.71 ? 691 THR A CB  1 
ATOM   247  O OG1 . THR A 1 38  ? -0.224  12.165  5.027   1.00 36.89 ? 691 THR A OG1 1 
ATOM   248  C CG2 . THR A 1 38  ? -1.288  10.002  4.893   1.00 26.03 ? 691 THR A CG2 1 
ATOM   249  N N   . PRO A 1 39  ? -0.751  9.162   1.565   1.00 30.97 ? 692 PRO A N   1 
ATOM   250  C CA  . PRO A 1 39  ? -1.436  8.057   0.874   1.00 28.26 ? 692 PRO A CA  1 
ATOM   251  C C   . PRO A 1 39  ? -2.592  7.434   1.667   1.00 28.68 ? 692 PRO A C   1 
ATOM   252  O O   . PRO A 1 39  ? -2.495  7.199   2.873   1.00 31.13 ? 692 PRO A O   1 
ATOM   253  C CB  . PRO A 1 39  ? -0.317  7.034   0.632   1.00 26.71 ? 692 PRO A CB  1 
ATOM   254  C CG  . PRO A 1 39  ? 0.909   7.594   1.312   1.00 24.39 ? 692 PRO A CG  1 
ATOM   255  C CD  . PRO A 1 39  ? 0.708   9.058   1.440   1.00 26.77 ? 692 PRO A CD  1 
ATOM   256  N N   . THR A 1 40  ? -3.681  7.169   0.952   1.00 27.79 ? 693 THR A N   1 
ATOM   257  C CA  . THR A 1 40  ? -4.948  6.735   1.518   1.00 28.61 ? 693 THR A CA  1 
ATOM   258  C C   . THR A 1 40  ? -5.537  5.655   0.599   1.00 32.39 ? 693 THR A C   1 
ATOM   259  O O   . THR A 1 40  ? -5.263  5.643   -0.605  1.00 29.94 ? 693 THR A O   1 
ATOM   260  C CB  . THR A 1 40  ? -5.915  7.950   1.618   1.00 28.72 ? 693 THR A CB  1 
ATOM   261  O OG1 . THR A 1 40  ? -5.944  8.438   2.967   1.00 31.37 ? 693 THR A OG1 1 
ATOM   262  C CG2 . THR A 1 40  ? -7.317  7.572   1.195   1.00 32.53 ? 693 THR A CG2 1 
ATOM   263  N N   . PRO A 1 41  ? -6.327  4.726   1.157   1.00 31.63 ? 694 PRO A N   1 
ATOM   264  C CA  . PRO A 1 41  ? -6.922  3.705   0.283   1.00 30.33 ? 694 PRO A CA  1 
ATOM   265  C C   . PRO A 1 41  ? -7.734  4.324   -0.859  1.00 32.98 ? 694 PRO A C   1 
ATOM   266  O O   . PRO A 1 41  ? -7.635  3.873   -2.006  1.00 27.75 ? 694 PRO A O   1 
ATOM   267  C CB  . PRO A 1 41  ? -7.825  2.911   1.234   1.00 36.15 ? 694 PRO A CB  1 
ATOM   268  C CG  . PRO A 1 41  ? -7.150  3.039   2.572   1.00 36.21 ? 694 PRO A CG  1 
ATOM   269  C CD  . PRO A 1 41  ? -6.567  4.447   2.584   1.00 36.03 ? 694 PRO A CD  1 
ATOM   270  N N   . ALA A 1 42  ? -8.526  5.348   -0.552  1.00 31.01 ? 695 ALA A N   1 
ATOM   271  C CA  . ALA A 1 42  ? -9.283  6.048   -1.584  1.00 28.20 ? 695 ALA A CA  1 
ATOM   272  C C   . ALA A 1 42  ? -8.336  6.711   -2.591  1.00 24.02 ? 695 ALA A C   1 
ATOM   273  O O   . ALA A 1 42  ? -8.572  6.664   -3.794  1.00 26.68 ? 695 ALA A O   1 
ATOM   274  C CB  . ALA A 1 42  ? -10.216 7.078   -0.960  1.00 31.68 ? 695 ALA A CB  1 
ATOM   275  N N   . PHE A 1 43  ? -7.258  7.309   -2.094  1.00 20.81 ? 696 PHE A N   1 
ATOM   276  C CA  . PHE A 1 43  ? -6.315  8.019   -2.948  1.00 20.73 ? 696 PHE A CA  1 
ATOM   277  C C   . PHE A 1 43  ? -4.874  7.590   -2.624  1.00 23.41 ? 696 PHE A C   1 
ATOM   278  O O   . PHE A 1 43  ? -4.212  8.197   -1.781  1.00 21.61 ? 696 PHE A O   1 
ATOM   279  C CB  . PHE A 1 43  ? -6.511  9.530   -2.762  1.00 30.16 ? 696 PHE A CB  1 
ATOM   280  C CG  . PHE A 1 43  ? -7.964  9.939   -2.571  1.00 24.87 ? 696 PHE A CG  1 
ATOM   281  C CD1 . PHE A 1 43  ? -8.847  9.952   -3.651  1.00 24.40 ? 696 PHE A CD1 1 
ATOM   282  C CD2 . PHE A 1 43  ? -8.441  10.302  -1.318  1.00 24.40 ? 696 PHE A CD2 1 
ATOM   283  C CE1 . PHE A 1 43  ? -10.187 10.324  -3.494  1.00 23.30 ? 696 PHE A CE1 1 
ATOM   284  C CE2 . PHE A 1 43  ? -9.786  10.680  -1.140  1.00 24.89 ? 696 PHE A CE2 1 
ATOM   285  C CZ  . PHE A 1 43  ? -10.660 10.690  -2.234  1.00 25.29 ? 696 PHE A CZ  1 
ATOM   286  N N   . PRO A 1 44  ? -4.388  6.517   -3.281  1.00 23.24 ? 697 PRO A N   1 
ATOM   287  C CA  . PRO A 1 44  ? -3.123  5.895   -2.872  1.00 20.95 ? 697 PRO A CA  1 
ATOM   288  C C   . PRO A 1 44  ? -1.855  6.452   -3.502  1.00 19.94 ? 697 PRO A C   1 
ATOM   289  O O   . PRO A 1 44  ? -0.762  5.981   -3.160  1.00 22.66 ? 697 PRO A O   1 
ATOM   290  C CB  . PRO A 1 44  ? -3.294  4.439   -3.323  1.00 22.39 ? 697 PRO A CB  1 
ATOM   291  C CG  . PRO A 1 44  ? -4.173  4.511   -4.500  1.00 18.60 ? 697 PRO A CG  1 
ATOM   292  C CD  . PRO A 1 44  ? -5.153  5.637   -4.187  1.00 23.71 ? 697 PRO A CD  1 
ATOM   293  N N   . ALA A 1 45  ? -1.976  7.398   -4.419  1.00 15.27 ? 698 ALA A N   1 
ATOM   294  C CA  . ALA A 1 45  ? -0.789  7.932   -5.061  1.00 17.21 ? 698 ALA A CA  1 
ATOM   295  C C   . ALA A 1 45  ? -0.999  9.314   -5.637  1.00 21.67 ? 698 ALA A C   1 
ATOM   296  O O   . ALA A 1 45  ? -2.134  9.771   -5.806  1.00 27.85 ? 698 ALA A O   1 
ATOM   297  C CB  . ALA A 1 45  ? -0.271  6.985   -6.134  1.00 18.37 ? 698 ALA A CB  1 
ATOM   298  N N   . LEU A 1 46  ? 0.115   9.968   -5.944  1.00 21.88 ? 699 LEU A N   1 
ATOM   299  C CA  . LEU A 1 46  ? 0.133   11.363  -6.383  1.00 24.24 ? 699 LEU A CA  1 
ATOM   300  C C   . LEU A 1 46  ? -0.219  11.476  -7.873  1.00 29.04 ? 699 LEU A C   1 
ATOM   301  O O   . LEU A 1 46  ? -1.038  12.325  -8.262  1.00 23.17 ? 699 LEU A O   1 
ATOM   302  C CB  . LEU A 1 46  ? 1.531   11.940  -6.135  1.00 23.54 ? 699 LEU A CB  1 
ATOM   303  C CG  . LEU A 1 46  ? 1.760   13.353  -5.617  1.00 31.14 ? 699 LEU A CG  1 
ATOM   304  C CD1 . LEU A 1 46  ? 0.681   13.777  -4.624  1.00 29.12 ? 699 LEU A CD1 1 
ATOM   305  C CD2 . LEU A 1 46  ? 3.141   13.405  -4.992  1.00 26.26 ? 699 LEU A CD2 1 
ATOM   306  N N   . GLN A 1 47  ? 0.412   10.621  -8.690  1.00 22.27 ? 700 GLN A N   1 
ATOM   307  C CA  . GLN A 1 47  ? 0.200   10.580  -10.139 1.00 22.34 ? 700 GLN A CA  1 
ATOM   308  C C   . GLN A 1 47  ? -0.802  9.502   -10.553 1.00 23.28 ? 700 GLN A C   1 
ATOM   309  O O   . GLN A 1 47  ? -0.787  8.389   -10.039 1.00 20.45 ? 700 GLN A O   1 
ATOM   310  C CB  . GLN A 1 47  ? 1.516   10.313  -10.874 1.00 23.04 ? 700 GLN A CB  1 
ATOM   311  C CG  . GLN A 1 47  ? 2.699   11.080  -10.337 1.00 23.90 ? 700 GLN A CG  1 
ATOM   312  C CD  . GLN A 1 47  ? 2.443   12.570  -10.274 1.00 26.82 ? 700 GLN A CD  1 
ATOM   313  O OE1 . GLN A 1 47  ? 2.751   13.217  -9.272  1.00 28.00 ? 700 GLN A OE1 1 
ATOM   314  N NE2 . GLN A 1 47  ? 1.878   13.122  -11.340 1.00 20.55 ? 700 GLN A NE2 1 
ATOM   315  N N   . TYR A 1 48  ? -1.652  9.826   -11.517 1.00 23.19 ? 701 TYR A N   1 
ATOM   316  C CA  . TYR A 1 48  ? -2.646  8.880   -11.986 1.00 18.13 ? 701 TYR A CA  1 
ATOM   317  C C   . TYR A 1 48  ? -2.928  9.109   -13.470 1.00 18.72 ? 701 TYR A C   1 
ATOM   318  O O   . TYR A 1 48  ? -2.495  10.107  -14.040 1.00 18.92 ? 701 TYR A O   1 
ATOM   319  C CB  . TYR A 1 48  ? -3.923  9.004   -11.166 1.00 18.36 ? 701 TYR A CB  1 
ATOM   320  C CG  . TYR A 1 48  ? -4.560  10.367  -11.267 1.00 20.11 ? 701 TYR A CG  1 
ATOM   321  C CD1 . TYR A 1 48  ? -5.527  10.633  -12.237 1.00 20.06 ? 701 TYR A CD1 1 
ATOM   322  C CD2 . TYR A 1 48  ? -4.183  11.396  -10.412 1.00 21.15 ? 701 TYR A CD2 1 
ATOM   323  C CE1 . TYR A 1 48  ? -6.103  11.884  -12.350 1.00 18.33 ? 701 TYR A CE1 1 
ATOM   324  C CE2 . TYR A 1 48  ? -4.754  12.652  -10.514 1.00 22.46 ? 701 TYR A CE2 1 
ATOM   325  C CZ  . TYR A 1 48  ? -5.713  12.881  -11.484 1.00 19.08 ? 701 TYR A CZ  1 
ATOM   326  O OH  . TYR A 1 48  ? -6.285  14.105  -11.588 1.00 24.20 ? 701 TYR A OH  1 
ATOM   327  N N   . LEU A 1 49  ? -3.633  8.168   -14.097 1.00 18.96 ? 702 LEU A N   1 
ATOM   328  C CA  . LEU A 1 49  ? -3.905  8.244   -15.527 1.00 17.75 ? 702 LEU A CA  1 
ATOM   329  C C   . LEU A 1 49  ? -5.190  9.011   -15.789 1.00 17.11 ? 702 LEU A C   1 
ATOM   330  O O   . LEU A 1 49  ? -6.277  8.573   -15.408 1.00 16.77 ? 702 LEU A O   1 
ATOM   331  C CB  . LEU A 1 49  ? -3.999  6.847   -16.141 1.00 17.97 ? 702 LEU A CB  1 
ATOM   332  C CG  . LEU A 1 49  ? -2.831  5.877   -15.953 1.00 15.28 ? 702 LEU A CG  1 
ATOM   333  C CD1 . LEU A 1 49  ? -3.062  4.645   -16.801 1.00 16.19 ? 702 LEU A CD1 1 
ATOM   334  C CD2 . LEU A 1 49  ? -1.517  6.523   -16.323 1.00 21.47 ? 702 LEU A CD2 1 
ATOM   335  N N   . GLU A 1 50  ? -5.061  10.154  -16.454 1.00 19.52 ? 703 GLU A N   1 
ATOM   336  C CA  . GLU A 1 50  ? -6.205  11.009  -16.723 1.00 18.91 ? 703 GLU A CA  1 
ATOM   337  C C   . GLU A 1 50  ? -7.052  10.415  -17.833 1.00 15.79 ? 703 GLU A C   1 
ATOM   338  O O   . GLU A 1 50  ? -8.276  10.469  -17.793 1.00 18.88 ? 703 GLU A O   1 
ATOM   339  C CB  . GLU A 1 50  ? -5.755  12.432  -17.085 1.00 17.21 ? 703 GLU A CB  1 
ATOM   340  C CG  . GLU A 1 50  ? -6.889  13.314  -17.546 1.00 19.13 ? 703 GLU A CG  1 
ATOM   341  C CD  . GLU A 1 50  ? -6.452  14.712  -17.916 1.00 21.81 ? 703 GLU A CD  1 
ATOM   342  O OE1 . GLU A 1 50  ? -5.246  15.026  -17.808 1.00 18.53 ? 703 GLU A OE1 1 
ATOM   343  O OE2 . GLU A 1 50  ? -7.331  15.496  -18.322 1.00 24.19 ? 703 GLU A OE2 1 
ATOM   344  N N   . SER A 1 51  ? -6.392  9.863   -18.835 1.00 15.26 ? 704 SER A N   1 
ATOM   345  C CA  . SER A 1 51  ? -7.094  9.168   -19.896 1.00 19.60 ? 704 SER A CA  1 
ATOM   346  C C   . SER A 1 51  ? -6.136  8.206   -20.566 1.00 21.16 ? 704 SER A C   1 
ATOM   347  O O   . SER A 1 51  ? -4.929  8.329   -20.416 1.00 19.83 ? 704 SER A O   1 
ATOM   348  C CB  . SER A 1 51  ? -7.664  10.155  -20.913 1.00 24.70 ? 704 SER A CB  1 
ATOM   349  O OG  . SER A 1 51  ? -6.640  10.926  -21.517 1.00 26.04 ? 704 SER A OG  1 
ATOM   350  N N   . VAL A 1 52  ? -6.680  7.226   -21.276 1.00 22.52 ? 705 VAL A N   1 
ATOM   351  C CA  . VAL A 1 52  ? -5.866  6.296   -22.027 1.00 23.23 ? 705 VAL A CA  1 
ATOM   352  C C   . VAL A 1 52  ? -6.431  6.185   -23.434 1.00 23.02 ? 705 VAL A C   1 
ATOM   353  O O   . VAL A 1 52  ? -7.636  6.001   -23.615 1.00 25.37 ? 705 VAL A O   1 
ATOM   354  C CB  . VAL A 1 52  ? -5.826  4.885   -21.361 1.00 28.83 ? 705 VAL A CB  1 
ATOM   355  C CG1 . VAL A 1 52  ? -5.436  4.986   -19.890 1.00 21.49 ? 705 VAL A CG1 1 
ATOM   356  C CG2 . VAL A 1 52  ? -7.162  4.187   -21.502 1.00 30.19 ? 705 VAL A CG2 1 
ATOM   357  N N   . ASP A 1 53  ? -5.565  6.316   -24.432 1.00 23.82 ? 706 ASP A N   1 
ATOM   358  C CA  . ASP A 1 53  ? -5.990  6.175   -25.819 1.00 30.41 ? 706 ASP A CA  1 
ATOM   359  C C   . ASP A 1 53  ? -6.434  4.736   -26.091 1.00 28.69 ? 706 ASP A C   1 
ATOM   360  O O   . ASP A 1 53  ? -5.624  3.811   -26.126 1.00 26.34 ? 706 ASP A O   1 
ATOM   361  C CB  . ASP A 1 53  ? -4.875  6.612   -26.774 1.00 30.21 ? 706 ASP A CB  1 
ATOM   362  C CG  . ASP A 1 53  ? -4.495  8.079   -26.592 1.00 39.92 ? 706 ASP A CG  1 
ATOM   363  O OD1 . ASP A 1 53  ? -5.388  8.891   -26.247 1.00 45.38 ? 706 ASP A OD1 1 
ATOM   364  O OD2 . ASP A 1 53  ? -3.305  8.426   -26.790 1.00 44.30 ? 706 ASP A OD2 1 
ATOM   365  N N   . GLU A 1 54  ? -7.735  4.555   -26.272 1.00 29.25 ? 707 GLU A N   1 
ATOM   366  C CA  . GLU A 1 54  ? -8.297  3.223   -26.440 1.00 32.40 ? 707 GLU A CA  1 
ATOM   367  C C   . GLU A 1 54  ? -7.627  2.471   -27.599 1.00 34.72 ? 707 GLU A C   1 
ATOM   368  O O   . GLU A 1 54  ? -7.472  1.245   -27.559 1.00 29.98 ? 707 GLU A O   1 
ATOM   369  C CB  . GLU A 1 54  ? -9.815  3.320   -26.609 1.00 31.01 ? 707 GLU A CB  1 
ATOM   370  C CG  . GLU A 1 54  ? -10.483 3.958   -25.400 1.00 37.13 ? 707 GLU A CG  1 
ATOM   371  C CD  . GLU A 1 54  ? -11.839 4.582   -25.698 1.00 50.54 ? 707 GLU A CD  1 
ATOM   372  O OE1 . GLU A 1 54  ? -12.383 4.369   -26.806 1.00 56.69 ? 707 GLU A OE1 1 
ATOM   373  O OE2 . GLU A 1 54  ? -12.363 5.299   -24.816 1.00 46.73 ? 707 GLU A OE2 1 
ATOM   374  N N   . GLY A 1 55  ? -7.202  3.217   -28.611 1.00 29.36 ? 708 GLY A N   1 
ATOM   375  C CA  . GLY A 1 55  ? -6.518  2.640   -29.750 1.00 28.87 ? 708 GLY A CA  1 
ATOM   376  C C   . GLY A 1 55  ? -5.012  2.508   -29.590 1.00 35.01 ? 708 GLY A C   1 
ATOM   377  O O   . GLY A 1 55  ? -4.313  2.241   -30.568 1.00 32.13 ? 708 GLY A O   1 
ATOM   378  N N   . GLY A 1 56  ? -4.511  2.668   -28.365 1.00 32.17 ? 709 GLY A N   1 
ATOM   379  C CA  . GLY A 1 56  ? -3.076  2.710   -28.130 1.00 27.10 ? 709 GLY A CA  1 
ATOM   380  C C   . GLY A 1 56  ? -2.445  1.607   -27.288 1.00 30.42 ? 709 GLY A C   1 
ATOM   381  O O   . GLY A 1 56  ? -3.113  0.693   -26.795 1.00 26.79 ? 709 GLY A O   1 
ATOM   382  N N   . VAL A 1 57  ? -1.133  1.730   -27.111 1.00 27.55 ? 710 VAL A N   1 
ATOM   383  C CA  . VAL A 1 57  ? -0.285  0.707   -26.502 1.00 24.29 ? 710 VAL A CA  1 
ATOM   384  C C   . VAL A 1 57  ? -0.548  0.425   -25.021 1.00 28.90 ? 710 VAL A C   1 
ATOM   385  O O   . VAL A 1 57  ? -0.461  -0.727  -24.575 1.00 28.43 ? 710 VAL A O   1 
ATOM   386  C CB  . VAL A 1 57  ? 1.208   1.091   -26.681 1.00 25.99 ? 710 VAL A CB  1 
ATOM   387  C CG1 . VAL A 1 57  ? 2.125   0.155   -25.910 1.00 27.47 ? 710 VAL A CG1 1 
ATOM   388  C CG2 . VAL A 1 57  ? 1.562   1.102   -28.161 1.00 27.13 ? 710 VAL A CG2 1 
ATOM   389  N N   . ALA A 1 58  ? -0.834  1.475   -24.257 1.00 25.63 ? 711 ALA A N   1 
ATOM   390  C CA  . ALA A 1 58  ? -1.082  1.332   -22.829 1.00 22.58 ? 711 ALA A CA  1 
ATOM   391  C C   . ALA A 1 58  ? -2.459  0.739   -22.573 1.00 21.87 ? 711 ALA A C   1 
ATOM   392  O O   . ALA A 1 58  ? -2.693  0.121   -21.531 1.00 22.04 ? 711 ALA A O   1 
ATOM   393  C CB  . ALA A 1 58  ? -0.937  2.665   -22.133 1.00 22.10 ? 711 ALA A CB  1 
ATOM   394  N N   . TRP A 1 59  ? -3.370  0.904   -23.525 1.00 17.77 ? 712 TRP A N   1 
ATOM   395  C CA  . TRP A 1 59  ? -4.688  0.302   -23.383 1.00 24.59 ? 712 TRP A CA  1 
ATOM   396  C C   . TRP A 1 59  ? -4.629  -1.217  -23.574 1.00 26.99 ? 712 TRP A C   1 
ATOM   397  O O   . TRP A 1 59  ? -5.193  -1.965  -22.777 1.00 25.24 ? 712 TRP A O   1 
ATOM   398  C CB  . TRP A 1 59  ? -5.677  0.913   -24.364 1.00 24.85 ? 712 TRP A CB  1 
ATOM   399  C CG  . TRP A 1 59  ? -7.124  0.758   -23.972 1.00 25.72 ? 712 TRP A CG  1 
ATOM   400  C CD1 . TRP A 1 59  ? -7.878  1.633   -23.238 1.00 27.70 ? 712 TRP A CD1 1 
ATOM   401  C CD2 . TRP A 1 59  ? -7.990  -0.321  -24.310 1.00 23.23 ? 712 TRP A CD2 1 
ATOM   402  N NE1 . TRP A 1 59  ? -9.163  1.163   -23.100 1.00 26.23 ? 712 TRP A NE1 1 
ATOM   403  C CE2 . TRP A 1 59  ? -9.255  -0.050  -23.751 1.00 23.54 ? 712 TRP A CE2 1 
ATOM   404  C CE3 . TRP A 1 59  ? -7.825  -1.499  -25.043 1.00 21.15 ? 712 TRP A CE3 1 
ATOM   405  C CZ2 . TRP A 1 59  ? -10.340 -0.892  -23.895 1.00 25.94 ? 712 TRP A CZ2 1 
ATOM   406  C CZ3 . TRP A 1 59  ? -8.903  -2.350  -25.179 1.00 28.70 ? 712 TRP A CZ3 1 
ATOM   407  C CH2 . TRP A 1 59  ? -10.144 -2.045  -24.608 1.00 32.39 ? 712 TRP A CH2 1 
ATOM   408  N N   . ARG A 1 60  ? -3.936  -1.664  -24.618 1.00 24.97 ? 713 ARG A N   1 
ATOM   409  C CA  . ARG A 1 60  ? -3.860  -3.093  -24.932 1.00 28.01 ? 713 ARG A CA  1 
ATOM   410  C C   . ARG A 1 60  ? -3.150  -3.871  -23.836 1.00 24.95 ? 713 ARG A C   1 
ATOM   411  O O   . ARG A 1 60  ? -3.354  -5.068  -23.689 1.00 30.75 ? 713 ARG A O   1 
ATOM   412  C CB  . ARG A 1 60  ? -3.187  -3.342  -26.288 1.00 26.24 ? 713 ARG A CB  1 
ATOM   413  C CG  . ARG A 1 60  ? -3.833  -2.580  -27.442 1.00 32.02 ? 713 ARG A CG  1 
ATOM   414  C CD  . ARG A 1 60  ? -3.348  -3.077  -28.814 1.00 35.16 ? 713 ARG A CD  1 
ATOM   415  N NE  . ARG A 1 60  ? -1.891  -3.244  -28.891 1.00 40.29 ? 713 ARG A NE  1 
ATOM   416  C CZ  . ARG A 1 60  ? -1.045  -2.334  -29.382 1.00 40.40 ? 713 ARG A CZ  1 
ATOM   417  N NH1 . ARG A 1 60  ? -1.518  -1.168  -29.838 1.00 30.43 ? 713 ARG A NH1 1 
ATOM   418  N NH2 . ARG A 1 60  ? 0.272   -2.591  -29.411 1.00 27.44 ? 713 ARG A NH2 1 
ATOM   419  N N   . ALA A 1 61  ? -2.342  -3.179  -23.042 1.00 28.42 ? 714 ALA A N   1 
ATOM   420  C CA  . ALA A 1 61  ? -1.651  -3.815  -21.927 1.00 23.47 ? 714 ALA A CA  1 
ATOM   421  C C   . ALA A 1 61  ? -2.479  -3.803  -20.639 1.00 23.15 ? 714 ALA A C   1 
ATOM   422  O O   . ALA A 1 61  ? -2.058  -4.366  -19.643 1.00 26.98 ? 714 ALA A O   1 
ATOM   423  C CB  . ALA A 1 61  ? -0.305  -3.160  -21.701 1.00 21.47 ? 714 ALA A CB  1 
ATOM   424  N N   . GLY A 1 62  ? -3.644  -3.152  -20.668 1.00 22.14 ? 715 GLY A N   1 
ATOM   425  C CA  . GLY A 1 62  ? -4.569  -3.151  -19.545 1.00 17.79 ? 715 GLY A CA  1 
ATOM   426  C C   . GLY A 1 62  ? -4.680  -1.853  -18.744 1.00 24.22 ? 715 GLY A C   1 
ATOM   427  O O   . GLY A 1 62  ? -5.457  -1.773  -17.791 1.00 21.00 ? 715 GLY A O   1 
ATOM   428  N N   . LEU A 1 63  ? -3.917  -0.828  -19.109 1.00 18.36 ? 716 LEU A N   1 
ATOM   429  C CA  . LEU A 1 63  ? -4.029  0.447   -18.406 1.00 21.18 ? 716 LEU A CA  1 
ATOM   430  C C   . LEU A 1 63  ? -5.341  1.184   -18.733 1.00 22.64 ? 716 LEU A C   1 
ATOM   431  O O   . LEU A 1 63  ? -5.790  1.197   -19.883 1.00 22.23 ? 716 LEU A O   1 
ATOM   432  C CB  . LEU A 1 63  ? -2.831  1.340   -18.715 1.00 17.64 ? 716 LEU A CB  1 
ATOM   433  C CG  . LEU A 1 63  ? -1.445  0.771   -18.449 1.00 16.20 ? 716 LEU A CG  1 
ATOM   434  C CD1 . LEU A 1 63  ? -0.380  1.818   -18.736 1.00 19.29 ? 716 LEU A CD1 1 
ATOM   435  C CD2 . LEU A 1 63  ? -1.326  0.251   -17.022 1.00 18.79 ? 716 LEU A CD2 1 
ATOM   436  N N   . ARG A 1 64  ? -5.951  1.792   -17.719 1.00 20.59 ? 717 ARG A N   1 
ATOM   437  C CA  . ARG A 1 64  ? -7.220  2.499   -17.894 1.00 22.47 ? 717 ARG A CA  1 
ATOM   438  C C   . ARG A 1 64  ? -7.253  3.845   -17.145 1.00 22.78 ? 717 ARG A C   1 
ATOM   439  O O   . ARG A 1 64  ? -6.493  4.052   -16.191 1.00 18.57 ? 717 ARG A O   1 
ATOM   440  C CB  . ARG A 1 64  ? -8.380  1.616   -17.423 1.00 19.96 ? 717 ARG A CB  1 
ATOM   441  C CG  . ARG A 1 64  ? -8.479  0.250   -18.127 1.00 23.34 ? 717 ARG A CG  1 
ATOM   442  C CD  . ARG A 1 64  ? -9.237  0.335   -19.462 1.00 19.75 ? 717 ARG A CD  1 
ATOM   443  N NE  . ARG A 1 64  ? -9.521  -0.984  -20.034 1.00 25.23 ? 717 ARG A NE  1 
ATOM   444  C CZ  . ARG A 1 64  ? -8.679  -1.665  -20.813 1.00 26.04 ? 717 ARG A CZ  1 
ATOM   445  N NH1 . ARG A 1 64  ? -7.493  -1.156  -21.126 1.00 21.85 ? 717 ARG A NH1 1 
ATOM   446  N NH2 . ARG A 1 64  ? -9.020  -2.860  -21.278 1.00 22.60 ? 717 ARG A NH2 1 
ATOM   447  N N   . MET A 1 65  ? -8.125  4.752   -17.591 1.00 19.19 ? 718 MET A N   1 
ATOM   448  C CA  . MET A 1 65  ? -8.408  5.990   -16.875 1.00 18.89 ? 718 MET A CA  1 
ATOM   449  C C   . MET A 1 65  ? -8.492  5.706   -15.399 1.00 20.07 ? 718 MET A C   1 
ATOM   450  O O   . MET A 1 65  ? -9.187  4.779   -14.998 1.00 18.03 ? 718 MET A O   1 
ATOM   451  C CB  . MET A 1 65  ? -9.796  6.491   -17.251 1.00 22.16 ? 718 MET A CB  1 
ATOM   452  C CG  . MET A 1 65  ? -9.880  7.522   -18.321 1.00 23.14 ? 718 MET A CG  1 
ATOM   453  S SD  . MET A 1 65  ? -11.597 8.042   -18.384 1.00 22.01 ? 718 MET A SD  1 
ATOM   454  C CE  . MET A 1 65  ? -12.384 6.535   -18.997 1.00 22.62 ? 718 MET A CE  1 
ATOM   455  N N   . GLY A 1 66  ? -7.832  6.517   -14.581 1.00 18.80 ? 719 GLY A N   1 
ATOM   456  C CA  . GLY A 1 66  ? -8.017  6.403   -13.145 1.00 21.88 ? 719 GLY A CA  1 
ATOM   457  C C   . GLY A 1 66  ? -7.068  5.468   -12.420 1.00 18.09 ? 719 GLY A C   1 
ATOM   458  O O   . GLY A 1 66  ? -7.088  5.392   -11.192 1.00 17.96 ? 719 GLY A O   1 
ATOM   459  N N   . ASP A 1 67  ? -6.252  4.734   -13.173 1.00 20.81 ? 720 ASP A N   1 
ATOM   460  C CA  . ASP A 1 67  ? -5.184  3.950   -12.565 1.00 19.12 ? 720 ASP A CA  1 
ATOM   461  C C   . ASP A 1 67  ? -4.265  4.910   -11.828 1.00 20.26 ? 720 ASP A C   1 
ATOM   462  O O   . ASP A 1 67  ? -3.864  5.932   -12.377 1.00 19.29 ? 720 ASP A O   1 
ATOM   463  C CB  . ASP A 1 67  ? -4.388  3.158   -13.612 1.00 17.57 ? 720 ASP A CB  1 
ATOM   464  C CG  . ASP A 1 67  ? -5.017  1.795   -13.927 1.00 21.19 ? 720 ASP A CG  1 
ATOM   465  O OD1 . ASP A 1 67  ? -5.872  1.335   -13.146 1.00 23.26 ? 720 ASP A OD1 1 
ATOM   466  O OD2 . ASP A 1 67  ? -4.661  1.180   -14.955 1.00 19.46 ? 720 ASP A OD2 1 
ATOM   467  N N   . PHE A 1 68  ? -3.946  4.592   -10.579 1.00 21.63 ? 721 PHE A N   1 
ATOM   468  C CA  . PHE A 1 68  ? -2.921  5.328   -9.844  1.00 20.17 ? 721 PHE A CA  1 
ATOM   469  C C   . PHE A 1 68  ? -1.569  4.686   -10.125 1.00 17.66 ? 721 PHE A C   1 
ATOM   470  O O   . PHE A 1 68  ? -1.478  3.469   -10.188 1.00 22.86 ? 721 PHE A O   1 
ATOM   471  C CB  . PHE A 1 68  ? -3.211  5.283   -8.347  1.00 18.12 ? 721 PHE A CB  1 
ATOM   472  C CG  . PHE A 1 68  ? -4.416  6.080   -7.936  1.00 17.72 ? 721 PHE A CG  1 
ATOM   473  C CD1 . PHE A 1 68  ? -5.645  5.471   -7.785  1.00 17.92 ? 721 PHE A CD1 1 
ATOM   474  C CD2 . PHE A 1 68  ? -4.313  7.443   -7.685  1.00 20.33 ? 721 PHE A CD2 1 
ATOM   475  C CE1 . PHE A 1 68  ? -6.751  6.205   -7.398  1.00 21.68 ? 721 PHE A CE1 1 
ATOM   476  C CE2 . PHE A 1 68  ? -5.415  8.175   -7.298  1.00 21.08 ? 721 PHE A CE2 1 
ATOM   477  C CZ  . PHE A 1 68  ? -6.631  7.552   -7.153  1.00 18.89 ? 721 PHE A CZ  1 
ATOM   478  N N   . LEU A 1 69  ? -0.530  5.495   -10.296 1.00 17.51 ? 722 LEU A N   1 
ATOM   479  C CA  . LEU A 1 69  ? 0.815   4.980   -10.568 1.00 20.39 ? 722 LEU A CA  1 
ATOM   480  C C   . LEU A 1 69  ? 1.530   4.701   -9.252  1.00 22.79 ? 722 LEU A C   1 
ATOM   481  O O   . LEU A 1 69  ? 1.737   5.612   -8.451  1.00 23.43 ? 722 LEU A O   1 
ATOM   482  C CB  . LEU A 1 69  ? 1.642   5.973   -11.393 1.00 17.24 ? 722 LEU A CB  1 
ATOM   483  C CG  . LEU A 1 69  ? 1.939   5.684   -12.874 1.00 27.56 ? 722 LEU A CG  1 
ATOM   484  C CD1 . LEU A 1 69  ? 0.686   5.800   -13.728 1.00 19.95 ? 722 LEU A CD1 1 
ATOM   485  C CD2 . LEU A 1 69  ? 3.035   6.610   -13.420 1.00 19.46 ? 722 LEU A CD2 1 
ATOM   486  N N   . ILE A 1 70  ? 1.889   3.440   -9.031  1.00 18.48 ? 723 ILE A N   1 
ATOM   487  C CA  . ILE A 1 70  ? 2.590   3.033   -7.817  1.00 21.04 ? 723 ILE A CA  1 
ATOM   488  C C   . ILE A 1 70  ? 4.098   2.885   -8.051  1.00 22.05 ? 723 ILE A C   1 
ATOM   489  O O   . ILE A 1 70  ? 4.895   3.313   -7.230  1.00 23.90 ? 723 ILE A O   1 
ATOM   490  C CB  . ILE A 1 70  ? 2.032   1.705   -7.261  1.00 22.34 ? 723 ILE A CB  1 
ATOM   491  C CG1 . ILE A 1 70  ? 0.516   1.794   -7.103  1.00 20.97 ? 723 ILE A CG1 1 
ATOM   492  C CG2 . ILE A 1 70  ? 2.688   1.369   -5.943  1.00 23.95 ? 723 ILE A CG2 1 
ATOM   493  C CD1 . ILE A 1 70  ? 0.053   3.040   -6.375  1.00 20.26 ? 723 ILE A CD1 1 
ATOM   494  N N   . GLU A 1 71  ? 4.486   2.276   -9.168  1.00 18.79 ? 724 GLU A N   1 
ATOM   495  C CA  . GLU A 1 71  ? 5.903   2.041   -9.451  1.00 24.73 ? 724 GLU A CA  1 
ATOM   496  C C   . GLU A 1 71  ? 6.203   2.219   -10.926 1.00 22.95 ? 724 GLU A C   1 
ATOM   497  O O   . GLU A 1 71  ? 5.508   1.670   -11.783 1.00 27.23 ? 724 GLU A O   1 
ATOM   498  C CB  . GLU A 1 71  ? 6.341   0.619   -9.062  1.00 24.89 ? 724 GLU A CB  1 
ATOM   499  C CG  . GLU A 1 71  ? 6.156   0.242   -7.601  1.00 25.43 ? 724 GLU A CG  1 
ATOM   500  C CD  . GLU A 1 71  ? 6.781   -1.110  -7.259  1.00 38.23 ? 724 GLU A CD  1 
ATOM   501  O OE1 . GLU A 1 71  ? 7.205   -1.841  -8.191  1.00 33.13 ? 724 GLU A OE1 1 
ATOM   502  O OE2 . GLU A 1 71  ? 6.839   -1.435  -6.052  1.00 38.27 ? 724 GLU A OE2 1 
ATOM   503  N N   . VAL A 1 72  ? 7.266   2.954   -11.216 1.00 21.21 ? 725 VAL A N   1 
ATOM   504  C CA  . VAL A 1 72  ? 7.718   3.129   -12.581 1.00 22.94 ? 725 VAL A CA  1 
ATOM   505  C C   . VAL A 1 72  ? 9.076   2.455   -12.723 1.00 27.88 ? 725 VAL A C   1 
ATOM   506  O O   . VAL A 1 72  ? 10.011  2.767   -11.983 1.00 28.67 ? 725 VAL A O   1 
ATOM   507  C CB  . VAL A 1 72  ? 7.806   4.627   -12.959 1.00 25.15 ? 725 VAL A CB  1 
ATOM   508  C CG1 . VAL A 1 72  ? 8.641   4.827   -14.212 1.00 21.14 ? 725 VAL A CG1 1 
ATOM   509  C CG2 . VAL A 1 72  ? 6.397   5.213   -13.140 1.00 24.96 ? 725 VAL A CG2 1 
ATOM   510  N N   . ASN A 1 73  ? 9.164   1.518   -13.666 1.00 26.61 ? 726 ASN A N   1 
ATOM   511  C CA  . ASN A 1 73  ? 10.392  0.785   -13.954 1.00 31.06 ? 726 ASN A CA  1 
ATOM   512  C C   . ASN A 1 73  ? 11.005  0.112   -12.723 1.00 31.96 ? 726 ASN A C   1 
ATOM   513  O O   . ASN A 1 73  ? 12.198  -0.160  -12.696 1.00 37.56 ? 726 ASN A O   1 
ATOM   514  C CB  . ASN A 1 73  ? 11.418  1.704   -14.625 1.00 30.13 ? 726 ASN A CB  1 
ATOM   515  C CG  . ASN A 1 73  ? 10.940  2.244   -15.969 1.00 29.75 ? 726 ASN A CG  1 
ATOM   516  O OD1 . ASN A 1 73  ? 11.203  3.396   -16.317 1.00 33.88 ? 726 ASN A OD1 1 
ATOM   517  N ND2 . ASN A 1 73  ? 10.239  1.412   -16.730 1.00 30.00 ? 726 ASN A ND2 1 
ATOM   518  N N   . GLY A 1 74  ? 10.185  -0.146  -11.707 1.00 31.39 ? 727 GLY A N   1 
ATOM   519  C CA  . GLY A 1 74  ? 10.639  -0.832  -10.511 1.00 32.13 ? 727 GLY A CA  1 
ATOM   520  C C   . GLY A 1 74  ? 10.775  0.041   -9.272  1.00 42.05 ? 727 GLY A C   1 
ATOM   521  O O   . GLY A 1 74  ? 11.091  -0.471  -8.191  1.00 39.64 ? 727 GLY A O   1 
ATOM   522  N N   . GLN A 1 75  ? 10.536  1.348   -9.414  1.00 35.28 ? 728 GLN A N   1 
ATOM   523  C CA  . GLN A 1 75  ? 10.732  2.289   -8.306  1.00 33.45 ? 728 GLN A CA  1 
ATOM   524  C C   . GLN A 1 75  ? 9.452   2.954   -7.812  1.00 29.20 ? 728 GLN A C   1 
ATOM   525  O O   . GLN A 1 75  ? 8.629   3.389   -8.607  1.00 29.32 ? 728 GLN A O   1 
ATOM   526  C CB  . GLN A 1 75  ? 11.730  3.370   -8.703  1.00 36.41 ? 728 GLN A CB  1 
ATOM   527  C CG  . GLN A 1 75  ? 12.279  4.156   -7.533  1.00 42.58 ? 728 GLN A CG  1 
ATOM   528  C CD  . GLN A 1 75  ? 13.508  4.970   -7.911  1.00 57.30 ? 728 GLN A CD  1 
ATOM   529  O OE1 . GLN A 1 75  ? 13.900  5.021   -9.080  1.00 51.84 ? 728 GLN A OE1 1 
ATOM   530  N NE2 . GLN A 1 75  ? 14.125  5.608   -6.918  1.00 53.96 ? 728 GLN A NE2 1 
ATOM   531  N N   . ASN A 1 76  ? 9.296   3.046   -6.494  1.00 27.98 ? 729 ASN A N   1 
ATOM   532  C CA  . ASN A 1 76  ? 8.101   3.641   -5.899  1.00 28.06 ? 729 ASN A CA  1 
ATOM   533  C C   . ASN A 1 76  ? 7.945   5.121   -6.256  1.00 30.58 ? 729 ASN A C   1 
ATOM   534  O O   . ASN A 1 76  ? 8.858   5.925   -6.051  1.00 29.35 ? 729 ASN A O   1 
ATOM   535  C CB  . ASN A 1 76  ? 8.113   3.465   -4.379  1.00 25.48 ? 729 ASN A CB  1 
ATOM   536  C CG  . ASN A 1 76  ? 6.749   3.693   -3.754  1.00 28.24 ? 729 ASN A CG  1 
ATOM   537  O OD1 . ASN A 1 76  ? 6.195   4.786   -3.827  1.00 25.74 ? 729 ASN A OD1 1 
ATOM   538  N ND2 . ASN A 1 76  ? 6.195   2.653   -3.139  1.00 32.92 ? 729 ASN A ND2 1 
ATOM   539  N N   . VAL A 1 77  ? 6.783   5.475   -6.793  1.00 27.42 ? 730 VAL A N   1 
ATOM   540  C CA  . VAL A 1 77  ? 6.525   6.846   -7.206  1.00 23.70 ? 730 VAL A CA  1 
ATOM   541  C C   . VAL A 1 77  ? 5.234   7.353   -6.577  1.00 22.88 ? 730 VAL A C   1 
ATOM   542  O O   . VAL A 1 77  ? 4.626   8.296   -7.062  1.00 23.97 ? 730 VAL A O   1 
ATOM   543  C CB  . VAL A 1 77  ? 6.444   6.964   -8.730  1.00 24.64 ? 730 VAL A CB  1 
ATOM   544  C CG1 . VAL A 1 77  ? 7.798   6.705   -9.345  1.00 28.23 ? 730 VAL A CG1 1 
ATOM   545  C CG2 . VAL A 1 77  ? 5.403   5.986   -9.287  1.00 23.76 ? 730 VAL A CG2 1 
ATOM   546  N N   . VAL A 1 78  ? 4.822   6.699   -5.500  1.00 24.61 ? 731 VAL A N   1 
ATOM   547  C CA  . VAL A 1 78  ? 3.683   7.132   -4.713  1.00 25.02 ? 731 VAL A CA  1 
ATOM   548  C C   . VAL A 1 78  ? 3.806   8.599   -4.263  1.00 27.47 ? 731 VAL A C   1 
ATOM   549  O O   . VAL A 1 78  ? 2.843   9.362   -4.348  1.00 21.92 ? 731 VAL A O   1 
ATOM   550  C CB  . VAL A 1 78  ? 3.529   6.247   -3.471  1.00 23.51 ? 731 VAL A CB  1 
ATOM   551  C CG1 . VAL A 1 78  ? 2.393   6.760   -2.583  1.00 23.60 ? 731 VAL A CG1 1 
ATOM   552  C CG2 . VAL A 1 78  ? 3.285   4.809   -3.877  1.00 28.33 ? 731 VAL A CG2 1 
ATOM   553  N N   . LYS A 1 79  ? 4.986   8.977   -3.777  1.00 31.41 ? 732 LYS A N   1 
ATOM   554  C CA  . LYS A 1 79  ? 5.200   10.317  -3.232  1.00 33.21 ? 732 LYS A CA  1 
ATOM   555  C C   . LYS A 1 79  ? 5.973   11.225  -4.182  1.00 29.12 ? 732 LYS A C   1 
ATOM   556  O O   . LYS A 1 79  ? 6.279   12.351  -3.828  1.00 35.77 ? 732 LYS A O   1 
ATOM   557  C CB  . LYS A 1 79  ? 5.954   10.248  -1.898  1.00 33.29 ? 732 LYS A CB  1 
ATOM   558  C CG  . LYS A 1 79  ? 5.067   10.142  -0.673  1.00 37.60 ? 732 LYS A CG  1 
ATOM   559  C CD  . LYS A 1 79  ? 5.496   11.101  0.438   1.00 37.82 ? 732 LYS A CD  1 
ATOM   560  C CE  . LYS A 1 79  ? 5.039   12.540  0.142   1.00 54.90 ? 732 LYS A CE  1 
ATOM   561  N NZ  . LYS A 1 79  ? 5.382   13.536  1.213   1.00 47.69 ? 732 LYS A NZ  1 
ATOM   562  N N   . VAL A 1 80  ? 6.293   10.739  -5.377  1.00 28.60 ? 733 VAL A N   1 
ATOM   563  C CA  . VAL A 1 80  ? 7.131   11.491  -6.308  1.00 25.27 ? 733 VAL A CA  1 
ATOM   564  C C   . VAL A 1 80  ? 6.333   12.511  -7.128  1.00 30.93 ? 733 VAL A C   1 
ATOM   565  O O   . VAL A 1 80  ? 5.135   12.330  -7.379  1.00 30.40 ? 733 VAL A O   1 
ATOM   566  C CB  . VAL A 1 80  ? 7.907   10.557  -7.242  1.00 27.43 ? 733 VAL A CB  1 
ATOM   567  C CG1 . VAL A 1 80  ? 8.783   11.348  -8.168  1.00 27.09 ? 733 VAL A CG1 1 
ATOM   568  C CG2 . VAL A 1 80  ? 8.740   9.562   -6.426  1.00 27.47 ? 733 VAL A CG2 1 
ATOM   569  N N   . GLY A 1 81  ? 7.007   13.591  -7.523  1.00 32.37 ? 734 GLY A N   1 
ATOM   570  C CA  . GLY A 1 81  ? 6.367   14.721  -8.176  1.00 24.69 ? 734 GLY A CA  1 
ATOM   571  C C   . GLY A 1 81  ? 6.269   14.522  -9.670  1.00 26.44 ? 734 GLY A C   1 
ATOM   572  O O   . GLY A 1 81  ? 7.002   13.717  -10.250 1.00 30.44 ? 734 GLY A O   1 
ATOM   573  N N   . HIS A 1 82  ? 5.371   15.266  -10.303 1.00 27.34 ? 735 HIS A N   1 
ATOM   574  C CA  . HIS A 1 82  ? 5.047   15.009  -11.699 1.00 28.05 ? 735 HIS A CA  1 
ATOM   575  C C   . HIS A 1 82  ? 6.254   15.016  -12.622 1.00 25.68 ? 735 HIS A C   1 
ATOM   576  O O   . HIS A 1 82  ? 6.378   14.149  -13.481 1.00 24.59 ? 735 HIS A O   1 
ATOM   577  C CB  . HIS A 1 82  ? 3.982   15.971  -12.231 1.00 22.84 ? 735 HIS A CB  1 
ATOM   578  C CG  . HIS A 1 82  ? 3.497   15.604  -13.597 1.00 23.41 ? 735 HIS A CG  1 
ATOM   579  N ND1 . HIS A 1 82  ? 2.435   14.747  -13.804 1.00 25.44 ? 735 HIS A ND1 1 
ATOM   580  C CD2 . HIS A 1 82  ? 3.954   15.932  -14.824 1.00 24.91 ? 735 HIS A CD2 1 
ATOM   581  C CE1 . HIS A 1 82  ? 2.249   14.583  -15.098 1.00 22.51 ? 735 HIS A CE1 1 
ATOM   582  N NE2 . HIS A 1 82  ? 3.159   15.294  -15.745 1.00 26.43 ? 735 HIS A NE2 1 
ATOM   583  N N   . ARG A 1 83  ? 7.131   16.002  -12.456 1.00 30.92 ? 736 ARG A N   1 
ATOM   584  C CA  . ARG A 1 83  ? 8.263   16.177  -13.365 1.00 31.18 ? 736 ARG A CA  1 
ATOM   585  C C   . ARG A 1 83  ? 9.262   15.030  -13.244 1.00 29.77 ? 736 ARG A C   1 
ATOM   586  O O   . ARG A 1 83  ? 9.887   14.630  -14.223 1.00 30.71 ? 736 ARG A O   1 
ATOM   587  C CB  . ARG A 1 83  ? 8.976   17.512  -13.118 1.00 28.08 ? 736 ARG A CB  1 
ATOM   588  C CG  . ARG A 1 83  ? 10.237  17.697  -13.980 1.00 30.04 ? 736 ARG A CG  1 
ATOM   589  C CD  . ARG A 1 83  ? 11.190  18.758  -13.414 1.00 39.82 ? 736 ARG A CD  1 
ATOM   590  N NE  . ARG A 1 83  ? 11.775  18.343  -12.137 1.00 47.32 ? 736 ARG A NE  1 
ATOM   591  C CZ  . ARG A 1 83  ? 12.951  17.734  -12.003 1.00 49.52 ? 736 ARG A CZ  1 
ATOM   592  N NH1 . ARG A 1 83  ? 13.701  17.472  -13.068 1.00 49.04 ? 736 ARG A NH1 1 
ATOM   593  N NH2 . ARG A 1 83  ? 13.382  17.388  -10.795 1.00 50.89 ? 736 ARG A NH2 1 
ATOM   594  N N   . GLN A 1 84  ? 9.420   14.509  -12.036 1.00 29.95 ? 737 GLN A N   1 
ATOM   595  C CA  . GLN A 1 84  ? 10.362  13.418  -11.823 1.00 37.88 ? 737 GLN A CA  1 
ATOM   596  C C   . GLN A 1 84  ? 9.797   12.103  -12.347 1.00 33.06 ? 737 GLN A C   1 
ATOM   597  O O   . GLN A 1 84  ? 10.508  11.344  -12.998 1.00 34.98 ? 737 GLN A O   1 
ATOM   598  C CB  . GLN A 1 84  ? 10.750  13.308  -10.351 1.00 40.31 ? 737 GLN A CB  1 
ATOM   599  C CG  . GLN A 1 84  ? 11.852  12.302  -10.080 1.00 53.70 ? 737 GLN A CG  1 
ATOM   600  C CD  . GLN A 1 84  ? 12.391  12.404  -8.661  1.00 65.03 ? 737 GLN A CD  1 
ATOM   601  O OE1 . GLN A 1 84  ? 12.455  13.495  -8.083  1.00 65.75 ? 737 GLN A OE1 1 
ATOM   602  N NE2 . GLN A 1 84  ? 12.779  11.263  -8.089  1.00 58.78 ? 737 GLN A NE2 1 
ATOM   603  N N   . VAL A 1 85  ? 8.516   11.842  -12.093 1.00 30.91 ? 738 VAL A N   1 
ATOM   604  C CA  . VAL A 1 85  ? 7.895   10.633  -12.637 1.00 28.57 ? 738 VAL A CA  1 
ATOM   605  C C   . VAL A 1 85  ? 7.922   10.637  -14.165 1.00 29.06 ? 738 VAL A C   1 
ATOM   606  O O   . VAL A 1 85  ? 8.212   9.621   -14.787 1.00 29.93 ? 738 VAL A O   1 
ATOM   607  C CB  . VAL A 1 85  ? 6.444   10.447  -12.158 1.00 30.15 ? 738 VAL A CB  1 
ATOM   608  C CG1 . VAL A 1 85  ? 5.811   9.239   -12.851 1.00 26.84 ? 738 VAL A CG1 1 
ATOM   609  C CG2 . VAL A 1 85  ? 6.398   10.285  -10.646 1.00 24.30 ? 738 VAL A CG2 1 
ATOM   610  N N   . VAL A 1 86  ? 7.616   11.781  -14.768 1.00 31.12 ? 739 VAL A N   1 
ATOM   611  C CA  . VAL A 1 86  ? 7.670   11.908  -16.221 1.00 29.67 ? 739 VAL A CA  1 
ATOM   612  C C   . VAL A 1 86  ? 9.082   11.628  -16.727 1.00 34.15 ? 739 VAL A C   1 
ATOM   613  O O   . VAL A 1 86  ? 9.264   11.051  -17.797 1.00 32.37 ? 739 VAL A O   1 
ATOM   614  C CB  . VAL A 1 86  ? 7.252   13.313  -16.689 1.00 27.49 ? 739 VAL A CB  1 
ATOM   615  C CG1 . VAL A 1 86  ? 7.857   13.614  -18.044 1.00 28.50 ? 739 VAL A CG1 1 
ATOM   616  C CG2 . VAL A 1 86  ? 5.733   13.443  -16.738 1.00 26.78 ? 739 VAL A CG2 1 
ATOM   617  N N   . ASN A 1 87  ? 10.079  12.053  -15.954 1.00 37.19 ? 740 ASN A N   1 
ATOM   618  C CA  . ASN A 1 87  ? 11.480  11.830  -16.307 1.00 36.95 ? 740 ASN A CA  1 
ATOM   619  C C   . ASN A 1 87  ? 11.874  10.346  -16.287 1.00 33.76 ? 740 ASN A C   1 
ATOM   620  O O   . ASN A 1 87  ? 12.445  9.846   -17.259 1.00 33.17 ? 740 ASN A O   1 
ATOM   621  C CB  . ASN A 1 87  ? 12.407  12.649  -15.400 1.00 36.88 ? 740 ASN A CB  1 
ATOM   622  C CG  . ASN A 1 87  ? 12.745  14.010  -15.984 1.00 45.68 ? 740 ASN A CG  1 
ATOM   623  O OD1 . ASN A 1 87  ? 13.879  14.255  -16.400 1.00 52.38 ? 740 ASN A OD1 1 
ATOM   624  N ND2 . ASN A 1 87  ? 11.761  14.905  -16.020 1.00 45.17 ? 740 ASN A ND2 1 
ATOM   625  N N   . MET A 1 88  ? 11.585  9.656   -15.184 1.00 30.11 ? 741 MET A N   1 
ATOM   626  C CA  . MET A 1 88  ? 11.797  8.202   -15.111 1.00 34.80 ? 741 MET A CA  1 
ATOM   627  C C   . MET A 1 88  ? 11.163  7.515   -16.318 1.00 33.11 ? 741 MET A C   1 
ATOM   628  O O   . MET A 1 88  ? 11.780  6.662   -16.951 1.00 38.44 ? 741 MET A O   1 
ATOM   629  C CB  . MET A 1 88  ? 11.228  7.612   -13.811 1.00 31.90 ? 741 MET A CB  1 
ATOM   630  C CG  . MET A 1 88  ? 11.865  8.151   -12.534 1.00 32.98 ? 741 MET A CG  1 
ATOM   631  S SD  . MET A 1 88  ? 10.887  7.829   -11.041 1.00 39.19 ? 741 MET A SD  1 
ATOM   632  C CE  . MET A 1 88  ? 10.695  6.055   -11.169 1.00 39.30 ? 741 MET A CE  1 
ATOM   633  N N   . ILE A 1 89  ? 9.932   7.895   -16.639 1.00 32.71 ? 742 ILE A N   1 
ATOM   634  C CA  . ILE A 1 89  ? 9.231   7.315   -17.774 1.00 29.70 ? 742 ILE A CA  1 
ATOM   635  C C   . ILE A 1 89  ? 9.947   7.601   -19.085 1.00 29.82 ? 742 ILE A C   1 
ATOM   636  O O   . ILE A 1 89  ? 9.963   6.764   -19.988 1.00 28.90 ? 742 ILE A O   1 
ATOM   637  C CB  . ILE A 1 89  ? 7.789   7.844   -17.858 1.00 27.92 ? 742 ILE A CB  1 
ATOM   638  C CG1 . ILE A 1 89  ? 6.952   7.248   -16.725 1.00 27.74 ? 742 ILE A CG1 1 
ATOM   639  C CG2 . ILE A 1 89  ? 7.175   7.534   -19.215 1.00 26.55 ? 742 ILE A CG2 1 
ATOM   640  C CD1 . ILE A 1 89  ? 5.586   7.872   -16.584 1.00 20.03 ? 742 ILE A CD1 1 
ATOM   641  N N   . ARG A 1 90  ? 10.525  8.793   -19.201 1.00 34.03 ? 743 ARG A N   1 
ATOM   642  C CA  . ARG A 1 90  ? 11.186  9.189   -20.447 1.00 32.03 ? 743 ARG A CA  1 
ATOM   643  C C   . ARG A 1 90  ? 12.572  8.559   -20.603 1.00 33.13 ? 743 ARG A C   1 
ATOM   644  O O   . ARG A 1 90  ? 13.006  8.263   -21.721 1.00 28.04 ? 743 ARG A O   1 
ATOM   645  C CB  . ARG A 1 90  ? 11.252  10.706  -20.578 1.00 36.63 ? 743 ARG A CB  1 
ATOM   646  C CG  . ARG A 1 90  ? 9.893   11.355  -20.718 1.00 31.67 ? 743 ARG A CG  1 
ATOM   647  C CD  . ARG A 1 90  ? 9.991   12.656  -21.477 1.00 34.67 ? 743 ARG A CD  1 
ATOM   648  N NE  . ARG A 1 90  ? 8.723   12.992  -22.116 1.00 36.69 ? 743 ARG A NE  1 
ATOM   649  C CZ  . ARG A 1 90  ? 8.113   14.160  -21.984 1.00 34.46 ? 743 ARG A CZ  1 
ATOM   650  N NH1 . ARG A 1 90  ? 8.661   15.111  -21.235 1.00 37.66 ? 743 ARG A NH1 1 
ATOM   651  N NH2 . ARG A 1 90  ? 6.960   14.376  -22.604 1.00 35.75 ? 743 ARG A NH2 1 
ATOM   652  N N   . GLN A 1 91  ? 13.250  8.346   -19.478 1.00 34.75 ? 744 GLN A N   1 
ATOM   653  C CA  . GLN A 1 91  ? 14.512  7.612   -19.464 1.00 32.12 ? 744 GLN A CA  1 
ATOM   654  C C   . GLN A 1 91  ? 14.365  6.206   -20.024 1.00 38.38 ? 744 GLN A C   1 
ATOM   655  O O   . GLN A 1 91  ? 15.257  5.710   -20.711 1.00 40.51 ? 744 GLN A O   1 
ATOM   656  C CB  . GLN A 1 91  ? 15.064  7.530   -18.047 1.00 35.10 ? 744 GLN A CB  1 
ATOM   657  C CG  . GLN A 1 91  ? 15.837  8.765   -17.607 1.00 41.75 ? 744 GLN A CG  1 
ATOM   658  C CD  . GLN A 1 91  ? 16.381  8.627   -16.198 1.00 54.05 ? 744 GLN A CD  1 
ATOM   659  O OE1 . GLN A 1 91  ? 16.957  9.566   -15.646 1.00 59.91 ? 744 GLN A OE1 1 
ATOM   660  N NE2 . GLN A 1 91  ? 16.196  7.447   -15.605 1.00 56.18 ? 744 GLN A NE2 1 
ATOM   661  N N   . GLY A 1 92  ? 13.236  5.568   -19.726 1.00 35.79 ? 745 GLY A N   1 
ATOM   662  C CA  . GLY A 1 92  ? 13.008  4.187   -20.118 1.00 33.16 ? 745 GLY A CA  1 
ATOM   663  C C   . GLY A 1 92  ? 12.982  3.947   -21.615 1.00 32.24 ? 745 GLY A C   1 
ATOM   664  O O   . GLY A 1 92  ? 13.118  2.810   -22.066 1.00 34.83 ? 745 GLY A O   1 
ATOM   665  N N   . GLY A 1 93  ? 12.806  5.012   -22.391 1.00 37.51 ? 746 GLY A N   1 
ATOM   666  C CA  . GLY A 1 93  ? 12.779  4.907   -23.840 1.00 34.98 ? 746 GLY A CA  1 
ATOM   667  C C   . GLY A 1 93  ? 11.499  4.285   -24.371 1.00 33.75 ? 746 GLY A C   1 
ATOM   668  O O   . GLY A 1 93  ? 10.415  4.798   -24.117 1.00 33.26 ? 746 GLY A O   1 
ATOM   669  N N   . ASN A 1 94  ? 11.624  3.171   -25.094 1.00 39.00 ? 747 ASN A N   1 
ATOM   670  C CA  . ASN A 1 94  ? 10.477  2.527   -25.746 1.00 38.53 ? 747 ASN A CA  1 
ATOM   671  C C   . ASN A 1 94  ? 9.819   1.405   -24.955 1.00 32.78 ? 747 ASN A C   1 
ATOM   672  O O   . ASN A 1 94  ? 8.857   0.790   -25.421 1.00 32.84 ? 747 ASN A O   1 
ATOM   673  C CB  . ASN A 1 94  ? 10.857  2.009   -27.135 1.00 35.41 ? 747 ASN A CB  1 
ATOM   674  C CG  . ASN A 1 94  ? 11.251  3.121   -28.074 1.00 44.70 ? 747 ASN A CG  1 
ATOM   675  O OD1 . ASN A 1 94  ? 11.031  4.299   -27.784 1.00 43.58 ? 747 ASN A OD1 1 
ATOM   676  N ND2 . ASN A 1 94  ? 11.826  2.761   -29.213 1.00 47.86 ? 747 ASN A ND2 1 
ATOM   677  N N   . THR A 1 95  ? 10.362  1.125   -23.775 1.00 33.32 ? 748 THR A N   1 
ATOM   678  C CA  . THR A 1 95  ? 9.755   0.175   -22.854 1.00 32.25 ? 748 THR A CA  1 
ATOM   679  C C   . THR A 1 95  ? 9.551   0.835   -21.498 1.00 31.57 ? 748 THR A C   1 
ATOM   680  O O   . THR A 1 95  ? 10.331  1.690   -21.088 1.00 35.50 ? 748 THR A O   1 
ATOM   681  C CB  . THR A 1 95  ? 10.598  -1.128  -22.685 1.00 35.49 ? 748 THR A CB  1 
ATOM   682  O OG1 . THR A 1 95  ? 11.992  -0.812  -22.674 1.00 37.31 ? 748 THR A OG1 1 
ATOM   683  C CG2 . THR A 1 95  ? 10.336  -2.086  -23.817 1.00 34.56 ? 748 THR A CG2 1 
ATOM   684  N N   . LEU A 1 96  ? 8.491   0.430   -20.813 1.00 27.85 ? 749 LEU A N   1 
ATOM   685  C CA  . LEU A 1 96  ? 8.150   0.952   -19.503 1.00 24.49 ? 749 LEU A CA  1 
ATOM   686  C C   . LEU A 1 96  ? 7.484   -0.159  -18.700 1.00 25.26 ? 749 LEU A C   1 
ATOM   687  O O   . LEU A 1 96  ? 6.503   -0.757  -19.139 1.00 27.42 ? 749 LEU A O   1 
ATOM   688  C CB  . LEU A 1 96  ? 7.192   2.149   -19.639 1.00 25.68 ? 749 LEU A CB  1 
ATOM   689  C CG  . LEU A 1 96  ? 6.404   2.611   -18.403 1.00 24.89 ? 749 LEU A CG  1 
ATOM   690  C CD1 . LEU A 1 96  ? 7.310   3.316   -17.412 1.00 21.54 ? 749 LEU A CD1 1 
ATOM   691  C CD2 . LEU A 1 96  ? 5.230   3.521   -18.784 1.00 27.10 ? 749 LEU A CD2 1 
ATOM   692  N N   . MET A 1 97  ? 8.021   -0.455  -17.529 1.00 25.96 ? 750 MET A N   1 
ATOM   693  C CA  . MET A 1 97  ? 7.343   -1.366  -16.632 1.00 28.51 ? 750 MET A CA  1 
ATOM   694  C C   . MET A 1 97  ? 6.676   -0.487  -15.611 1.00 25.13 ? 750 MET A C   1 
ATOM   695  O O   . MET A 1 97  ? 7.335   0.315   -14.959 1.00 27.95 ? 750 MET A O   1 
ATOM   696  C CB  . MET A 1 97  ? 8.339   -2.288  -15.928 1.00 34.79 ? 750 MET A CB  1 
ATOM   697  C CG  . MET A 1 97  ? 7.687   -3.381  -15.082 1.00 29.89 ? 750 MET A CG  1 
ATOM   698  S SD  . MET A 1 97  ? 8.601   -3.748  -13.556 1.00 49.21 ? 750 MET A SD  1 
ATOM   699  C CE  . MET A 1 97  ? 7.965   -2.468  -12.467 1.00 39.88 ? 750 MET A CE  1 
ATOM   700  N N   . VAL A 1 98  ? 5.371   -0.625  -15.460 1.00 24.04 ? 751 VAL A N   1 
ATOM   701  C CA  . VAL A 1 98  ? 4.666   0.219   -14.519 1.00 24.57 ? 751 VAL A CA  1 
ATOM   702  C C   . VAL A 1 98  ? 3.768   -0.651  -13.659 1.00 24.51 ? 751 VAL A C   1 
ATOM   703  O O   . VAL A 1 98  ? 3.226   -1.643  -14.133 1.00 24.77 ? 751 VAL A O   1 
ATOM   704  C CB  . VAL A 1 98  ? 3.847   1.313   -15.251 1.00 24.22 ? 751 VAL A CB  1 
ATOM   705  C CG1 . VAL A 1 98  ? 2.537   0.741   -15.792 1.00 22.61 ? 751 VAL A CG1 1 
ATOM   706  C CG2 . VAL A 1 98  ? 3.587   2.488   -14.329 1.00 27.75 ? 751 VAL A CG2 1 
ATOM   707  N N   . LYS A 1 99  ? 3.639   -0.290  -12.389 1.00 22.06 ? 752 LYS A N   1 
ATOM   708  C CA  . LYS A 1 99  ? 2.672   -0.924  -11.504 1.00 21.74 ? 752 LYS A CA  1 
ATOM   709  C C   . LYS A 1 99  ? 1.584   0.096   -11.141 1.00 21.49 ? 752 LYS A C   1 
ATOM   710  O O   . LYS A 1 99  ? 1.889   1.193   -10.689 1.00 22.98 ? 752 LYS A O   1 
ATOM   711  C CB  . LYS A 1 99  ? 3.385   -1.450  -10.251 1.00 20.99 ? 752 LYS A CB  1 
ATOM   712  C CG  . LYS A 1 99  ? 2.667   -1.188  -8.955  1.00 24.76 ? 752 LYS A CG  1 
ATOM   713  C CD  . LYS A 1 99  ? 2.101   -2.463  -8.364  1.00 27.87 ? 752 LYS A CD  1 
ATOM   714  C CE  . LYS A 1 99  ? 3.010   -3.015  -7.266  1.00 31.46 ? 752 LYS A CE  1 
ATOM   715  N NZ  . LYS A 1 99  ? 4.430   -3.034  -7.708  1.00 30.91 ? 752 LYS A NZ  1 
ATOM   716  N N   . VAL A 1 100 ? 0.322   -0.259  -11.346 1.00 19.22 ? 753 VAL A N   1 
ATOM   717  C CA  . VAL A 1 100 ? -0.778  0.661   -11.062 1.00 17.41 ? 753 VAL A CA  1 
ATOM   718  C C   . VAL A 1 100 ? -1.846  -0.056  -10.254 1.00 20.11 ? 753 VAL A C   1 
ATOM   719  O O   . VAL A 1 100 ? -1.874  -1.285  -10.209 1.00 19.01 ? 753 VAL A O   1 
ATOM   720  C CB  . VAL A 1 100 ? -1.425  1.186   -12.362 1.00 17.93 ? 753 VAL A CB  1 
ATOM   721  C CG1 . VAL A 1 100 ? -0.366  1.838   -13.279 1.00 16.65 ? 753 VAL A CG1 1 
ATOM   722  C CG2 . VAL A 1 100 ? -2.143  0.052   -13.088 1.00 20.81 ? 753 VAL A CG2 1 
ATOM   723  N N   . VAL A 1 101 ? -2.709  0.708   -9.596  1.00 16.63 ? 754 VAL A N   1 
ATOM   724  C CA  . VAL A 1 101 ? -3.878  0.149   -8.935  1.00 17.04 ? 754 VAL A CA  1 
ATOM   725  C C   . VAL A 1 101 ? -5.149  0.893   -9.322  1.00 17.58 ? 754 VAL A C   1 
ATOM   726  O O   . VAL A 1 101 ? -5.154  2.111   -9.430  1.00 21.21 ? 754 VAL A O   1 
ATOM   727  C CB  . VAL A 1 101 ? -3.736  0.174   -7.387  1.00 23.37 ? 754 VAL A CB  1 
ATOM   728  C CG1 . VAL A 1 101 ? -2.444  -0.496  -6.965  1.00 17.22 ? 754 VAL A CG1 1 
ATOM   729  C CG2 . VAL A 1 101 ? -3.813  1.605   -6.842  1.00 16.75 ? 754 VAL A CG2 1 
ATOM   730  N N   . MET A 1 102 ? -6.233  0.157   -9.516  1.00 23.77 ? 755 MET A N   1 
ATOM   731  C CA  . MET A 1 102 ? -7.545  0.763   -9.710  1.00 20.90 ? 755 MET A CA  1 
ATOM   732  C C   . MET A 1 102 ? -8.346  0.607   -8.432  1.00 23.90 ? 755 MET A C   1 
ATOM   733  O O   . MET A 1 102 ? -8.431  -0.489  -7.888  1.00 27.28 ? 755 MET A O   1 
ATOM   734  C CB  . MET A 1 102 ? -8.283  0.079   -10.859 1.00 23.69 ? 755 MET A CB  1 
ATOM   735  C CG  . MET A 1 102 ? -9.559  0.797   -11.309 1.00 27.21 ? 755 MET A CG  1 
ATOM   736  S SD  . MET A 1 102 ? -9.257  2.434   -12.044 1.00 36.16 ? 755 MET A SD  1 
ATOM   737  C CE  . MET A 1 102 ? -9.511  3.525   -10.626 1.00 32.36 ? 755 MET A CE  1 
ATOM   738  N N   . VAL A 1 103 ? -8.931  1.698   -7.949  1.00 23.50 ? 756 VAL A N   1 
ATOM   739  C CA  . VAL A 1 103 ? -9.725  1.664   -6.724  1.00 21.73 ? 756 VAL A CA  1 
ATOM   740  C C   . VAL A 1 103 ? -11.222 1.687   -7.009  1.00 25.46 ? 756 VAL A C   1 
ATOM   741  O O   . VAL A 1 103 ? -11.702 2.530   -7.763  1.00 27.26 ? 756 VAL A O   1 
ATOM   742  C CB  . VAL A 1 103 ? -9.368  2.838   -5.805  1.00 22.82 ? 756 VAL A CB  1 
ATOM   743  C CG1 . VAL A 1 103 ? -10.236 2.810   -4.552  1.00 26.59 ? 756 VAL A CG1 1 
ATOM   744  C CG2 . VAL A 1 103 ? -7.906  2.775   -5.438  1.00 19.86 ? 756 VAL A CG2 1 
ATOM   745  N N   . THR A 1 104 ? -11.961 0.764   -6.396  1.00 25.22 ? 757 THR A N   1 
ATOM   746  C CA  . THR A 1 104 ? -13.410 0.694   -6.587  1.00 25.85 ? 757 THR A CA  1 
ATOM   747  C C   . THR A 1 104 ? -14.161 0.671   -5.247  1.00 26.11 ? 757 THR A C   1 
ATOM   748  O O   . THR A 1 104 ? -13.672 0.127   -4.266  1.00 27.27 ? 757 THR A O   1 
ATOM   749  C CB  . THR A 1 104 ? -13.808 -0.534  -7.462  1.00 28.23 ? 757 THR A CB  1 
ATOM   750  O OG1 . THR A 1 104 ? -13.371 -0.324  -8.805  1.00 30.45 ? 757 THR A OG1 1 
ATOM   751  C CG2 . THR A 1 104 ? -15.316 -0.736  -7.478  1.00 34.87 ? 757 THR A CG2 1 
ATOM   752  N N   . ARG A 1 105 ? -15.345 1.275   -5.218  1.00 31.96 ? 758 ARG A N   1 
ATOM   753  C CA  . ARG A 1 105 ? -16.211 1.279   -4.034  1.00 32.85 ? 758 ARG A CA  1 
ATOM   754  C C   . ARG A 1 105 ? -15.489 1.786   -2.797  1.00 34.37 ? 758 ARG A C   1 
ATOM   755  O O   . ARG A 1 105 ? -15.499 2.984   -2.509  1.00 38.96 ? 758 ARG A O   1 
ATOM   756  C CB  . ARG A 1 105 ? -16.794 -0.115  -3.779  1.00 40.79 ? 758 ARG A CB  1 
ATOM   757  C CG  . ARG A 1 105 ? -17.079 -0.402  -2.307  1.00 50.67 ? 758 ARG A CG  1 
ATOM   758  C CD  . ARG A 1 105 ? -18.447 -1.056  -2.098  1.00 54.37 ? 758 ARG A CD  1 
ATOM   759  N NE  . ARG A 1 105 ? -18.364 -2.491  -1.837  1.00 46.19 ? 758 ARG A NE  1 
ATOM   760  C CZ  . ARG A 1 105 ? -18.809 -3.429  -2.669  1.00 57.10 ? 758 ARG A CZ  1 
ATOM   761  N NH1 . ARG A 1 105 ? -19.369 -3.078  -3.823  1.00 41.82 ? 758 ARG A NH1 1 
ATOM   762  N NH2 . ARG A 1 105 ? -18.699 -4.717  -2.348  1.00 58.58 ? 758 ARG A NH2 1 
ATOM   763  N N   . GLY B 1 1   ? -1.666  -10.575 -12.195 1.00 49.33 ? 654 GLY B N   1 
ATOM   764  C CA  . GLY B 1 1   ? -2.518  -9.484  -11.755 1.00 34.15 ? 654 GLY B CA  1 
ATOM   765  C C   . GLY B 1 1   ? -3.089  -9.758  -10.379 1.00 40.21 ? 654 GLY B C   1 
ATOM   766  O O   . GLY B 1 1   ? -3.572  -10.864 -10.106 1.00 37.32 ? 654 GLY B O   1 
ATOM   767  N N   . SER B 1 2   ? -3.045  -8.751  -9.512  1.00 28.33 ? 655 SER B N   1 
ATOM   768  C CA  . SER B 1 2   ? -3.460  -8.948  -8.136  1.00 27.24 ? 655 SER B CA  1 
ATOM   769  C C   . SER B 1 2   ? -4.756  -8.212  -7.793  1.00 33.11 ? 655 SER B C   1 
ATOM   770  O O   . SER B 1 2   ? -4.962  -7.049  -8.178  1.00 27.52 ? 655 SER B O   1 
ATOM   771  C CB  . SER B 1 2   ? -2.331  -8.541  -7.192  1.00 30.50 ? 655 SER B CB  1 
ATOM   772  O OG  . SER B 1 2   ? -2.453  -9.209  -5.959  1.00 31.63 ? 655 SER B OG  1 
ATOM   773  N N   . ASP B 1 3   ? -5.628  -8.909  -7.069  1.00 25.81 ? 656 ASP B N   1 
ATOM   774  C CA  . ASP B 1 3   ? -6.912  -8.366  -6.649  1.00 26.61 ? 656 ASP B CA  1 
ATOM   775  C C   . ASP B 1 3   ? -7.131  -8.602  -5.162  1.00 23.02 ? 656 ASP B C   1 
ATOM   776  O O   . ASP B 1 3   ? -6.973  -9.715  -4.671  1.00 23.40 ? 656 ASP B O   1 
ATOM   777  C CB  . ASP B 1 3   ? -8.059  -8.983  -7.458  1.00 29.02 ? 656 ASP B CB  1 
ATOM   778  C CG  . ASP B 1 3   ? -8.426  -8.149  -8.678  1.00 37.76 ? 656 ASP B CG  1 
ATOM   779  O OD1 . ASP B 1 3   ? -9.529  -7.541  -8.694  1.00 32.57 ? 656 ASP B OD1 1 
ATOM   780  O OD2 . ASP B 1 3   ? -7.599  -8.090  -9.612  1.00 36.94 ? 656 ASP B OD2 1 
ATOM   781  N N   . TYR B 1 4   ? -7.509  -7.548  -4.452  1.00 20.43 ? 657 TYR B N   1 
ATOM   782  C CA  . TYR B 1 4   ? -7.687  -7.624  -3.016  1.00 17.58 ? 657 TYR B CA  1 
ATOM   783  C C   . TYR B 1 4   ? -8.581  -6.500  -2.504  1.00 17.02 ? 657 TYR B C   1 
ATOM   784  O O   . TYR B 1 4   ? -8.855  -5.530  -3.204  1.00 19.03 ? 657 TYR B O   1 
ATOM   785  C CB  . TYR B 1 4   ? -6.332  -7.625  -2.300  1.00 15.58 ? 657 TYR B CB  1 
ATOM   786  C CG  . TYR B 1 4   ? -5.371  -6.564  -2.783  1.00 19.09 ? 657 TYR B CG  1 
ATOM   787  C CD1 . TYR B 1 4   ? -5.393  -5.279  -2.248  1.00 20.74 ? 657 TYR B CD1 1 
ATOM   788  C CD2 . TYR B 1 4   ? -4.433  -6.848  -3.756  1.00 22.66 ? 657 TYR B CD2 1 
ATOM   789  C CE1 . TYR B 1 4   ? -4.509  -4.308  -2.682  1.00 20.44 ? 657 TYR B CE1 1 
ATOM   790  C CE2 . TYR B 1 4   ? -3.544  -5.887  -4.202  1.00 21.53 ? 657 TYR B CE2 1 
ATOM   791  C CZ  . TYR B 1 4   ? -3.590  -4.620  -3.665  1.00 24.67 ? 657 TYR B CZ  1 
ATOM   792  O OH  . TYR B 1 4   ? -2.710  -3.665  -4.111  1.00 26.50 ? 657 TYR B OH  1 
ATOM   793  N N   . ILE B 1 5   ? -9.047  -6.669  -1.277  1.00 13.77 ? 658 ILE B N   1 
ATOM   794  C CA  . ILE B 1 5   ? -9.981  -5.758  -0.656  1.00 19.19 ? 658 ILE B CA  1 
ATOM   795  C C   . ILE B 1 5   ? -9.301  -5.171  0.579   1.00 20.74 ? 658 ILE B C   1 
ATOM   796  O O   . ILE B 1 5   ? -8.633  -5.888  1.322   1.00 17.72 ? 658 ILE B O   1 
ATOM   797  C CB  . ILE B 1 5   ? -11.277 -6.492  -0.251  1.00 18.73 ? 658 ILE B CB  1 
ATOM   798  C CG1 . ILE B 1 5   ? -11.884 -7.200  -1.470  1.00 23.25 ? 658 ILE B CG1 1 
ATOM   799  C CG2 . ILE B 1 5   ? -12.275 -5.527  0.376   1.00 18.79 ? 658 ILE B CG2 1 
ATOM   800  C CD1 . ILE B 1 5   ? -13.398 -7.389  -1.419  1.00 21.90 ? 658 ILE B CD1 1 
ATOM   801  N N   . ILE B 1 6   ? -9.431  -3.859  0.754   1.00 20.37 ? 659 ILE B N   1 
ATOM   802  C CA  . ILE B 1 6   ? -8.893  -3.159  1.916   1.00 19.42 ? 659 ILE B CA  1 
ATOM   803  C C   . ILE B 1 6   ? -10.035 -2.783  2.840   1.00 19.53 ? 659 ILE B C   1 
ATOM   804  O O   . ILE B 1 6   ? -11.055 -2.248  2.387   1.00 18.69 ? 659 ILE B O   1 
ATOM   805  C CB  . ILE B 1 6   ? -8.188  -1.867  1.523   1.00 18.62 ? 659 ILE B CB  1 
ATOM   806  C CG1 . ILE B 1 6   ? -7.089  -2.170  0.530   1.00 19.58 ? 659 ILE B CG1 1 
ATOM   807  C CG2 . ILE B 1 6   ? -7.583  -1.198  2.742   1.00 18.72 ? 659 ILE B CG2 1 
ATOM   808  C CD1 . ILE B 1 6   ? -6.089  -3.094  1.074   1.00 25.26 ? 659 ILE B CD1 1 
ATOM   809  N N   . LYS B 1 7   ? -9.850  -3.056  4.133   1.00 14.91 ? 660 LYS B N   1 
ATOM   810  C CA  . LYS B 1 7   ? -10.854 -2.748  5.143   1.00 14.40 ? 660 LYS B CA  1 
ATOM   811  C C   . LYS B 1 7   ? -10.170 -2.551  6.491   1.00 13.96 ? 660 LYS B C   1 
ATOM   812  O O   . LYS B 1 7   ? -9.173  -3.193  6.787   1.00 15.13 ? 660 LYS B O   1 
ATOM   813  C CB  . LYS B 1 7   ? -11.885 -3.871  5.208   1.00 18.04 ? 660 LYS B CB  1 
ATOM   814  C CG  . LYS B 1 7   ? -13.062 -3.596  6.096   1.00 18.21 ? 660 LYS B CG  1 
ATOM   815  C CD  . LYS B 1 7   ? -14.040 -4.733  6.015   1.00 20.51 ? 660 LYS B CD  1 
ATOM   816  C CE  . LYS B 1 7   ? -15.456 -4.239  5.831   1.00 24.41 ? 660 LYS B CE  1 
ATOM   817  N NZ  . LYS B 1 7   ? -15.937 -3.658  7.077   1.00 26.40 ? 660 LYS B NZ  1 
ATOM   818  N N   . GLU B 1 8   ? -10.692 -1.654  7.312   1.00 14.53 ? 661 GLU B N   1 
ATOM   819  C CA  . GLU B 1 8   ? -10.005 -1.306  8.547   1.00 16.05 ? 661 GLU B CA  1 
ATOM   820  C C   . GLU B 1 8   ? -10.934 -1.555  9.699   1.00 11.38 ? 661 GLU B C   1 
ATOM   821  O O   . GLU B 1 8   ? -12.139 -1.541  9.525   1.00 14.54 ? 661 GLU B O   1 
ATOM   822  C CB  . GLU B 1 8   ? -9.577  0.166   8.536   1.00 14.95 ? 661 GLU B CB  1 
ATOM   823  C CG  . GLU B 1 8   ? -8.590  0.532   7.427   1.00 16.37 ? 661 GLU B CG  1 
ATOM   824  C CD  . GLU B 1 8   ? -8.114  1.987   7.489   1.00 28.97 ? 661 GLU B CD  1 
ATOM   825  O OE1 . GLU B 1 8   ? -8.418  2.683   8.474   1.00 26.93 ? 661 GLU B OE1 1 
ATOM   826  O OE2 . GLU B 1 8   ? -7.422  2.434   6.547   1.00 37.13 ? 661 GLU B OE2 1 
ATOM   827  N N   . LYS B 1 9   ? -10.379 -1.802  10.875  1.00 9.72  ? 662 LYS B N   1 
ATOM   828  C CA  . LYS B 1 9   ? -11.199 -1.893  12.072  1.00 12.94 ? 662 LYS B CA  1 
ATOM   829  C C   . LYS B 1 9   ? -10.324 -1.635  13.273  1.00 11.95 ? 662 LYS B C   1 
ATOM   830  O O   . LYS B 1 9   ? -9.102  -1.741  13.196  1.00 14.65 ? 662 LYS B O   1 
ATOM   831  C CB  . LYS B 1 9   ? -11.914 -3.253  12.181  1.00 10.39 ? 662 LYS B CB  1 
ATOM   832  C CG  . LYS B 1 9   ? -10.986 -4.458  12.498  1.00 12.93 ? 662 LYS B CG  1 
ATOM   833  C CD  . LYS B 1 9   ? -11.812 -5.752  12.656  1.00 14.17 ? 662 LYS B CD  1 
ATOM   834  C CE  . LYS B 1 9   ? -10.941 -6.985  12.820  1.00 12.85 ? 662 LYS B CE  1 
ATOM   835  N NZ  . LYS B 1 9   ? -11.760 -8.217  12.764  1.00 15.92 ? 662 LYS B NZ  1 
ATOM   836  N N   . THR B 1 10  ? -10.948 -1.298  14.388  1.00 11.95 ? 663 THR B N   1 
ATOM   837  C CA  . THR B 1 10  ? -10.205 -1.049  15.607  1.00 14.85 ? 663 THR B CA  1 
ATOM   838  C C   . THR B 1 10  ? -10.647 -2.043  16.644  1.00 13.98 ? 663 THR B C   1 
ATOM   839  O O   . THR B 1 10  ? -11.833 -2.286  16.794  1.00 18.30 ? 663 THR B O   1 
ATOM   840  C CB  . THR B 1 10  ? -10.456 0.385   16.117  1.00 15.75 ? 663 THR B CB  1 
ATOM   841  O OG1 . THR B 1 10  ? -9.734  1.297   15.288  1.00 16.71 ? 663 THR B OG1 1 
ATOM   842  C CG2 . THR B 1 10  ? -9.984  0.553   17.547  1.00 12.33 ? 663 THR B CG2 1 
ATOM   843  N N   . VAL B 1 11  ? -9.695  -2.632  17.358  1.00 17.72 ? 664 VAL B N   1 
ATOM   844  C CA  . VAL B 1 11  ? -10.036 -3.616  18.378  1.00 15.65 ? 664 VAL B CA  1 
ATOM   845  C C   . VAL B 1 11  ? -9.234  -3.394  19.649  1.00 16.09 ? 664 VAL B C   1 
ATOM   846  O O   . VAL B 1 11  ? -8.054  -3.042  19.605  1.00 15.24 ? 664 VAL B O   1 
ATOM   847  C CB  . VAL B 1 11  ? -9.841  -5.064  17.875  1.00 18.69 ? 664 VAL B CB  1 
ATOM   848  C CG1 . VAL B 1 11  ? -10.897 -5.419  16.837  1.00 16.20 ? 664 VAL B CG1 1 
ATOM   849  C CG2 . VAL B 1 11  ? -8.459  -5.235  17.295  1.00 18.75 ? 664 VAL B CG2 1 
ATOM   850  N N   . LEU B 1 12  ? -9.892  -3.611  20.778  1.00 14.07 ? 665 LEU B N   1 
ATOM   851  C CA  . LEU B 1 12  ? -9.278  -3.433  22.075  1.00 17.96 ? 665 LEU B CA  1 
ATOM   852  C C   . LEU B 1 12  ? -9.002  -4.799  22.666  1.00 21.17 ? 665 LEU B C   1 
ATOM   853  O O   . LEU B 1 12  ? -9.936  -5.536  22.956  1.00 21.82 ? 665 LEU B O   1 
ATOM   854  C CB  . LEU B 1 12  ? -10.244 -2.658  22.991  1.00 19.68 ? 665 LEU B CB  1 
ATOM   855  C CG  . LEU B 1 12  ? -9.728  -2.254  24.362  1.00 20.87 ? 665 LEU B CG  1 
ATOM   856  C CD1 . LEU B 1 12  ? -8.524  -1.383  24.156  1.00 25.63 ? 665 LEU B CD1 1 
ATOM   857  C CD2 . LEU B 1 12  ? -10.793 -1.494  25.126  1.00 29.31 ? 665 LEU B CD2 1 
ATOM   858  N N   . LEU B 1 13  ? -7.727  -5.134  22.845  1.00 17.43 ? 666 LEU B N   1 
ATOM   859  C CA  . LEU B 1 13  ? -7.338  -6.433  23.398  1.00 18.07 ? 666 LEU B CA  1 
ATOM   860  C C   . LEU B 1 13  ? -7.124  -6.382  24.905  1.00 22.66 ? 666 LEU B C   1 
ATOM   861  O O   . LEU B 1 13  ? -6.412  -5.504  25.405  1.00 24.51 ? 666 LEU B O   1 
ATOM   862  C CB  . LEU B 1 13  ? -6.048  -6.937  22.754  1.00 13.80 ? 666 LEU B CB  1 
ATOM   863  C CG  . LEU B 1 13  ? -5.957  -6.918  21.232  1.00 18.20 ? 666 LEU B CG  1 
ATOM   864  C CD1 . LEU B 1 13  ? -4.675  -7.585  20.809  1.00 14.40 ? 666 LEU B CD1 1 
ATOM   865  C CD2 . LEU B 1 13  ? -7.157  -7.614  20.616  1.00 15.11 ? 666 LEU B CD2 1 
ATOM   866  N N   . GLN B 1 14  ? -7.722  -7.340  25.608  1.00 20.81 ? 667 GLN B N   1 
ATOM   867  C CA  . GLN B 1 14  ? -7.547  -7.519  27.047  1.00 25.56 ? 667 GLN B CA  1 
ATOM   868  C C   . GLN B 1 14  ? -6.865  -8.844  27.351  1.00 28.00 ? 667 GLN B C   1 
ATOM   869  O O   . GLN B 1 14  ? -7.421  -9.910  27.069  1.00 29.37 ? 667 GLN B O   1 
ATOM   870  C CB  . GLN B 1 14  ? -8.905  -7.552  27.724  1.00 24.40 ? 667 GLN B CB  1 
ATOM   871  C CG  . GLN B 1 14  ? -9.018  -6.631  28.887  1.00 33.77 ? 667 GLN B CG  1 
ATOM   872  C CD  . GLN B 1 14  ? -9.229  -5.229  28.426  1.00 34.30 ? 667 GLN B CD  1 
ATOM   873  O OE1 . GLN B 1 14  ? -9.635  -5.013  27.286  1.00 38.39 ? 667 GLN B OE1 1 
ATOM   874  N NE2 . GLN B 1 14  ? -8.955  -4.258  29.295  1.00 31.43 ? 667 GLN B NE2 1 
ATOM   875  N N   . LYS B 1 15  ? -5.679  -8.787  27.944  1.00 24.16 ? 668 LYS B N   1 
ATOM   876  C CA  . LYS B 1 15  ? -4.959  -10.002 28.295  1.00 28.44 ? 668 LYS B CA  1 
ATOM   877  C C   . LYS B 1 15  ? -4.657  -10.095 29.797  1.00 29.77 ? 668 LYS B C   1 
ATOM   878  O O   . LYS B 1 15  ? -4.541  -9.084  30.483  1.00 26.58 ? 668 LYS B O   1 
ATOM   879  C CB  . LYS B 1 15  ? -3.658  -10.088 27.498  1.00 24.72 ? 668 LYS B CB  1 
ATOM   880  C CG  . LYS B 1 15  ? -2.514  -9.253  28.047  1.00 22.26 ? 668 LYS B CG  1 
ATOM   881  C CD  . LYS B 1 15  ? -1.245  -9.494  27.249  1.00 20.20 ? 668 LYS B CD  1 
ATOM   882  C CE  . LYS B 1 15  ? -0.002  -8.943  27.940  1.00 26.69 ? 668 LYS B CE  1 
ATOM   883  N NZ  . LYS B 1 15  ? 0.275   -9.606  29.252  1.00 28.34 ? 668 LYS B NZ  1 
ATOM   884  N N   . LYS B 1 16  ? -4.536  -11.319 30.301  1.00 27.97 ? 669 LYS B N   1 
ATOM   885  C CA  . LYS B 1 16  ? -4.118  -11.524 31.682  1.00 32.47 ? 669 LYS B CA  1 
ATOM   886  C C   . LYS B 1 16  ? -2.639  -11.204 31.789  1.00 31.79 ? 669 LYS B C   1 
ATOM   887  O O   . LYS B 1 16  ? -1.909  -11.246 30.795  1.00 28.68 ? 669 LYS B O   1 
ATOM   888  C CB  . LYS B 1 16  ? -4.342  -12.969 32.123  1.00 32.58 ? 669 LYS B CB  1 
ATOM   889  C CG  . LYS B 1 16  ? -5.790  -13.384 32.299  1.00 33.92 ? 669 LYS B CG  1 
ATOM   890  C CD  . LYS B 1 16  ? -5.895  -14.909 32.369  1.00 33.59 ? 669 LYS B CD  1 
ATOM   891  C CE  . LYS B 1 16  ? -7.293  -15.372 32.766  1.00 33.46 ? 669 LYS B CE  1 
ATOM   892  N NZ  . LYS B 1 16  ? -7.393  -16.863 32.759  1.00 55.49 ? 669 LYS B NZ  1 
ATOM   893  N N   . ASP B 1 17  ? -2.187  -10.903 33.000  1.00 29.39 ? 670 ASP B N   1 
ATOM   894  C CA  . ASP B 1 17  ? -0.786  -10.566 33.194  1.00 29.53 ? 670 ASP B CA  1 
ATOM   895  C C   . ASP B 1 17  ? 0.147   -11.712 32.787  1.00 37.87 ? 670 ASP B C   1 
ATOM   896  O O   . ASP B 1 17  ? 1.259   -11.473 32.314  1.00 40.49 ? 670 ASP B O   1 
ATOM   897  C CB  . ASP B 1 17  ? -0.531  -10.143 34.641  1.00 33.23 ? 670 ASP B CB  1 
ATOM   898  C CG  . ASP B 1 17  ? 0.759   -9.367  34.791  1.00 45.13 ? 670 ASP B CG  1 
ATOM   899  O OD1 . ASP B 1 17  ? 0.811   -8.209  34.311  1.00 38.87 ? 670 ASP B OD1 1 
ATOM   900  O OD2 . ASP B 1 17  ? 1.721   -9.918  35.375  1.00 48.39 ? 670 ASP B OD2 1 
ATOM   901  N N   . SER B 1 18  ? -0.312  -12.953 32.949  1.00 33.57 ? 671 SER B N   1 
ATOM   902  C CA  . SER B 1 18  ? 0.549   -14.117 32.732  1.00 36.88 ? 671 SER B CA  1 
ATOM   903  C C   . SER B 1 18  ? 0.722   -14.537 31.265  1.00 40.53 ? 671 SER B C   1 
ATOM   904  O O   . SER B 1 18  ? 1.514   -15.428 30.967  1.00 37.31 ? 671 SER B O   1 
ATOM   905  C CB  . SER B 1 18  ? 0.036   -15.315 33.534  1.00 39.69 ? 671 SER B CB  1 
ATOM   906  O OG  . SER B 1 18  ? -1.041  -15.960 32.871  1.00 34.73 ? 671 SER B OG  1 
ATOM   907  N N   . GLU B 1 19  ? -0.014  -13.906 30.355  1.00 37.62 ? 672 GLU B N   1 
ATOM   908  C CA  . GLU B 1 19  ? -0.011  -14.340 28.962  1.00 28.32 ? 672 GLU B CA  1 
ATOM   909  C C   . GLU B 1 19  ? 0.387   -13.223 27.996  1.00 28.56 ? 672 GLU B C   1 
ATOM   910  O O   . GLU B 1 19  ? 0.459   -12.052 28.369  1.00 27.76 ? 672 GLU B O   1 
ATOM   911  C CB  . GLU B 1 19  ? -1.386  -14.895 28.582  1.00 27.90 ? 672 GLU B CB  1 
ATOM   912  C CG  . GLU B 1 19  ? -2.483  -13.838 28.503  1.00 29.56 ? 672 GLU B CG  1 
ATOM   913  C CD  . GLU B 1 19  ? -3.855  -14.425 28.179  1.00 26.21 ? 672 GLU B CD  1 
ATOM   914  O OE1 . GLU B 1 19  ? -3.925  -15.551 27.648  1.00 26.75 ? 672 GLU B OE1 1 
ATOM   915  O OE2 . GLU B 1 19  ? -4.870  -13.760 28.456  1.00 27.40 ? 672 GLU B OE2 1 
ATOM   916  N N   . GLY B 1 20  ? 0.671   -13.602 26.754  1.00 27.82 ? 673 GLY B N   1 
ATOM   917  C CA  . GLY B 1 20  ? 0.924   -12.640 25.696  1.00 21.32 ? 673 GLY B CA  1 
ATOM   918  C C   . GLY B 1 20  ? -0.389  -12.310 25.012  1.00 25.60 ? 673 GLY B C   1 
ATOM   919  O O   . GLY B 1 20  ? -1.405  -12.970 25.254  1.00 26.80 ? 673 GLY B O   1 
ATOM   920  N N   . PHE B 1 21  ? -0.382  -11.282 24.170  1.00 24.62 ? 674 PHE B N   1 
ATOM   921  C CA  . PHE B 1 21  ? -1.547  -10.973 23.352  1.00 20.47 ? 674 PHE B CA  1 
ATOM   922  C C   . PHE B 1 21  ? -1.768  -12.037 22.309  1.00 17.52 ? 674 PHE B C   1 
ATOM   923  O O   . PHE B 1 21  ? -2.841  -12.111 21.711  1.00 20.12 ? 674 PHE B O   1 
ATOM   924  C CB  . PHE B 1 21  ? -1.381  -9.625  22.660  1.00 19.34 ? 674 PHE B CB  1 
ATOM   925  C CG  . PHE B 1 21  ? -1.467  -8.469  23.586  1.00 17.32 ? 674 PHE B CG  1 
ATOM   926  C CD1 . PHE B 1 21  ? -0.331  -7.766  23.939  1.00 20.17 ? 674 PHE B CD1 1 
ATOM   927  C CD2 . PHE B 1 21  ? -2.685  -8.085  24.112  1.00 17.60 ? 674 PHE B CD2 1 
ATOM   928  C CE1 . PHE B 1 21  ? -0.407  -6.685  24.788  1.00 20.56 ? 674 PHE B CE1 1 
ATOM   929  C CE2 . PHE B 1 21  ? -2.771  -7.000  24.962  1.00 19.90 ? 674 PHE B CE2 1 
ATOM   930  C CZ  . PHE B 1 21  ? -1.625  -6.294  25.295  1.00 21.06 ? 674 PHE B CZ  1 
ATOM   931  N N   . GLY B 1 22  ? -0.739  -12.845 22.077  1.00 17.44 ? 675 GLY B N   1 
ATOM   932  C CA  . GLY B 1 22  ? -0.851  -13.986 21.193  1.00 19.21 ? 675 GLY B CA  1 
ATOM   933  C C   . GLY B 1 22  ? -0.632  -13.709 19.717  1.00 19.12 ? 675 GLY B C   1 
ATOM   934  O O   . GLY B 1 22  ? -1.422  -14.156 18.884  1.00 15.26 ? 675 GLY B O   1 
ATOM   935  N N   . PHE B 1 23  ? 0.430   -12.978 19.387  1.00 17.43 ? 676 PHE B N   1 
ATOM   936  C CA  . PHE B 1 23  ? 0.809   -12.776 17.989  1.00 17.21 ? 676 PHE B CA  1 
ATOM   937  C C   . PHE B 1 23  ? 2.292   -12.501 17.818  1.00 17.11 ? 676 PHE B C   1 
ATOM   938  O O   . PHE B 1 23  ? 2.967   -12.076 18.765  1.00 17.65 ? 676 PHE B O   1 
ATOM   939  C CB  . PHE B 1 23  ? -0.034  -11.670 17.292  1.00 15.19 ? 676 PHE B CB  1 
ATOM   940  C CG  . PHE B 1 23  ? 0.059   -10.292 17.926  1.00 13.20 ? 676 PHE B CG  1 
ATOM   941  C CD1 . PHE B 1 23  ? 1.109   -9.436  17.629  1.00 18.00 ? 676 PHE B CD1 1 
ATOM   942  C CD2 . PHE B 1 23  ? -0.962  -9.815  18.736  1.00 19.36 ? 676 PHE B CD2 1 
ATOM   943  C CE1 . PHE B 1 23  ? 1.174   -8.143  18.178  1.00 14.66 ? 676 PHE B CE1 1 
ATOM   944  C CE2 . PHE B 1 23  ? -0.913  -8.532  19.283  1.00 14.59 ? 676 PHE B CE2 1 
ATOM   945  C CZ  . PHE B 1 23  ? 0.165   -7.700  19.012  1.00 15.22 ? 676 PHE B CZ  1 
ATOM   946  N N   . VAL B 1 24  ? 2.797   -12.768 16.614  1.00 14.65 ? 677 VAL B N   1 
ATOM   947  C CA  . VAL B 1 24  ? 4.138   -12.338 16.228  1.00 17.33 ? 677 VAL B CA  1 
ATOM   948  C C   . VAL B 1 24  ? 4.069   -11.111 15.305  1.00 19.19 ? 677 VAL B C   1 
ATOM   949  O O   . VAL B 1 24  ? 3.444   -11.142 14.238  1.00 15.42 ? 677 VAL B O   1 
ATOM   950  C CB  . VAL B 1 24  ? 4.943   -13.475 15.565  1.00 20.26 ? 677 VAL B CB  1 
ATOM   951  C CG1 . VAL B 1 24  ? 6.318   -12.974 15.144  1.00 18.34 ? 677 VAL B CG1 1 
ATOM   952  C CG2 . VAL B 1 24  ? 5.089   -14.645 16.532  1.00 21.21 ? 677 VAL B CG2 1 
ATOM   953  N N   . LEU B 1 25  ? 4.684   -10.019 15.749  1.00 18.27 ? 678 LEU B N   1 
ATOM   954  C CA  . LEU B 1 25  ? 4.754   -8.799  14.970  1.00 15.41 ? 678 LEU B CA  1 
ATOM   955  C C   . LEU B 1 25  ? 5.980   -8.936  14.087  1.00 16.43 ? 678 LEU B C   1 
ATOM   956  O O   . LEU B 1 25  ? 7.040   -9.334  14.560  1.00 19.46 ? 678 LEU B O   1 
ATOM   957  C CB  . LEU B 1 25  ? 4.964   -7.597  15.900  1.00 21.45 ? 678 LEU B CB  1 
ATOM   958  C CG  . LEU B 1 25  ? 4.167   -6.294  15.803  1.00 22.95 ? 678 LEU B CG  1 
ATOM   959  C CD1 . LEU B 1 25  ? 5.080   -5.114  16.085  1.00 20.74 ? 678 LEU B CD1 1 
ATOM   960  C CD2 . LEU B 1 25  ? 3.482   -6.125  14.465  1.00 17.93 ? 678 LEU B CD2 1 
ATOM   961  N N   . ARG B 1 26  ? 5.854   -8.589  12.817  1.00 19.19 ? 679 ARG B N   1 
ATOM   962  C CA  . ARG B 1 26  ? 6.997   -8.592  11.917  1.00 19.14 ? 679 ARG B CA  1 
ATOM   963  C C   . ARG B 1 26  ? 7.091   -7.260  11.203  1.00 20.27 ? 679 ARG B C   1 
ATOM   964  O O   . ARG B 1 26  ? 6.060   -6.672  10.882  1.00 18.03 ? 679 ARG B O   1 
ATOM   965  C CB  . ARG B 1 26  ? 6.852   -9.706  10.890  1.00 20.21 ? 679 ARG B CB  1 
ATOM   966  C CG  . ARG B 1 26  ? 7.980   -9.772  9.881   1.00 22.09 ? 679 ARG B CG  1 
ATOM   967  C CD  . ARG B 1 26  ? 7.978   -11.102 9.164   1.00 22.56 ? 679 ARG B CD  1 
ATOM   968  N NE  . ARG B 1 26  ? 9.226   -11.319 8.439   1.00 27.22 ? 679 ARG B NE  1 
ATOM   969  C CZ  . ARG B 1 26  ? 9.557   -12.457 7.844   1.00 32.70 ? 679 ARG B CZ  1 
ATOM   970  N NH1 . ARG B 1 26  ? 8.725   -13.494 7.900   1.00 34.47 ? 679 ARG B NH1 1 
ATOM   971  N NH2 . ARG B 1 26  ? 10.720  -12.561 7.202   1.00 34.59 ? 679 ARG B NH2 1 
ATOM   972  N N   . GLY B 1 27  ? 8.314   -6.791  10.935  1.00 19.56 ? 680 GLY B N   1 
ATOM   973  C CA  . GLY B 1 27  ? 8.493   -5.555  10.178  1.00 17.73 ? 680 GLY B CA  1 
ATOM   974  C C   . GLY B 1 27  ? 9.893   -4.989  10.312  1.00 19.35 ? 680 GLY B C   1 
ATOM   975  O O   . GLY B 1 27  ? 10.636  -5.393  11.196  1.00 22.18 ? 680 GLY B O   1 
ATOM   976  N N   . ALA B 1 28  ? 10.257  -4.058  9.435   1.00 16.43 ? 681 ALA B N   1 
ATOM   977  C CA  . ALA B 1 28  ? 11.604  -3.500  9.439   1.00 17.31 ? 681 ALA B CA  1 
ATOM   978  C C   . ALA B 1 28  ? 11.876  -2.800  10.756  1.00 16.81 ? 681 ALA B C   1 
ATOM   979  O O   . ALA B 1 28  ? 11.009  -2.075  11.257  1.00 20.89 ? 681 ALA B O   1 
ATOM   980  C CB  . ALA B 1 28  ? 11.785  -2.516  8.265   1.00 15.33 ? 681 ALA B CB  1 
ATOM   981  N N   . GLU B 1 36  ? 13.625  4.707   3.532   1.00 59.95 ? 689 GLU B N   1 
ATOM   982  C CA  . GLU B 1 36  ? 12.494  5.344   2.870   1.00 63.17 ? 689 GLU B CA  1 
ATOM   983  C C   . GLU B 1 36  ? 11.355  4.351   2.668   1.00 57.08 ? 689 GLU B C   1 
ATOM   984  O O   . GLU B 1 36  ? 11.379  3.560   1.724   1.00 51.53 ? 689 GLU B O   1 
ATOM   985  C CB  . GLU B 1 36  ? 12.925  5.930   1.521   1.00 63.07 ? 689 GLU B CB  1 
ATOM   986  C CG  . GLU B 1 36  ? 11.768  6.408   0.643   1.00 64.84 ? 689 GLU B CG  1 
ATOM   987  C CD  . GLU B 1 36  ? 11.452  7.884   0.820   1.00 67.31 ? 689 GLU B CD  1 
ATOM   988  O OE1 . GLU B 1 36  ? 10.254  8.240   0.837   1.00 65.60 ? 689 GLU B OE1 1 
ATOM   989  O OE2 . GLU B 1 36  ? 12.402  8.687   0.928   1.00 74.85 ? 689 GLU B OE2 1 
ATOM   990  N N   . PHE B 1 37  ? 10.368  4.381   3.563   1.00 49.97 ? 690 PHE B N   1 
ATOM   991  C CA  . PHE B 1 37  ? 9.173   3.555   3.401   1.00 38.06 ? 690 PHE B CA  1 
ATOM   992  C C   . PHE B 1 37  ? 8.000   4.400   2.928   1.00 35.76 ? 690 PHE B C   1 
ATOM   993  O O   . PHE B 1 37  ? 7.584   5.354   3.600   1.00 30.37 ? 690 PHE B O   1 
ATOM   994  C CB  . PHE B 1 37  ? 8.793   2.843   4.702   1.00 35.72 ? 690 PHE B CB  1 
ATOM   995  C CG  . PHE B 1 37  ? 7.449   2.148   4.648   1.00 29.85 ? 690 PHE B CG  1 
ATOM   996  C CD1 . PHE B 1 37  ? 7.312   0.914   4.036   1.00 24.95 ? 690 PHE B CD1 1 
ATOM   997  C CD2 . PHE B 1 37  ? 6.329   2.734   5.209   1.00 24.66 ? 690 PHE B CD2 1 
ATOM   998  C CE1 . PHE B 1 37  ? 6.075   0.281   3.978   1.00 21.97 ? 690 PHE B CE1 1 
ATOM   999  C CE2 . PHE B 1 37  ? 5.093   2.103   5.163   1.00 23.32 ? 690 PHE B CE2 1 
ATOM   1000 C CZ  . PHE B 1 37  ? 4.967   0.873   4.548   1.00 19.59 ? 690 PHE B CZ  1 
ATOM   1001 N N   . THR B 1 38  ? 7.478   4.058   1.756   1.00 29.66 ? 691 THR B N   1 
ATOM   1002 C CA  . THR B 1 38  ? 6.239   4.664   1.299   1.00 31.36 ? 691 THR B CA  1 
ATOM   1003 C C   . THR B 1 38  ? 5.148   3.611   1.234   1.00 24.40 ? 691 THR B C   1 
ATOM   1004 O O   . THR B 1 38  ? 5.291   2.605   0.548   1.00 21.82 ? 691 THR B O   1 
ATOM   1005 C CB  . THR B 1 38  ? 6.371   5.331   -0.081  1.00 29.09 ? 691 THR B CB  1 
ATOM   1006 O OG1 . THR B 1 38  ? 7.544   6.152   -0.107  1.00 27.11 ? 691 THR B OG1 1 
ATOM   1007 C CG2 . THR B 1 38  ? 5.136   6.191   -0.349  1.00 24.05 ? 691 THR B CG2 1 
ATOM   1008 N N   . PRO B 1 39  ? 4.053   3.846   1.960   1.00 23.13 ? 692 PRO B N   1 
ATOM   1009 C CA  . PRO B 1 39  ? 2.872   2.986   1.930   1.00 17.80 ? 692 PRO B CA  1 
ATOM   1010 C C   . PRO B 1 39  ? 2.413   2.720   0.500   1.00 20.80 ? 692 PRO B C   1 
ATOM   1011 O O   . PRO B 1 39  ? 2.512   3.589   -0.362  1.00 21.15 ? 692 PRO B O   1 
ATOM   1012 C CB  . PRO B 1 39  ? 1.816   3.811   2.661   1.00 20.34 ? 692 PRO B CB  1 
ATOM   1013 C CG  . PRO B 1 39  ? 2.599   4.705   3.576   1.00 23.05 ? 692 PRO B CG  1 
ATOM   1014 C CD  . PRO B 1 39  ? 3.883   5.010   2.847   1.00 19.78 ? 692 PRO B CD  1 
ATOM   1015 N N   . THR B 1 40  ? 1.936   1.503   0.265   1.00 13.94 ? 693 THR B N   1 
ATOM   1016 C CA  . THR B 1 40  ? 1.280   1.132   -0.976  1.00 18.01 ? 693 THR B CA  1 
ATOM   1017 C C   . THR B 1 40  ? 0.067   0.338   -0.520  1.00 21.17 ? 693 THR B C   1 
ATOM   1018 O O   . THR B 1 40  ? 0.059   -0.185  0.596   1.00 20.60 ? 693 THR B O   1 
ATOM   1019 C CB  . THR B 1 40  ? 2.164   0.221   -1.857  1.00 16.94 ? 693 THR B CB  1 
ATOM   1020 O OG1 . THR B 1 40  ? 2.377   -1.009  -1.174  1.00 19.28 ? 693 THR B OG1 1 
ATOM   1021 C CG2 . THR B 1 40  ? 3.524   0.873   -2.173  1.00 11.92 ? 693 THR B CG2 1 
ATOM   1022 N N   . PRO B 1 41  ? -0.978  0.257   -1.356  1.00 22.03 ? 694 PRO B N   1 
ATOM   1023 C CA  . PRO B 1 41  ? -2.206  -0.397  -0.879  1.00 19.15 ? 694 PRO B CA  1 
ATOM   1024 C C   . PRO B 1 41  ? -1.992  -1.817  -0.315  1.00 21.77 ? 694 PRO B C   1 
ATOM   1025 O O   . PRO B 1 41  ? -2.682  -2.199  0.626   1.00 19.62 ? 694 PRO B O   1 
ATOM   1026 C CB  . PRO B 1 41  ? -3.091  -0.417  -2.127  1.00 20.83 ? 694 PRO B CB  1 
ATOM   1027 C CG  . PRO B 1 41  ? -2.635  0.827   -2.905  1.00 19.04 ? 694 PRO B CG  1 
ATOM   1028 C CD  . PRO B 1 41  ? -1.143  0.867   -2.689  1.00 17.81 ? 694 PRO B CD  1 
ATOM   1029 N N   . ALA B 1 42  ? -1.045  -2.574  -0.861  1.00 19.35 ? 695 ALA B N   1 
ATOM   1030 C CA  . ALA B 1 42  ? -0.818  -3.956  -0.431  1.00 21.81 ? 695 ALA B CA  1 
ATOM   1031 C C   . ALA B 1 42  ? 0.126   -4.048  0.767   1.00 22.17 ? 695 ALA B C   1 
ATOM   1032 O O   . ALA B 1 42  ? 0.240   -5.101  1.392   1.00 24.12 ? 695 ALA B O   1 
ATOM   1033 C CB  . ALA B 1 42  ? -0.281  -4.797  -1.594  1.00 21.01 ? 695 ALA B CB  1 
ATOM   1034 N N   . PHE B 1 43  ? 0.814   -2.948  1.062   1.00 19.23 ? 696 PHE B N   1 
ATOM   1035 C CA  . PHE B 1 43  ? 1.715   -2.869  2.200   1.00 17.97 ? 696 PHE B CA  1 
ATOM   1036 C C   . PHE B 1 43  ? 1.590   -1.457  2.783   1.00 16.63 ? 696 PHE B C   1 
ATOM   1037 O O   . PHE B 1 43  ? 2.484   -0.628  2.638   1.00 11.62 ? 696 PHE B O   1 
ATOM   1038 C CB  . PHE B 1 43  ? 3.151   -3.144  1.744   1.00 18.15 ? 696 PHE B CB  1 
ATOM   1039 C CG  . PHE B 1 43  ? 4.016   -3.773  2.798   1.00 22.11 ? 696 PHE B CG  1 
ATOM   1040 C CD1 . PHE B 1 43  ? 4.338   -5.126  2.731   1.00 24.73 ? 696 PHE B CD1 1 
ATOM   1041 C CD2 . PHE B 1 43  ? 4.500   -3.027  3.856   1.00 19.66 ? 696 PHE B CD2 1 
ATOM   1042 C CE1 . PHE B 1 43  ? 5.135   -5.724  3.702   1.00 23.19 ? 696 PHE B CE1 1 
ATOM   1043 C CE2 . PHE B 1 43  ? 5.307   -3.614  4.829   1.00 20.65 ? 696 PHE B CE2 1 
ATOM   1044 C CZ  . PHE B 1 43  ? 5.623   -4.966  4.747   1.00 21.10 ? 696 PHE B CZ  1 
ATOM   1045 N N   . PRO B 1 44  ? 0.448   -1.168  3.410   1.00 19.74 ? 697 PRO B N   1 
ATOM   1046 C CA  . PRO B 1 44  ? 0.172   0.189   3.896   1.00 14.58 ? 697 PRO B CA  1 
ATOM   1047 C C   . PRO B 1 44  ? 0.979   0.546   5.134   1.00 14.20 ? 697 PRO B C   1 
ATOM   1048 O O   . PRO B 1 44  ? 1.008   1.704   5.518   1.00 15.96 ? 697 PRO B O   1 
ATOM   1049 C CB  . PRO B 1 44  ? -1.321  0.133   4.249   1.00 15.17 ? 697 PRO B CB  1 
ATOM   1050 C CG  . PRO B 1 44  ? -1.563  -1.322  4.575   1.00 15.05 ? 697 PRO B CG  1 
ATOM   1051 C CD  . PRO B 1 44  ? -0.678  -2.092  3.643   1.00 13.91 ? 697 PRO B CD  1 
ATOM   1052 N N   . ALA B 1 45  ? 1.616   -0.427  5.774   1.00 16.28 ? 698 ALA B N   1 
ATOM   1053 C CA  . ALA B 1 45  ? 2.382   -0.107  6.976   1.00 15.84 ? 698 ALA B CA  1 
ATOM   1054 C C   . ALA B 1 45  ? 3.602   -0.985  7.173   1.00 17.57 ? 698 ALA B C   1 
ATOM   1055 O O   . ALA B 1 45  ? 3.727   -2.053  6.575   1.00 21.32 ? 698 ALA B O   1 
ATOM   1056 C CB  . ALA B 1 45  ? 1.494   -0.126  8.211   1.00 15.56 ? 698 ALA B CB  1 
ATOM   1057 N N   . LEU B 1 46  ? 4.499   -0.512  8.023   1.00 15.22 ? 699 LEU B N   1 
ATOM   1058 C CA  . LEU B 1 46  ? 5.775   -1.153  8.261   1.00 17.60 ? 699 LEU B CA  1 
ATOM   1059 C C   . LEU B 1 46  ? 5.603   -2.480  8.965   1.00 18.17 ? 699 LEU B C   1 
ATOM   1060 O O   . LEU B 1 46  ? 6.256   -3.457  8.609   1.00 20.75 ? 699 LEU B O   1 
ATOM   1061 C CB  . LEU B 1 46  ? 6.659   -0.242  9.111   1.00 20.35 ? 699 LEU B CB  1 
ATOM   1062 C CG  . LEU B 1 46  ? 8.047   0.106   8.570   1.00 25.06 ? 699 LEU B CG  1 
ATOM   1063 C CD1 . LEU B 1 46  ? 8.114   -0.043  7.064   1.00 22.16 ? 699 LEU B CD1 1 
ATOM   1064 C CD2 . LEU B 1 46  ? 8.428   1.505   9.002   1.00 15.05 ? 699 LEU B CD2 1 
ATOM   1065 N N   . GLN B 1 47  ? 4.733   -2.508  9.970   1.00 16.00 ? 700 GLN B N   1 
ATOM   1066 C CA  . GLN B 1 47  ? 4.583   -3.686  10.818  1.00 14.15 ? 700 GLN B CA  1 
ATOM   1067 C C   . GLN B 1 47  ? 3.219   -4.328  10.647  1.00 17.75 ? 700 GLN B C   1 
ATOM   1068 O O   . GLN B 1 47  ? 2.193   -3.636  10.582  1.00 16.47 ? 700 GLN B O   1 
ATOM   1069 C CB  . GLN B 1 47  ? 4.778   -3.334  12.295  1.00 19.25 ? 700 GLN B CB  1 
ATOM   1070 C CG  . GLN B 1 47  ? 5.838   -2.278  12.572  1.00 18.84 ? 700 GLN B CG  1 
ATOM   1071 C CD  . GLN B 1 47  ? 7.241   -2.781  12.348  1.00 19.28 ? 700 GLN B CD  1 
ATOM   1072 O OE1 . GLN B 1 47  ? 8.119   -2.031  11.914  1.00 22.53 ? 700 GLN B OE1 1 
ATOM   1073 N NE2 . GLN B 1 47  ? 7.469   -4.049  12.655  1.00 18.25 ? 700 GLN B NE2 1 
ATOM   1074 N N   . TYR B 1 48  ? 3.225   -5.659  10.591  1.00 16.51 ? 701 TYR B N   1 
ATOM   1075 C CA  . TYR B 1 48  ? 2.043   -6.469  10.368  1.00 16.43 ? 701 TYR B CA  1 
ATOM   1076 C C   . TYR B 1 48  ? 2.205   -7.741  11.176  1.00 19.17 ? 701 TYR B C   1 
ATOM   1077 O O   . TYR B 1 48  ? 3.267   -7.982  11.750  1.00 16.80 ? 701 TYR B O   1 
ATOM   1078 C CB  . TYR B 1 48  ? 1.915   -6.839  8.892   1.00 18.75 ? 701 TYR B CB  1 
ATOM   1079 C CG  . TYR B 1 48  ? 3.168   -7.458  8.322   1.00 17.06 ? 701 TYR B CG  1 
ATOM   1080 C CD1 . TYR B 1 48  ? 3.308   -8.840  8.204   1.00 22.03 ? 701 TYR B CD1 1 
ATOM   1081 C CD2 . TYR B 1 48  ? 4.224   -6.655  7.918   1.00 18.04 ? 701 TYR B CD2 1 
ATOM   1082 C CE1 . TYR B 1 48  ? 4.482   -9.399  7.685   1.00 17.68 ? 701 TYR B CE1 1 
ATOM   1083 C CE2 . TYR B 1 48  ? 5.381   -7.191  7.409   1.00 19.52 ? 701 TYR B CE2 1 
ATOM   1084 C CZ  . TYR B 1 48  ? 5.516   -8.559  7.293   1.00 20.06 ? 701 TYR B CZ  1 
ATOM   1085 O OH  . TYR B 1 48  ? 6.698   -9.050  6.775   1.00 23.57 ? 701 TYR B OH  1 
ATOM   1086 N N   . LEU B 1 49  ? 1.157   -8.560  11.200  1.00 16.45 ? 702 LEU B N   1 
ATOM   1087 C CA  . LEU B 1 49  ? 1.147   -9.767  12.013  1.00 14.69 ? 702 LEU B CA  1 
ATOM   1088 C C   . LEU B 1 49  ? 1.651   -10.971 11.214  1.00 19.07 ? 702 LEU B C   1 
ATOM   1089 O O   . LEU B 1 49  ? 1.054   -11.380 10.210  1.00 17.16 ? 702 LEU B O   1 
ATOM   1090 C CB  . LEU B 1 49  ? -0.252  -10.005 12.596  1.00 12.45 ? 702 LEU B CB  1 
ATOM   1091 C CG  . LEU B 1 49  ? -0.902  -8.827  13.343  1.00 15.97 ? 702 LEU B CG  1 
ATOM   1092 C CD1 . LEU B 1 49  ? -2.376  -9.112  13.707  1.00 12.32 ? 702 LEU B CD1 1 
ATOM   1093 C CD2 . LEU B 1 49  ? -0.102  -8.446  14.593  1.00 11.92 ? 702 LEU B CD2 1 
ATOM   1094 N N   . GLU B 1 50  ? 2.772   -11.519 11.664  1.00 20.65 ? 703 GLU B N   1 
ATOM   1095 C CA  . GLU B 1 50  ? 3.417   -12.641 10.993  1.00 19.90 ? 703 GLU B CA  1 
ATOM   1096 C C   . GLU B 1 50  ? 2.705   -13.945 11.346  1.00 18.43 ? 703 GLU B C   1 
ATOM   1097 O O   . GLU B 1 50  ? 2.587   -14.864 10.524  1.00 16.54 ? 703 GLU B O   1 
ATOM   1098 C CB  . GLU B 1 50  ? 4.891   -12.708 11.406  1.00 17.39 ? 703 GLU B CB  1 
ATOM   1099 C CG  . GLU B 1 50  ? 5.579   -14.014 11.081  1.00 20.22 ? 703 GLU B CG  1 
ATOM   1100 C CD  . GLU B 1 50  ? 5.640   -14.300 9.585   1.00 27.79 ? 703 GLU B CD  1 
ATOM   1101 O OE1 . GLU B 1 50  ? 5.797   -15.486 9.225   1.00 32.05 ? 703 GLU B OE1 1 
ATOM   1102 O OE2 . GLU B 1 50  ? 5.531   -13.349 8.772   1.00 21.96 ? 703 GLU B OE2 1 
ATOM   1103 N N   . SER B 1 51  ? 2.202   -14.004 12.570  1.00 17.13 ? 704 SER B N   1 
ATOM   1104 C CA  . SER B 1 51  ? 1.566   -15.206 13.075  1.00 17.50 ? 704 SER B CA  1 
ATOM   1105 C C   . SER B 1 51  ? 0.585   -14.813 14.154  1.00 17.45 ? 704 SER B C   1 
ATOM   1106 O O   . SER B 1 51  ? 0.805   -13.841 14.867  1.00 16.28 ? 704 SER B O   1 
ATOM   1107 C CB  . SER B 1 51  ? 2.627   -16.164 13.641  1.00 16.96 ? 704 SER B CB  1 
ATOM   1108 O OG  . SER B 1 51  ? 2.031   -17.150 14.455  1.00 29.17 ? 704 SER B OG  1 
ATOM   1109 N N   . VAL B 1 52  ? -0.510  -15.554 14.258  1.00 16.45 ? 705 VAL B N   1 
ATOM   1110 C CA  . VAL B 1 52  ? -1.485  -15.320 15.311  1.00 16.02 ? 705 VAL B CA  1 
ATOM   1111 C C   . VAL B 1 52  ? -1.840  -16.653 15.996  1.00 19.13 ? 705 VAL B C   1 
ATOM   1112 O O   . VAL B 1 52  ? -2.356  -17.567 15.370  1.00 17.04 ? 705 VAL B O   1 
ATOM   1113 C CB  . VAL B 1 52  ? -2.755  -14.618 14.778  1.00 17.74 ? 705 VAL B CB  1 
ATOM   1114 C CG1 . VAL B 1 52  ? -3.798  -14.503 15.870  1.00 14.82 ? 705 VAL B CG1 1 
ATOM   1115 C CG2 . VAL B 1 52  ? -2.422  -13.225 14.216  1.00 16.42 ? 705 VAL B CG2 1 
ATOM   1116 N N   . ASP B 1 53  ? -1.528  -16.734 17.285  1.00 21.13 ? 706 ASP B N   1 
ATOM   1117 C CA  . ASP B 1 53  ? -1.792  -17.887 18.151  1.00 21.79 ? 706 ASP B CA  1 
ATOM   1118 C C   . ASP B 1 53  ? -3.219  -18.421 18.119  1.00 21.80 ? 706 ASP B C   1 
ATOM   1119 O O   . ASP B 1 53  ? -4.168  -17.711 18.466  1.00 16.82 ? 706 ASP B O   1 
ATOM   1120 C CB  . ASP B 1 53  ? -1.501  -17.482 19.595  1.00 27.85 ? 706 ASP B CB  1 
ATOM   1121 C CG  . ASP B 1 53  ? -0.307  -18.189 20.173  1.00 39.51 ? 706 ASP B CG  1 
ATOM   1122 O OD1 . ASP B 1 53  ? 0.808   -17.631 20.051  1.00 37.97 ? 706 ASP B OD1 1 
ATOM   1123 O OD2 . ASP B 1 53  ? -0.498  -19.284 20.763  1.00 44.07 ? 706 ASP B OD2 1 
ATOM   1124 N N   . GLU B 1 54  ? -3.352  -19.690 17.749  1.00 20.71 ? 707 GLU B N   1 
ATOM   1125 C CA  . GLU B 1 54  ? -4.624  -20.400 17.807  1.00 20.18 ? 707 GLU B CA  1 
ATOM   1126 C C   . GLU B 1 54  ? -5.301  -20.196 19.148  1.00 19.77 ? 707 GLU B C   1 
ATOM   1127 O O   . GLU B 1 54  ? -4.748  -20.585 20.171  1.00 18.21 ? 707 GLU B O   1 
ATOM   1128 C CB  . GLU B 1 54  ? -4.379  -21.901 17.663  1.00 27.51 ? 707 GLU B CB  1 
ATOM   1129 C CG  . GLU B 1 54  ? -3.656  -22.326 16.417  1.00 30.43 ? 707 GLU B CG  1 
ATOM   1130 C CD  . GLU B 1 54  ? -4.610  -22.490 15.274  1.00 36.58 ? 707 GLU B CD  1 
ATOM   1131 O OE1 . GLU B 1 54  ? -5.399  -21.546 15.045  1.00 37.87 ? 707 GLU B OE1 1 
ATOM   1132 O OE2 . GLU B 1 54  ? -4.589  -23.559 14.624  1.00 25.69 ? 707 GLU B OE2 1 
ATOM   1133 N N   . GLY B 1 55  ? -6.504  -19.622 19.144  1.00 18.93 ? 708 GLY B N   1 
ATOM   1134 C CA  . GLY B 1 55  ? -7.282  -19.467 20.363  1.00 20.61 ? 708 GLY B CA  1 
ATOM   1135 C C   . GLY B 1 55  ? -6.730  -18.477 21.379  1.00 20.07 ? 708 GLY B C   1 
ATOM   1136 O O   . GLY B 1 55  ? -7.225  -18.402 22.508  1.00 16.45 ? 708 GLY B O   1 
ATOM   1137 N N   . GLY B 1 56  ? -5.714  -17.716 20.971  1.00 16.92 ? 709 GLY B N   1 
ATOM   1138 C CA  . GLY B 1 56  ? -5.121  -16.678 21.801  1.00 18.28 ? 709 GLY B CA  1 
ATOM   1139 C C   . GLY B 1 56  ? -5.948  -15.403 21.850  1.00 19.71 ? 709 GLY B C   1 
ATOM   1140 O O   . GLY B 1 56  ? -6.981  -15.296 21.179  1.00 18.38 ? 709 GLY B O   1 
ATOM   1141 N N   . VAL B 1 57  ? -5.501  -14.431 22.646  1.00 17.97 ? 710 VAL B N   1 
ATOM   1142 C CA  . VAL B 1 57  ? -6.275  -13.211 22.842  1.00 17.61 ? 710 VAL B CA  1 
ATOM   1143 C C   . VAL B 1 57  ? -6.548  -12.486 21.527  1.00 16.89 ? 710 VAL B C   1 
ATOM   1144 O O   . VAL B 1 57  ? -7.661  -12.007 21.306  1.00 20.57 ? 710 VAL B O   1 
ATOM   1145 C CB  . VAL B 1 57  ? -5.604  -12.241 23.845  1.00 21.39 ? 710 VAL B CB  1 
ATOM   1146 C CG1 . VAL B 1 57  ? -6.216  -10.868 23.739  1.00 17.85 ? 710 VAL B CG1 1 
ATOM   1147 C CG2 . VAL B 1 57  ? -5.723  -12.769 25.265  1.00 21.02 ? 710 VAL B CG2 1 
ATOM   1148 N N   . ALA B 1 58  ? -5.546  -12.411 20.653  1.00 13.93 ? 711 ALA B N   1 
ATOM   1149 C CA  . ALA B 1 58  ? -5.687  -11.647 19.400  1.00 16.98 ? 711 ALA B CA  1 
ATOM   1150 C C   . ALA B 1 58  ? -6.533  -12.391 18.368  1.00 17.20 ? 711 ALA B C   1 
ATOM   1151 O O   . ALA B 1 58  ? -7.275  -11.778 17.583  1.00 17.44 ? 711 ALA B O   1 
ATOM   1152 C CB  . ALA B 1 58  ? -4.316  -11.293 18.818  1.00 13.19 ? 711 ALA B CB  1 
ATOM   1153 N N   . TRP B 1 59  ? -6.403  -13.715 18.367  1.00 17.09 ? 712 TRP B N   1 
ATOM   1154 C CA  . TRP B 1 59  ? -7.212  -14.590 17.527  1.00 14.58 ? 712 TRP B CA  1 
ATOM   1155 C C   . TRP B 1 59  ? -8.670  -14.490 17.932  1.00 13.50 ? 712 TRP B C   1 
ATOM   1156 O O   . TRP B 1 59  ? -9.540  -14.366 17.092  1.00 14.01 ? 712 TRP B O   1 
ATOM   1157 C CB  . TRP B 1 59  ? -6.736  -16.024 17.709  1.00 17.47 ? 712 TRP B CB  1 
ATOM   1158 C CG  . TRP B 1 59  ? -7.589  -17.066 17.107  1.00 16.62 ? 712 TRP B CG  1 
ATOM   1159 C CD1 . TRP B 1 59  ? -8.803  -17.500 17.557  1.00 17.60 ? 712 TRP B CD1 1 
ATOM   1160 C CD2 . TRP B 1 59  ? -7.277  -17.867 15.961  1.00 19.94 ? 712 TRP B CD2 1 
ATOM   1161 N NE1 . TRP B 1 59  ? -9.276  -18.507 16.747  1.00 20.19 ? 712 TRP B NE1 1 
ATOM   1162 C CE2 . TRP B 1 59  ? -8.350  -18.759 15.767  1.00 17.52 ? 712 TRP B CE2 1 
ATOM   1163 C CE3 . TRP B 1 59  ? -6.186  -17.919 15.084  1.00 20.53 ? 712 TRP B CE3 1 
ATOM   1164 C CZ2 . TRP B 1 59  ? -8.375  -19.679 14.725  1.00 18.24 ? 712 TRP B CZ2 1 
ATOM   1165 C CZ3 . TRP B 1 59  ? -6.216  -18.845 14.044  1.00 24.26 ? 712 TRP B CZ3 1 
ATOM   1166 C CH2 . TRP B 1 59  ? -7.301  -19.704 13.875  1.00 18.26 ? 712 TRP B CH2 1 
ATOM   1167 N N   . ARG B 1 60  ? -8.937  -14.537 19.232  1.00 16.66 ? 713 ARG B N   1 
ATOM   1168 C CA  . ARG B 1 60  ? -10.309 -14.439 19.702  1.00 18.27 ? 713 ARG B CA  1 
ATOM   1169 C C   . ARG B 1 60  ? -10.927 -13.107 19.285  1.00 18.50 ? 713 ARG B C   1 
ATOM   1170 O O   . ARG B 1 60  ? -12.122 -13.051 19.013  1.00 20.88 ? 713 ARG B O   1 
ATOM   1171 C CB  . ARG B 1 60  ? -10.409 -14.643 21.225  1.00 16.78 ? 713 ARG B CB  1 
ATOM   1172 C CG  . ARG B 1 60  ? -9.983  -16.047 21.692  1.00 22.99 ? 713 ARG B CG  1 
ATOM   1173 C CD  . ARG B 1 60  ? -10.526 -16.418 23.089  1.00 23.10 ? 713 ARG B CD  1 
ATOM   1174 N NE  . ARG B 1 60  ? -10.123 -15.471 24.123  1.00 19.14 ? 713 ARG B NE  1 
ATOM   1175 C CZ  . ARG B 1 60  ? -8.993  -15.547 24.821  1.00 23.32 ? 713 ARG B CZ  1 
ATOM   1176 N NH1 . ARG B 1 60  ? -8.127  -16.538 24.615  1.00 21.46 ? 713 ARG B NH1 1 
ATOM   1177 N NH2 . ARG B 1 60  ? -8.734  -14.629 25.744  1.00 24.92 ? 713 ARG B NH2 1 
ATOM   1178 N N   . ALA B 1 61  ? -10.108 -12.051 19.230  1.00 16.25 ? 714 ALA B N   1 
ATOM   1179 C CA  . ALA B 1 61  ? -10.575 -10.693 18.904  1.00 20.92 ? 714 ALA B CA  1 
ATOM   1180 C C   . ALA B 1 61  ? -10.783 -10.455 17.409  1.00 19.82 ? 714 ALA B C   1 
ATOM   1181 O O   . ALA B 1 61  ? -11.346 -9.428  17.003  1.00 18.97 ? 714 ALA B O   1 
ATOM   1182 C CB  . ALA B 1 61  ? -9.608  -9.640  19.463  1.00 16.34 ? 714 ALA B CB  1 
ATOM   1183 N N   . GLY B 1 62  ? -10.303 -11.381 16.588  1.00 15.83 ? 715 GLY B N   1 
ATOM   1184 C CA  . GLY B 1 62  ? -10.537 -11.293 15.160  1.00 15.38 ? 715 GLY B CA  1 
ATOM   1185 C C   . GLY B 1 62  ? -9.402  -10.713 14.344  1.00 13.97 ? 715 GLY B C   1 
ATOM   1186 O O   . GLY B 1 62  ? -9.632  -10.170 13.264  1.00 15.21 ? 715 GLY B O   1 
ATOM   1187 N N   . LEU B 1 63  ? -8.178  -10.842 14.849  1.00 13.19 ? 716 LEU B N   1 
ATOM   1188 C CA  . LEU B 1 63  ? -6.987  -10.476 14.083  1.00 14.02 ? 716 LEU B CA  1 
ATOM   1189 C C   . LEU B 1 63  ? -6.394  -11.724 13.402  1.00 14.43 ? 716 LEU B C   1 
ATOM   1190 O O   . LEU B 1 63  ? -6.493  -12.841 13.926  1.00 11.01 ? 716 LEU B O   1 
ATOM   1191 C CB  . LEU B 1 63  ? -5.939  -9.813  14.994  1.00 11.31 ? 716 LEU B CB  1 
ATOM   1192 C CG  . LEU B 1 63  ? -6.355  -8.590  15.829  1.00 13.38 ? 716 LEU B CG  1 
ATOM   1193 C CD1 . LEU B 1 63  ? -5.225  -8.181  16.745  1.00 11.37 ? 716 LEU B CD1 1 
ATOM   1194 C CD2 . LEU B 1 63  ? -6.756  -7.419  14.938  1.00 13.14 ? 716 LEU B CD2 1 
ATOM   1195 N N   . ARG B 1 64  ? -5.787  -11.527 12.236  1.00 9.70  ? 717 ARG B N   1 
ATOM   1196 C CA  . ARG B 1 64  ? -5.218  -12.619 11.473  1.00 11.46 ? 717 ARG B CA  1 
ATOM   1197 C C   . ARG B 1 64  ? -3.826  -12.263 10.973  1.00 14.32 ? 717 ARG B C   1 
ATOM   1198 O O   . ARG B 1 64  ? -3.447  -11.079 10.932  1.00 13.37 ? 717 ARG B O   1 
ATOM   1199 C CB  . ARG B 1 64  ? -6.079  -12.924 10.250  1.00 13.26 ? 717 ARG B CB  1 
ATOM   1200 C CG  . ARG B 1 64  ? -7.396  -13.597 10.531  1.00 16.30 ? 717 ARG B CG  1 
ATOM   1201 C CD  . ARG B 1 64  ? -8.002  -14.068 9.223   1.00 12.91 ? 717 ARG B CD  1 
ATOM   1202 N NE  . ARG B 1 64  ? -9.339  -14.618 9.404   1.00 13.01 ? 717 ARG B NE  1 
ATOM   1203 C CZ  . ARG B 1 64  ? -10.074 -15.114 8.414   1.00 13.30 ? 717 ARG B CZ  1 
ATOM   1204 N NH1 . ARG B 1 64  ? -9.604  -15.109 7.174   1.00 12.24 ? 717 ARG B NH1 1 
ATOM   1205 N NH2 . ARG B 1 64  ? -11.275 -15.623 8.657   1.00 13.73 ? 717 ARG B NH2 1 
ATOM   1206 N N   . MET B 1 65  ? -3.076  -13.290 10.585  1.00 9.70  ? 718 MET B N   1 
ATOM   1207 C CA  . MET B 1 65  ? -1.814  -13.100 9.903   1.00 12.60 ? 718 MET B CA  1 
ATOM   1208 C C   . MET B 1 65  ? -2.085  -12.196 8.729   1.00 12.34 ? 718 MET B C   1 
ATOM   1209 O O   . MET B 1 65  ? -3.132  -12.303 8.103   1.00 10.83 ? 718 MET B O   1 
ATOM   1210 C CB  . MET B 1 65  ? -1.270  -14.440 9.383   1.00 15.90 ? 718 MET B CB  1 
ATOM   1211 C CG  . MET B 1 65  ? -0.932  -15.443 10.473  1.00 18.80 ? 718 MET B CG  1 
ATOM   1212 S SD  . MET B 1 65  ? -0.362  -17.020 9.840   1.00 23.41 ? 718 MET B SD  1 
ATOM   1213 C CE  . MET B 1 65  ? -1.901  -17.707 9.175   1.00 13.66 ? 718 MET B CE  1 
ATOM   1214 N N   . GLY B 1 66  ? -1.151  -11.303 8.432   1.00 11.79 ? 719 GLY B N   1 
ATOM   1215 C CA  . GLY B 1 66  ? -1.325  -10.395 7.310   1.00 13.44 ? 719 GLY B CA  1 
ATOM   1216 C C   . GLY B 1 66  ? -1.944  -9.038  7.621   1.00 14.88 ? 719 GLY B C   1 
ATOM   1217 O O   . GLY B 1 66  ? -1.884  -8.153  6.777   1.00 14.00 ? 719 GLY B O   1 
ATOM   1218 N N   . ASP B 1 67  ? -2.553  -8.868  8.799   1.00 13.91 ? 720 ASP B N   1 
ATOM   1219 C CA  . ASP B 1 67  ? -3.140  -7.569  9.177   1.00 12.93 ? 720 ASP B CA  1 
ATOM   1220 C C   . ASP B 1 67  ? -2.026  -6.588  9.493   1.00 15.11 ? 720 ASP B C   1 
ATOM   1221 O O   . ASP B 1 67  ? -1.086  -6.931  10.206  1.00 15.03 ? 720 ASP B O   1 
ATOM   1222 C CB  . ASP B 1 67  ? -4.042  -7.660  10.415  1.00 8.60  ? 720 ASP B CB  1 
ATOM   1223 C CG  . ASP B 1 67  ? -5.335  -8.421  10.162  1.00 13.17 ? 720 ASP B CG  1 
ATOM   1224 O OD1 . ASP B 1 67  ? -5.775  -8.555  8.999   1.00 15.79 ? 720 ASP B OD1 1 
ATOM   1225 O OD2 . ASP B 1 67  ? -5.941  -8.865  11.152  1.00 13.17 ? 720 ASP B OD2 1 
ATOM   1226 N N   . PHE B 1 68  ? -2.151  -5.365  8.975   1.00 17.59 ? 721 PHE B N   1 
ATOM   1227 C CA  . PHE B 1 68  ? -1.174  -4.294  9.210   1.00 16.97 ? 721 PHE B CA  1 
ATOM   1228 C C   . PHE B 1 68  ? -1.553  -3.441  10.406  1.00 13.16 ? 721 PHE B C   1 
ATOM   1229 O O   . PHE B 1 68  ? -2.723  -3.157  10.611  1.00 15.17 ? 721 PHE B O   1 
ATOM   1230 C CB  . PHE B 1 68  ? -1.041  -3.432  7.961   1.00 11.14 ? 721 PHE B CB  1 
ATOM   1231 C CG  . PHE B 1 68  ? -0.412  -4.156  6.819   1.00 12.93 ? 721 PHE B CG  1 
ATOM   1232 C CD1 . PHE B 1 68  ? -1.165  -5.001  6.021   1.00 12.96 ? 721 PHE B CD1 1 
ATOM   1233 C CD2 . PHE B 1 68  ? 0.944   -4.039  6.574   1.00 12.55 ? 721 PHE B CD2 1 
ATOM   1234 C CE1 . PHE B 1 68  ? -0.578  -5.702  4.993   1.00 15.68 ? 721 PHE B CE1 1 
ATOM   1235 C CE2 . PHE B 1 68  ? 1.533   -4.736  5.552   1.00 14.15 ? 721 PHE B CE2 1 
ATOM   1236 C CZ  . PHE B 1 68  ? 0.772   -5.569  4.755   1.00 13.99 ? 721 PHE B CZ  1 
ATOM   1237 N N   . LEU B 1 69  ? -0.572  -3.052  11.216  1.00 16.35 ? 722 LEU B N   1 
ATOM   1238 C CA  . LEU B 1 69  ? -0.850  -2.131  12.330  1.00 17.79 ? 722 LEU B CA  1 
ATOM   1239 C C   . LEU B 1 69  ? -0.694  -0.689  11.883  1.00 15.64 ? 722 LEU B C   1 
ATOM   1240 O O   . LEU B 1 69  ? 0.379   -0.296  11.448  1.00 17.28 ? 722 LEU B O   1 
ATOM   1241 C CB  . LEU B 1 69  ? 0.060   -2.384  13.534  1.00 15.15 ? 722 LEU B CB  1 
ATOM   1242 C CG  . LEU B 1 69  ? -0.250  -3.545  14.481  1.00 16.08 ? 722 LEU B CG  1 
ATOM   1243 C CD1 . LEU B 1 69  ? -0.314  -4.849  13.730  1.00 15.21 ? 722 LEU B CD1 1 
ATOM   1244 C CD2 . LEU B 1 69  ? 0.799   -3.611  15.592  1.00 15.33 ? 722 LEU B CD2 1 
ATOM   1245 N N   . ILE B 1 70  ? -1.774  0.083   11.996  1.00 18.73 ? 723 ILE B N   1 
ATOM   1246 C CA  . ILE B 1 70  ? -1.790  1.505   11.634  1.00 18.66 ? 723 ILE B CA  1 
ATOM   1247 C C   . ILE B 1 70  ? -1.734  2.377   12.878  1.00 21.23 ? 723 ILE B C   1 
ATOM   1248 O O   . ILE B 1 70  ? -1.259  3.515   12.842  1.00 22.53 ? 723 ILE B O   1 
ATOM   1249 C CB  . ILE B 1 70  ? -3.087  1.887   10.886  1.00 19.63 ? 723 ILE B CB  1 
ATOM   1250 C CG1 . ILE B 1 70  ? -3.209  1.123   9.572   1.00 24.70 ? 723 ILE B CG1 1 
ATOM   1251 C CG2 . ILE B 1 70  ? -3.124  3.384   10.598  1.00 34.69 ? 723 ILE B CG2 1 
ATOM   1252 C CD1 . ILE B 1 70  ? -1.935  1.084   8.767   1.00 18.24 ? 723 ILE B CD1 1 
ATOM   1253 N N   . GLU B 1 71  ? -2.230  1.857   13.990  1.00 19.62 ? 724 GLU B N   1 
ATOM   1254 C CA  . GLU B 1 71  ? -2.292  2.675   15.183  1.00 20.27 ? 724 GLU B CA  1 
ATOM   1255 C C   . GLU B 1 71  ? -2.225  1.808   16.426  1.00 23.67 ? 724 GLU B C   1 
ATOM   1256 O O   . GLU B 1 71  ? -2.857  0.742   16.498  1.00 21.52 ? 724 GLU B O   1 
ATOM   1257 C CB  . GLU B 1 71  ? -3.575  3.507   15.162  1.00 23.11 ? 724 GLU B CB  1 
ATOM   1258 C CG  . GLU B 1 71  ? -3.598  4.676   16.116  1.00 21.76 ? 724 GLU B CG  1 
ATOM   1259 C CD  . GLU B 1 71  ? -4.865  5.480   15.977  1.00 24.22 ? 724 GLU B CD  1 
ATOM   1260 O OE1 . GLU B 1 71  ? -5.223  5.837   14.835  1.00 30.47 ? 724 GLU B OE1 1 
ATOM   1261 O OE2 . GLU B 1 71  ? -5.519  5.736   17.004  1.00 28.42 ? 724 GLU B OE2 1 
ATOM   1262 N N   . VAL B 1 72  ? -1.449  2.263   17.402  1.00 19.32 ? 725 VAL B N   1 
ATOM   1263 C CA  . VAL B 1 72  ? -1.292  1.534   18.648  1.00 17.04 ? 725 VAL B CA  1 
ATOM   1264 C C   . VAL B 1 72  ? -1.529  2.482   19.801  1.00 24.09 ? 725 VAL B C   1 
ATOM   1265 O O   . VAL B 1 72  ? -0.777  3.439   19.998  1.00 25.28 ? 725 VAL B O   1 
ATOM   1266 C CB  . VAL B 1 72  ? 0.118   0.967   18.787  1.00 18.04 ? 725 VAL B CB  1 
ATOM   1267 C CG1 . VAL B 1 72  ? 0.385   0.571   20.228  1.00 19.28 ? 725 VAL B CG1 1 
ATOM   1268 C CG2 . VAL B 1 72  ? 0.321   -0.220  17.829  1.00 20.97 ? 725 VAL B CG2 1 
ATOM   1269 N N   . ASN B 1 73  ? -2.585  2.227   20.559  1.00 24.28 ? 726 ASN B N   1 
ATOM   1270 C CA  . ASN B 1 73  ? -2.876  3.040   21.719  1.00 23.26 ? 726 ASN B CA  1 
ATOM   1271 C C   . ASN B 1 73  ? -2.810  4.530   21.379  1.00 24.49 ? 726 ASN B C   1 
ATOM   1272 O O   . ASN B 1 73  ? -2.219  5.318   22.111  1.00 25.25 ? 726 ASN B O   1 
ATOM   1273 C CB  . ASN B 1 73  ? -1.897  2.695   22.842  1.00 20.62 ? 726 ASN B CB  1 
ATOM   1274 C CG  . ASN B 1 73  ? -2.014  1.251   23.278  1.00 22.72 ? 726 ASN B CG  1 
ATOM   1275 O OD1 . ASN B 1 73  ? -1.024  0.594   23.633  1.00 23.64 ? 726 ASN B OD1 1 
ATOM   1276 N ND2 . ASN B 1 73  ? -3.234  0.739   23.236  1.00 20.98 ? 726 ASN B ND2 1 
ATOM   1277 N N   . GLY B 1 74  ? -3.400  4.911   20.252  1.00 23.75 ? 727 GLY B N   1 
ATOM   1278 C CA  . GLY B 1 74  ? -3.449  6.313   19.866  1.00 25.24 ? 727 GLY B CA  1 
ATOM   1279 C C   . GLY B 1 74  ? -2.231  6.854   19.132  1.00 21.99 ? 727 GLY B C   1 
ATOM   1280 O O   . GLY B 1 74  ? -2.219  8.009   18.721  1.00 27.45 ? 727 GLY B O   1 
ATOM   1281 N N   . GLN B 1 75  ? -1.216  6.023   18.951  1.00 20.58 ? 728 GLN B N   1 
ATOM   1282 C CA  . GLN B 1 75  ? -0.004  6.433   18.258  1.00 20.22 ? 728 GLN B CA  1 
ATOM   1283 C C   . GLN B 1 75  ? 0.009   5.909   16.827  1.00 22.91 ? 728 GLN B C   1 
ATOM   1284 O O   . GLN B 1 75  ? 0.031   4.695   16.603  1.00 23.59 ? 728 GLN B O   1 
ATOM   1285 C CB  . GLN B 1 75  ? 1.226   5.910   19.008  1.00 24.25 ? 728 GLN B CB  1 
ATOM   1286 C CG  . GLN B 1 75  ? 1.328   6.408   20.450  1.00 29.01 ? 728 GLN B CG  1 
ATOM   1287 C CD  . GLN B 1 75  ? 2.349   5.649   21.292  1.00 31.86 ? 728 GLN B CD  1 
ATOM   1288 O OE1 . GLN B 1 75  ? 1.985   4.789   22.096  1.00 27.44 ? 728 GLN B OE1 1 
ATOM   1289 N NE2 . GLN B 1 75  ? 3.629   5.983   21.127  1.00 22.65 ? 728 GLN B NE2 1 
ATOM   1290 N N   . ASN B 1 76  ? 0.000   6.813   15.853  1.00 18.93 ? 729 ASN B N   1 
ATOM   1291 C CA  . ASN B 1 76  ? 0.163   6.387   14.469  1.00 19.85 ? 729 ASN B CA  1 
ATOM   1292 C C   . ASN B 1 76  ? 1.466   5.598   14.286  1.00 22.57 ? 729 ASN B C   1 
ATOM   1293 O O   . ASN B 1 76  ? 2.542   6.099   14.623  1.00 23.97 ? 729 ASN B O   1 
ATOM   1294 C CB  . ASN B 1 76  ? 0.141   7.579   13.518  1.00 17.32 ? 729 ASN B CB  1 
ATOM   1295 C CG  . ASN B 1 76  ? 0.277   7.162   12.073  1.00 23.01 ? 729 ASN B CG  1 
ATOM   1296 O OD1 . ASN B 1 76  ? 1.322   6.660   11.656  1.00 24.83 ? 729 ASN B OD1 1 
ATOM   1297 N ND2 . ASN B 1 76  ? -0.784  7.345   11.303  1.00 22.36 ? 729 ASN B ND2 1 
ATOM   1298 N N   . VAL B 1 77  ? 1.388   4.371   13.763  1.00 19.09 ? 730 VAL B N   1 
ATOM   1299 C CA  . VAL B 1 77  ? 2.610   3.589   13.540  1.00 17.10 ? 730 VAL B CA  1 
ATOM   1300 C C   . VAL B 1 77  ? 2.851   3.132   12.099  1.00 20.07 ? 730 VAL B C   1 
ATOM   1301 O O   . VAL B 1 77  ? 3.622   2.193   11.853  1.00 16.70 ? 730 VAL B O   1 
ATOM   1302 C CB  . VAL B 1 77  ? 2.719   2.380   14.480  1.00 18.84 ? 730 VAL B CB  1 
ATOM   1303 C CG1 . VAL B 1 77  ? 2.813   2.849   15.923  1.00 15.78 ? 730 VAL B CG1 1 
ATOM   1304 C CG2 . VAL B 1 77  ? 1.549   1.412   14.260  1.00 14.73 ? 730 VAL B CG2 1 
ATOM   1305 N N   . VAL B 1 78  ? 2.221   3.811   11.148  1.00 16.78 ? 731 VAL B N   1 
ATOM   1306 C CA  . VAL B 1 78  ? 2.443   3.506   9.740   1.00 16.59 ? 731 VAL B CA  1 
ATOM   1307 C C   . VAL B 1 78  ? 3.930   3.465   9.385   1.00 20.43 ? 731 VAL B C   1 
ATOM   1308 O O   . VAL B 1 78  ? 4.372   2.547   8.714   1.00 21.71 ? 731 VAL B O   1 
ATOM   1309 C CB  . VAL B 1 78  ? 1.724   4.519   8.824   1.00 20.23 ? 731 VAL B CB  1 
ATOM   1310 C CG1 . VAL B 1 78  ? 2.052   4.255   7.371   1.00 17.28 ? 731 VAL B CG1 1 
ATOM   1311 C CG2 . VAL B 1 78  ? 0.203   4.470   9.064   1.00 18.53 ? 731 VAL B CG2 1 
ATOM   1312 N N   . LYS B 1 79  ? 4.696   4.455   9.838   1.00 21.64 ? 732 LYS B N   1 
ATOM   1313 C CA  . LYS B 1 79  ? 6.091   4.609   9.421   1.00 22.22 ? 732 LYS B CA  1 
ATOM   1314 C C   . LYS B 1 79  ? 7.087   4.315   10.538  1.00 21.30 ? 732 LYS B C   1 
ATOM   1315 O O   . LYS B 1 79  ? 8.269   4.643   10.419  1.00 25.83 ? 732 LYS B O   1 
ATOM   1316 C CB  . LYS B 1 79  ? 6.347   6.037   8.910   1.00 24.88 ? 732 LYS B CB  1 
ATOM   1317 C CG  . LYS B 1 79  ? 5.630   6.413   7.620   1.00 25.28 ? 732 LYS B CG  1 
ATOM   1318 C CD  . LYS B 1 79  ? 5.971   7.841   7.190   1.00 31.69 ? 732 LYS B CD  1 
ATOM   1319 C CE  . LYS B 1 79  ? 5.360   8.175   5.835   1.00 39.53 ? 732 LYS B CE  1 
ATOM   1320 N NZ  . LYS B 1 79  ? 5.708   9.564   5.376   1.00 45.88 ? 732 LYS B NZ  1 
ATOM   1321 N N   . VAL B 1 80  ? 6.615   3.697   11.615  1.00 21.02 ? 733 VAL B N   1 
ATOM   1322 C CA  . VAL B 1 80  ? 7.426   3.506   12.815  1.00 19.63 ? 733 VAL B CA  1 
ATOM   1323 C C   . VAL B 1 80  ? 8.166   2.169   12.851  1.00 22.58 ? 733 VAL B C   1 
ATOM   1324 O O   . VAL B 1 80  ? 7.599   1.116   12.553  1.00 23.30 ? 733 VAL B O   1 
ATOM   1325 C CB  . VAL B 1 80  ? 6.563   3.642   14.089  1.00 23.15 ? 733 VAL B CB  1 
ATOM   1326 C CG1 . VAL B 1 80  ? 7.421   3.506   15.321  1.00 21.53 ? 733 VAL B CG1 1 
ATOM   1327 C CG2 . VAL B 1 80  ? 5.811   4.980   14.094  1.00 17.72 ? 733 VAL B CG2 1 
ATOM   1328 N N   . GLY B 1 81  ? 9.436   2.222   13.239  1.00 20.19 ? 734 GLY B N   1 
ATOM   1329 C CA  . GLY B 1 81  ? 10.281  1.045   13.301  1.00 19.11 ? 734 GLY B CA  1 
ATOM   1330 C C   . GLY B 1 81  ? 9.843   -0.051  14.257  1.00 19.16 ? 734 GLY B C   1 
ATOM   1331 O O   . GLY B 1 81  ? 8.998   0.160   15.130  1.00 19.28 ? 734 GLY B O   1 
ATOM   1332 N N   . HIS B 1 82  ? 10.440  -1.227  14.100  1.00 19.52 ? 735 HIS B N   1 
ATOM   1333 C CA  . HIS B 1 82  ? 10.015  -2.408  14.845  1.00 22.89 ? 735 HIS B CA  1 
ATOM   1334 C C   . HIS B 1 82  ? 10.189  -2.282  16.350  1.00 24.09 ? 735 HIS B C   1 
ATOM   1335 O O   . HIS B 1 82  ? 9.269   -2.573  17.126  1.00 24.31 ? 735 HIS B O   1 
ATOM   1336 C CB  . HIS B 1 82  ? 10.760  -3.656  14.383  1.00 18.44 ? 735 HIS B CB  1 
ATOM   1337 C CG  . HIS B 1 82  ? 10.259  -4.915  15.030  1.00 23.14 ? 735 HIS B CG  1 
ATOM   1338 N ND1 . HIS B 1 82  ? 9.204   -5.639  14.524  1.00 21.03 ? 735 HIS B ND1 1 
ATOM   1339 C CD2 . HIS B 1 82  ? 10.653  -5.553  16.155  1.00 20.43 ? 735 HIS B CD2 1 
ATOM   1340 C CE1 . HIS B 1 82  ? 8.981   -6.687  15.300  1.00 18.69 ? 735 HIS B CE1 1 
ATOM   1341 N NE2 . HIS B 1 82  ? 9.846   -6.659  16.293  1.00 23.05 ? 735 HIS B NE2 1 
ATOM   1342 N N   . ARG B 1 83  ? 11.380  -1.871  16.761  1.00 23.15 ? 736 ARG B N   1 
ATOM   1343 C CA  . ARG B 1 83  ? 11.694  -1.790  18.172  1.00 25.23 ? 736 ARG B CA  1 
ATOM   1344 C C   . ARG B 1 83  ? 10.761  -0.808  18.863  1.00 23.75 ? 736 ARG B C   1 
ATOM   1345 O O   . ARG B 1 83  ? 10.290  -1.078  19.966  1.00 24.61 ? 736 ARG B O   1 
ATOM   1346 C CB  . ARG B 1 83  ? 13.159  -1.387  18.387  1.00 29.28 ? 736 ARG B CB  1 
ATOM   1347 C CG  . ARG B 1 83  ? 13.545  -1.237  19.861  1.00 33.67 ? 736 ARG B CG  1 
ATOM   1348 C CD  . ARG B 1 83  ? 14.976  -0.717  20.017  1.00 38.30 ? 736 ARG B CD  1 
ATOM   1349 N NE  . ARG B 1 83  ? 15.193  0.496   19.232  1.00 35.72 ? 736 ARG B NE  1 
ATOM   1350 C CZ  . ARG B 1 83  ? 14.718  1.692   19.566  1.00 42.62 ? 736 ARG B CZ  1 
ATOM   1351 N NH1 . ARG B 1 83  ? 14.001  1.839   20.675  1.00 42.23 ? 736 ARG B NH1 1 
ATOM   1352 N NH2 . ARG B 1 83  ? 14.956  2.742   18.791  1.00 45.22 ? 736 ARG B NH2 1 
ATOM   1353 N N   . GLN B 1 84  ? 10.479  0.320   18.215  1.00 21.65 ? 737 GLN B N   1 
ATOM   1354 C CA  . GLN B 1 84  ? 9.616   1.332   18.825  1.00 24.40 ? 737 GLN B CA  1 
ATOM   1355 C C   . GLN B 1 84  ? 8.165   0.889   18.900  1.00 22.73 ? 737 GLN B C   1 
ATOM   1356 O O   . GLN B 1 84  ? 7.469   1.201   19.867  1.00 24.80 ? 737 GLN B O   1 
ATOM   1357 C CB  . GLN B 1 84  ? 9.717   2.685   18.117  1.00 24.82 ? 737 GLN B CB  1 
ATOM   1358 C CG  . GLN B 1 84  ? 10.265  3.796   19.026  1.00 39.16 ? 737 GLN B CG  1 
ATOM   1359 C CD  . GLN B 1 84  ? 9.535   5.135   18.869  1.00 44.00 ? 737 GLN B CD  1 
ATOM   1360 O OE1 . GLN B 1 84  ? 9.088   5.491   17.778  1.00 43.14 ? 737 GLN B OE1 1 
ATOM   1361 N NE2 . GLN B 1 84  ? 9.412   5.878   19.968  1.00 47.94 ? 737 GLN B NE2 1 
ATOM   1362 N N   . VAL B 1 85  ? 7.707   0.164   17.882  1.00 23.20 ? 738 VAL B N   1 
ATOM   1363 C CA  . VAL B 1 85  ? 6.337   -0.340  17.880  1.00 22.23 ? 738 VAL B CA  1 
ATOM   1364 C C   . VAL B 1 85  ? 6.177   -1.431  18.931  1.00 23.89 ? 738 VAL B C   1 
ATOM   1365 O O   . VAL B 1 85  ? 5.141   -1.530  19.586  1.00 23.07 ? 738 VAL B O   1 
ATOM   1366 C CB  . VAL B 1 85  ? 5.939   -0.897  16.505  1.00 23.19 ? 738 VAL B CB  1 
ATOM   1367 C CG1 . VAL B 1 85  ? 4.660   -1.726  16.619  1.00 20.05 ? 738 VAL B CG1 1 
ATOM   1368 C CG2 . VAL B 1 85  ? 5.781   0.243   15.501  1.00 17.49 ? 738 VAL B CG2 1 
ATOM   1369 N N   . VAL B 1 86  ? 7.209   -2.252  19.088  1.00 21.00 ? 739 VAL B N   1 
ATOM   1370 C CA  . VAL B 1 86  ? 7.212   -3.257  20.139  1.00 21.78 ? 739 VAL B CA  1 
ATOM   1371 C C   . VAL B 1 86  ? 7.155   -2.604  21.504  1.00 23.55 ? 739 VAL B C   1 
ATOM   1372 O O   . VAL B 1 86  ? 6.473   -3.094  22.401  1.00 25.73 ? 739 VAL B O   1 
ATOM   1373 C CB  . VAL B 1 86  ? 8.477   -4.115  20.095  1.00 21.65 ? 739 VAL B CB  1 
ATOM   1374 C CG1 . VAL B 1 86  ? 8.722   -4.743  21.449  1.00 19.59 ? 739 VAL B CG1 1 
ATOM   1375 C CG2 . VAL B 1 86  ? 8.371   -5.176  18.990  1.00 22.46 ? 739 VAL B CG2 1 
ATOM   1376 N N   . ASN B 1 87  ? 7.881   -1.499  21.667  1.00 24.09 ? 740 ASN B N   1 
ATOM   1377 C CA  . ASN B 1 87  ? 7.897   -0.798  22.945  1.00 22.39 ? 740 ASN B CA  1 
ATOM   1378 C C   . ASN B 1 87  ? 6.527   -0.197  23.220  1.00 23.41 ? 740 ASN B C   1 
ATOM   1379 O O   . ASN B 1 87  ? 6.015   -0.299  24.330  1.00 26.30 ? 740 ASN B O   1 
ATOM   1380 C CB  . ASN B 1 87  ? 8.980   0.292   22.979  1.00 22.97 ? 740 ASN B CB  1 
ATOM   1381 C CG  . ASN B 1 87  ? 10.386  -0.275  23.108  1.00 27.45 ? 740 ASN B CG  1 
ATOM   1382 O OD1 . ASN B 1 87  ? 11.360  0.375   22.737  1.00 30.61 ? 740 ASN B OD1 1 
ATOM   1383 N ND2 . ASN B 1 87  ? 10.498  -1.489  23.633  1.00 19.46 ? 740 ASN B ND2 1 
ATOM   1384 N N   . MET B 1 88  ? 5.926   0.411   22.204  1.00 20.01 ? 741 MET B N   1 
ATOM   1385 C CA  . MET B 1 88  ? 4.609   1.012   22.373  1.00 24.68 ? 741 MET B CA  1 
ATOM   1386 C C   . MET B 1 88  ? 3.599   -0.041  22.798  1.00 21.05 ? 741 MET B C   1 
ATOM   1387 O O   . MET B 1 88  ? 2.760   0.202   23.656  1.00 24.80 ? 741 MET B O   1 
ATOM   1388 C CB  . MET B 1 88  ? 4.135   1.684   21.082  1.00 26.40 ? 741 MET B CB  1 
ATOM   1389 C CG  . MET B 1 88  ? 4.980   2.857   20.631  1.00 26.07 ? 741 MET B CG  1 
ATOM   1390 S SD  . MET B 1 88  ? 4.446   3.412   19.003  1.00 25.82 ? 741 MET B SD  1 
ATOM   1391 C CE  . MET B 1 88  ? 5.812   4.478   18.533  1.00 23.89 ? 741 MET B CE  1 
ATOM   1392 N N   . ILE B 1 89  ? 3.677   -1.218  22.195  1.00 23.67 ? 742 ILE B N   1 
ATOM   1393 C CA  . ILE B 1 89  ? 2.780   -2.304  22.589  1.00 24.95 ? 742 ILE B CA  1 
ATOM   1394 C C   . ILE B 1 89  ? 3.046   -2.749  24.030  1.00 22.90 ? 742 ILE B C   1 
ATOM   1395 O O   . ILE B 1 89  ? 2.120   -2.916  24.820  1.00 22.26 ? 742 ILE B O   1 
ATOM   1396 C CB  . ILE B 1 89  ? 2.829   -3.490  21.597  1.00 17.44 ? 742 ILE B CB  1 
ATOM   1397 C CG1 . ILE B 1 89  ? 2.277   -3.026  20.242  1.00 21.15 ? 742 ILE B CG1 1 
ATOM   1398 C CG2 . ILE B 1 89  ? 1.997   -4.643  22.124  1.00 17.37 ? 742 ILE B CG2 1 
ATOM   1399 C CD1 . ILE B 1 89  ? 2.463   -3.982  19.110  1.00 19.34 ? 742 ILE B CD1 1 
ATOM   1400 N N   . ARG B 1 90  ? 4.316   -2.886  24.378  1.00 20.40 ? 743 ARG B N   1 
ATOM   1401 C CA  . ARG B 1 90  ? 4.681   -3.266  25.732  1.00 23.47 ? 743 ARG B CA  1 
ATOM   1402 C C   . ARG B 1 90  ? 4.287   -2.210  26.760  1.00 26.40 ? 743 ARG B C   1 
ATOM   1403 O O   . ARG B 1 90  ? 3.949   -2.542  27.903  1.00 23.84 ? 743 ARG B O   1 
ATOM   1404 C CB  . ARG B 1 90  ? 6.172   -3.589  25.803  1.00 25.50 ? 743 ARG B CB  1 
ATOM   1405 C CG  . ARG B 1 90  ? 6.497   -4.876  25.065  1.00 26.10 ? 743 ARG B CG  1 
ATOM   1406 C CD  . ARG B 1 90  ? 7.970   -5.184  25.049  1.00 29.49 ? 743 ARG B CD  1 
ATOM   1407 N NE  . ARG B 1 90  ? 8.215   -6.572  24.656  1.00 26.87 ? 743 ARG B NE  1 
ATOM   1408 C CZ  . ARG B 1 90  ? 9.399   -7.029  24.260  1.00 29.51 ? 743 ARG B CZ  1 
ATOM   1409 N NH1 . ARG B 1 90  ? 10.439  -6.200  24.191  1.00 26.96 ? 743 ARG B NH1 1 
ATOM   1410 N NH2 . ARG B 1 90  ? 9.544   -8.304  23.911  1.00 28.25 ? 743 ARG B NH2 1 
ATOM   1411 N N   . GLN B 1 91  ? 4.308   -0.949  26.333  1.00 24.91 ? 744 GLN B N   1 
ATOM   1412 C CA  . GLN B 1 91  ? 3.978   0.178   27.195  1.00 21.05 ? 744 GLN B CA  1 
ATOM   1413 C C   . GLN B 1 91  ? 2.559   0.062   27.768  1.00 24.64 ? 744 GLN B C   1 
ATOM   1414 O O   . GLN B 1 91  ? 2.325   0.390   28.927  1.00 26.36 ? 744 GLN B O   1 
ATOM   1415 C CB  . GLN B 1 91  ? 4.179   1.504   26.434  1.00 24.23 ? 744 GLN B CB  1 
ATOM   1416 C CG  . GLN B 1 91  ? 3.379   2.714   26.955  1.00 26.55 ? 744 GLN B CG  1 
ATOM   1417 C CD  . GLN B 1 91  ? 3.552   3.981   26.083  1.00 39.84 ? 744 GLN B CD  1 
ATOM   1418 O OE1 . GLN B 1 91  ? 2.744   4.909   26.166  1.00 44.17 ? 744 GLN B OE1 1 
ATOM   1419 N NE2 . GLN B 1 91  ? 4.607   4.021   25.254  1.00 29.43 ? 744 GLN B NE2 1 
ATOM   1420 N N   . GLY B 1 92  ? 1.618   -0.429  26.970  1.00 24.68 ? 745 GLY B N   1 
ATOM   1421 C CA  . GLY B 1 92  ? 0.236   -0.527  27.414  1.00 19.12 ? 745 GLY B CA  1 
ATOM   1422 C C   . GLY B 1 92  ? -0.035  -1.647  28.405  1.00 21.99 ? 745 GLY B C   1 
ATOM   1423 O O   . GLY B 1 92  ? -1.137  -1.741  28.941  1.00 25.01 ? 745 GLY B O   1 
ATOM   1424 N N   . GLY B 1 93  ? 0.959   -2.499  28.649  1.00 25.27 ? 746 GLY B N   1 
ATOM   1425 C CA  . GLY B 1 93  ? 0.808   -3.598  29.591  1.00 22.94 ? 746 GLY B CA  1 
ATOM   1426 C C   . GLY B 1 93  ? -0.193  -4.646  29.138  1.00 22.50 ? 746 GLY B C   1 
ATOM   1427 O O   . GLY B 1 93  ? 0.061   -5.362  28.169  1.00 24.50 ? 746 GLY B O   1 
ATOM   1428 N N   . ASN B 1 94  ? -1.329  -4.736  29.830  1.00 20.97 ? 747 ASN B N   1 
ATOM   1429 C CA  . ASN B 1 94  ? -2.324  -5.783  29.553  1.00 25.84 ? 747 ASN B CA  1 
ATOM   1430 C C   . ASN B 1 94  ? -3.468  -5.349  28.642  1.00 26.10 ? 747 ASN B C   1 
ATOM   1431 O O   . ASN B 1 94  ? -4.397  -6.120  28.376  1.00 25.44 ? 747 ASN B O   1 
ATOM   1432 C CB  . ASN B 1 94  ? -2.898  -6.340  30.856  1.00 24.26 ? 747 ASN B CB  1 
ATOM   1433 C CG  . ASN B 1 94  ? -1.856  -7.039  31.684  1.00 26.92 ? 747 ASN B CG  1 
ATOM   1434 O OD1 . ASN B 1 94  ? -1.063  -7.822  31.166  1.00 27.04 ? 747 ASN B OD1 1 
ATOM   1435 N ND2 . ASN B 1 94  ? -1.828  -6.741  32.973  1.00 29.56 ? 747 ASN B ND2 1 
ATOM   1436 N N   . THR B 1 95  ? -3.396  -4.111  28.174  1.00 24.23 ? 748 THR B N   1 
ATOM   1437 C CA  . THR B 1 95  ? -4.364  -3.592  27.224  1.00 21.66 ? 748 THR B CA  1 
ATOM   1438 C C   . THR B 1 95  ? -3.638  -3.109  25.970  1.00 22.83 ? 748 THR B C   1 
ATOM   1439 O O   . THR B 1 95  ? -2.569  -2.501  26.049  1.00 24.15 ? 748 THR B O   1 
ATOM   1440 C CB  . THR B 1 95  ? -5.179  -2.444  27.837  1.00 24.26 ? 748 THR B CB  1 
ATOM   1441 O OG1 . THR B 1 95  ? -5.815  -2.907  29.036  1.00 26.43 ? 748 THR B OG1 1 
ATOM   1442 C CG2 . THR B 1 95  ? -6.236  -1.964  26.869  1.00 22.10 ? 748 THR B CG2 1 
ATOM   1443 N N   . LEU B 1 96  ? -4.209  -3.413  24.813  1.00 20.99 ? 749 LEU B N   1 
ATOM   1444 C CA  . LEU B 1 96  ? -3.683  -2.935  23.544  1.00 19.47 ? 749 LEU B CA  1 
ATOM   1445 C C   . LEU B 1 96  ? -4.852  -2.514  22.688  1.00 19.50 ? 749 LEU B C   1 
ATOM   1446 O O   . LEU B 1 96  ? -5.747  -3.308  22.421  1.00 18.69 ? 749 LEU B O   1 
ATOM   1447 C CB  . LEU B 1 96  ? -2.908  -4.046  22.827  1.00 17.40 ? 749 LEU B CB  1 
ATOM   1448 C CG  . LEU B 1 96  ? -2.398  -3.780  21.401  1.00 21.34 ? 749 LEU B CG  1 
ATOM   1449 C CD1 . LEU B 1 96  ? -1.627  -2.468  21.291  1.00 19.88 ? 749 LEU B CD1 1 
ATOM   1450 C CD2 . LEU B 1 96  ? -1.547  -4.947  20.899  1.00 23.92 ? 749 LEU B CD2 1 
ATOM   1451 N N   . MET B 1 97  ? -4.863  -1.261  22.267  1.00 19.42 ? 750 MET B N   1 
ATOM   1452 C CA  . MET B 1 97  ? -5.849  -0.846  21.288  1.00 18.19 ? 750 MET B CA  1 
ATOM   1453 C C   . MET B 1 97  ? -5.147  -0.662  19.948  1.00 18.60 ? 750 MET B C   1 
ATOM   1454 O O   . MET B 1 97  ? -4.220  0.127   19.853  1.00 16.13 ? 750 MET B O   1 
ATOM   1455 C CB  . MET B 1 97  ? -6.528  0.437   21.735  1.00 21.74 ? 750 MET B CB  1 
ATOM   1456 C CG  . MET B 1 97  ? -7.229  1.164   20.618  1.00 23.83 ? 750 MET B CG  1 
ATOM   1457 S SD  . MET B 1 97  ? -8.760  1.894   21.174  1.00 50.29 ? 750 MET B SD  1 
ATOM   1458 C CE  . MET B 1 97  ? -8.924  3.231   19.988  1.00 22.42 ? 750 MET B CE  1 
ATOM   1459 N N   . VAL B 1 98  ? -5.563  -1.424  18.935  1.00 16.80 ? 751 VAL B N   1 
ATOM   1460 C CA  . VAL B 1 98  ? -4.956  -1.337  17.601  1.00 17.23 ? 751 VAL B CA  1 
ATOM   1461 C C   . VAL B 1 98  ? -5.961  -0.989  16.515  1.00 15.75 ? 751 VAL B C   1 
ATOM   1462 O O   . VAL B 1 98  ? -7.105  -1.455  16.533  1.00 18.93 ? 751 VAL B O   1 
ATOM   1463 C CB  . VAL B 1 98  ? -4.297  -2.674  17.150  1.00 16.67 ? 751 VAL B CB  1 
ATOM   1464 C CG1 . VAL B 1 98  ? -2.907  -2.837  17.731  1.00 17.66 ? 751 VAL B CG1 1 
ATOM   1465 C CG2 . VAL B 1 98  ? -5.195  -3.847  17.478  1.00 14.61 ? 751 VAL B CG2 1 
ATOM   1466 N N   . LYS B 1 99  ? -5.532  -0.161  15.572  1.00 16.53 ? 752 LYS B N   1 
ATOM   1467 C CA  . LYS B 1 99  ? -6.230  -0.033  14.309  1.00 18.30 ? 752 LYS B CA  1 
ATOM   1468 C C   . LYS B 1 99  ? -5.413  -0.864  13.335  1.00 18.38 ? 752 LYS B C   1 
ATOM   1469 O O   . LYS B 1 99  ? -4.193  -0.718  13.276  1.00 14.44 ? 752 LYS B O   1 
ATOM   1470 C CB  . LYS B 1 99  ? -6.280  1.419   13.836  1.00 20.19 ? 752 LYS B CB  1 
ATOM   1471 C CG  . LYS B 1 99  ? -7.597  1.766   13.135  1.00 23.69 ? 752 LYS B CG  1 
ATOM   1472 C CD  . LYS B 1 99  ? -7.429  2.778   12.019  1.00 18.59 ? 752 LYS B CD  1 
ATOM   1473 C CE  . LYS B 1 99  ? -7.231  4.184   12.543  1.00 19.44 ? 752 LYS B CE  1 
ATOM   1474 N NZ  . LYS B 1 99  ? -7.633  5.209   11.513  1.00 25.21 ? 752 LYS B NZ  1 
ATOM   1475 N N   . VAL B 1 100 ? -6.066  -1.767  12.605  1.00 15.67 ? 753 VAL B N   1 
ATOM   1476 C CA  . VAL B 1 100 ? -5.350  -2.560  11.614  1.00 13.19 ? 753 VAL B CA  1 
ATOM   1477 C C   . VAL B 1 100 ? -6.016  -2.395  10.270  1.00 14.74 ? 753 VAL B C   1 
ATOM   1478 O O   . VAL B 1 100 ? -7.191  -2.036  10.179  1.00 15.90 ? 753 VAL B O   1 
ATOM   1479 C CB  . VAL B 1 100 ? -5.243  -4.083  11.993  1.00 13.98 ? 753 VAL B CB  1 
ATOM   1480 C CG1 . VAL B 1 100 ? -4.598  -4.260  13.348  1.00 12.44 ? 753 VAL B CG1 1 
ATOM   1481 C CG2 . VAL B 1 100 ? -6.607  -4.770  11.952  1.00 11.10 ? 753 VAL B CG2 1 
ATOM   1482 N N   . VAL B 1 101 ? -5.249  -2.633  9.220   1.00 16.01 ? 754 VAL B N   1 
ATOM   1483 C CA  . VAL B 1 101 ? -5.800  -2.692  7.884   1.00 16.35 ? 754 VAL B CA  1 
ATOM   1484 C C   . VAL B 1 101 ? -5.840  -4.163  7.515   1.00 18.25 ? 754 VAL B C   1 
ATOM   1485 O O   . VAL B 1 101 ? -4.840  -4.880  7.665   1.00 14.33 ? 754 VAL B O   1 
ATOM   1486 C CB  . VAL B 1 101 ? -4.918  -1.923  6.874   1.00 17.99 ? 754 VAL B CB  1 
ATOM   1487 C CG1 . VAL B 1 101 ? -5.474  -2.051  5.465   1.00 19.17 ? 754 VAL B CG1 1 
ATOM   1488 C CG2 . VAL B 1 101 ? -4.822  -0.470  7.261   1.00 19.34 ? 754 VAL B CG2 1 
ATOM   1489 N N   . MET B 1 102 ? -7.007  -4.611  7.062   1.00 15.49 ? 755 MET B N   1 
ATOM   1490 C CA  . MET B 1 102 ? -7.175  -5.970  6.585   1.00 16.82 ? 755 MET B CA  1 
ATOM   1491 C C   . MET B 1 102 ? -7.133  -5.935  5.081   1.00 18.02 ? 755 MET B C   1 
ATOM   1492 O O   . MET B 1 102 ? -7.919  -5.228  4.449   1.00 18.80 ? 755 MET B O   1 
ATOM   1493 C CB  . MET B 1 102 ? -8.516  -6.540  7.051   1.00 13.63 ? 755 MET B CB  1 
ATOM   1494 C CG  . MET B 1 102 ? -8.600  -6.736  8.555   1.00 12.81 ? 755 MET B CG  1 
ATOM   1495 S SD  . MET B 1 102 ? -10.284 -6.940  9.141   1.00 15.88 ? 755 MET B SD  1 
ATOM   1496 C CE  . MET B 1 102 ? -11.059 -7.573  7.645   1.00 29.30 ? 755 MET B CE  1 
ATOM   1497 N N   . VAL B 1 103 ? -6.206  -6.691  4.512   1.00 13.20 ? 756 VAL B N   1 
ATOM   1498 C CA  . VAL B 1 103 ? -6.044  -6.765  3.075   1.00 17.06 ? 756 VAL B CA  1 
ATOM   1499 C C   . VAL B 1 103 ? -6.275  -8.199  2.632   1.00 19.96 ? 756 VAL B C   1 
ATOM   1500 O O   . VAL B 1 103 ? -5.355  -9.015  2.692   1.00 18.02 ? 756 VAL B O   1 
ATOM   1501 C CB  . VAL B 1 103 ? -4.631  -6.338  2.672   1.00 23.61 ? 756 VAL B CB  1 
ATOM   1502 C CG1 . VAL B 1 103 ? -4.453  -6.415  1.146   1.00 21.50 ? 756 VAL B CG1 1 
ATOM   1503 C CG2 . VAL B 1 103 ? -4.357  -4.933  3.195   1.00 19.95 ? 756 VAL B CG2 1 
ATOM   1504 N N   . THR B 1 104 ? -7.499  -8.492  2.178   1.00 19.12 ? 757 THR B N   1 
ATOM   1505 C CA  . THR B 1 104 ? -7.929  -9.864  1.905   1.00 15.88 ? 757 THR B CA  1 
ATOM   1506 C C   . THR B 1 104 ? -8.016  -10.266 0.433   1.00 18.39 ? 757 THR B C   1 
ATOM   1507 O O   . THR B 1 104 ? -8.077  -9.431  -0.455  1.00 17.98 ? 757 THR B O   1 
ATOM   1508 C CB  . THR B 1 104 ? -9.313  -10.155 2.523   1.00 19.29 ? 757 THR B CB  1 
ATOM   1509 O OG1 . THR B 1 104 ? -10.285 -9.285  1.938   1.00 24.57 ? 757 THR B OG1 1 
ATOM   1510 C CG2 . THR B 1 104 ? -9.300  -9.953  4.038   1.00 16.78 ? 757 THR B CG2 1 
ATOM   1511 N N   . ARG B 1 105 ? -8.111  -11.581 0.230   1.00 24.93 ? 758 ARG B N   1 
ATOM   1512 C CA  A ARG B 1 105 ? -8.155  -12.221 -1.079  0.49 19.95 ? 758 ARG B CA  1 
ATOM   1513 C CA  B ARG B 1 105 ? -8.163  -12.206 -1.106  0.51 19.97 ? 758 ARG B CA  1 
ATOM   1514 C C   . ARG B 1 105 ? -6.884  -11.951 -1.871  1.00 25.36 ? 758 ARG B C   1 
ATOM   1515 O O   . ARG B 1 105 ? -5.937  -12.738 -1.778  1.00 31.24 ? 758 ARG B O   1 
ATOM   1516 C CB  A ARG B 1 105 ? -9.427  -11.846 -1.840  0.49 16.33 ? 758 ARG B CB  1 
ATOM   1517 C CB  B ARG B 1 105 ? -9.387  -11.790 -1.945  0.51 16.63 ? 758 ARG B CB  1 
ATOM   1518 C CG  A ARG B 1 105 ? -9.214  -11.120 -3.147  0.49 16.69 ? 758 ARG B CG  1 
ATOM   1519 C CG  B ARG B 1 105 ? -9.061  -11.644 -3.455  0.51 17.32 ? 758 ARG B CG  1 
ATOM   1520 C CD  A ARG B 1 105 ? -10.490 -11.186 -3.969  0.49 18.32 ? 758 ARG B CD  1 
ATOM   1521 C CD  B ARG B 1 105 ? -10.129 -12.210 -4.460  0.51 17.97 ? 758 ARG B CD  1 
ATOM   1522 N NE  A ARG B 1 105 ? -10.998 -9.880  -4.366  0.49 16.99 ? 758 ARG B NE  1 
ATOM   1523 N NE  B ARG B 1 105 ? -10.549 -13.586 -4.165  0.51 15.49 ? 758 ARG B NE  1 
ATOM   1524 C CZ  A ARG B 1 105 ? -12.288 -9.602  -4.535  0.49 17.32 ? 758 ARG B CZ  1 
ATOM   1525 C CZ  B ARG B 1 105 ? -11.035 -14.451 -5.059  0.51 19.53 ? 758 ARG B CZ  1 
ATOM   1526 N NH1 A ARG B 1 105 ? -13.212 -10.531 -4.321  0.49 14.52 ? 758 ARG B NH1 1 
ATOM   1527 N NH1 B ARG B 1 105 ? -11.171 -14.116 -6.344  0.51 15.78 ? 758 ARG B NH1 1 
ATOM   1528 N NH2 A ARG B 1 105 ? -12.661 -8.386  -4.911  0.49 19.37 ? 758 ARG B NH2 1 
ATOM   1529 N NH2 B ARG B 1 105 ? -11.388 -15.672 -4.666  0.51 16.80 ? 758 ARG B NH2 1 
ATOM   1530 N N   . ASP C 2 1   ? -0.164  18.821  -12.842 1.00 25.70 ? 642 ASP C N   1 
ATOM   1531 C CA  . ASP C 2 1   ? 0.328   18.995  -14.205 1.00 21.55 ? 642 ASP C CA  1 
ATOM   1532 C C   . ASP C 2 1   ? -0.161  17.787  -14.997 1.00 25.28 ? 642 ASP C C   1 
ATOM   1533 O O   . ASP C 2 1   ? -0.712  16.854  -14.414 1.00 23.81 ? 642 ASP C O   1 
ATOM   1534 C CB  . ASP C 2 1   ? 1.860   19.092  -14.205 1.00 22.48 ? 642 ASP C CB  1 
ATOM   1535 C CG  . ASP C 2 1   ? 2.439   19.492  -15.558 1.00 28.72 ? 642 ASP C CG  1 
ATOM   1536 O OD1 . ASP C 2 1   ? 1.681   19.925  -16.459 1.00 27.47 ? 642 ASP C OD1 1 
ATOM   1537 O OD2 . ASP C 2 1   ? 3.676   19.391  -15.707 1.00 28.86 ? 642 ASP C OD2 1 
ATOM   1538 N N   . GLU C 2 2   ? 0.025   17.826  -16.314 1.00 21.27 ? 643 GLU C N   1 
ATOM   1539 C CA  . GLU C 2 2   ? -0.458  16.805  -17.231 1.00 21.87 ? 643 GLU C CA  1 
ATOM   1540 C C   . GLU C 2 2   ? 0.585   16.608  -18.304 1.00 21.29 ? 643 GLU C C   1 
ATOM   1541 O O   . GLU C 2 2   ? 1.257   17.551  -18.691 1.00 21.63 ? 643 GLU C O   1 
ATOM   1542 C CB  . GLU C 2 2   ? -1.746  17.264  -17.924 1.00 22.58 ? 643 GLU C CB  1 
ATOM   1543 C CG  . GLU C 2 2   ? -2.857  17.701  -17.003 1.00 25.47 ? 643 GLU C CG  1 
ATOM   1544 C CD  . GLU C 2 2   ? -4.021  18.309  -17.764 1.00 26.14 ? 643 GLU C CD  1 
ATOM   1545 O OE1 . GLU C 2 2   ? -4.846  17.530  -18.291 1.00 25.62 ? 643 GLU C OE1 1 
ATOM   1546 O OE2 . GLU C 2 2   ? -4.104  19.560  -17.850 1.00 22.12 ? 643 GLU C OE2 1 
ATOM   1547 N N   . THR C 2 3   ? 0.698   15.392  -18.819 1.00 22.78 ? 644 THR C N   1 
ATOM   1548 C CA  . THR C 2 3   ? 1.666   15.102  -19.865 1.00 21.15 ? 644 THR C CA  1 
ATOM   1549 C C   . THR C 2 3   ? 1.184   13.912  -20.674 1.00 22.52 ? 644 THR C C   1 
ATOM   1550 O O   . THR C 2 3   ? 0.841   12.873  -20.121 1.00 22.59 ? 644 THR C O   1 
ATOM   1551 C CB  . THR C 2 3   ? 3.052   14.770  -19.266 1.00 23.19 ? 644 THR C CB  1 
ATOM   1552 O OG1 . THR C 2 3   ? 3.417   15.778  -18.325 1.00 22.22 ? 644 THR C OG1 1 
ATOM   1553 C CG2 . THR C 2 3   ? 4.119   14.695  -20.352 1.00 20.35 ? 644 THR C CG2 1 
ATOM   1554 N N   . ASN C 2 4   ? 1.158   14.078  -21.986 1.00 23.79 ? 645 ASN C N   1 
ATOM   1555 C CA  . ASN C 2 4   ? 0.797   13.020  -22.909 1.00 24.88 ? 645 ASN C CA  1 
ATOM   1556 C C   . ASN C 2 4   ? 2.045   12.177  -23.210 1.00 30.23 ? 645 ASN C C   1 
ATOM   1557 O O   . ASN C 2 4   ? 3.040   12.682  -23.726 1.00 31.12 ? 645 ASN C O   1 
ATOM   1558 C CB  . ASN C 2 4   ? 0.209   13.660  -24.175 1.00 27.38 ? 645 ASN C CB  1 
ATOM   1559 C CG  . ASN C 2 4   ? -0.135  12.648  -25.260 1.00 31.78 ? 645 ASN C CG  1 
ATOM   1560 O OD1 . ASN C 2 4   ? 0.091   12.903  -26.445 1.00 36.06 ? 645 ASN C OD1 1 
ATOM   1561 N ND2 . ASN C 2 4   ? -0.693  11.510  -24.867 1.00 28.57 ? 645 ASN C ND2 1 
ATOM   1562 N N   . LEU C 2 5   ? 2.011   10.900  -22.847 1.00 28.05 ? 646 LEU C N   1 
ATOM   1563 C CA  . LEU C 2 5   ? 3.185   10.048  -23.001 1.00 26.43 ? 646 LEU C CA  1 
ATOM   1564 C C   . LEU C 2 5   ? 2.915   8.905   -23.971 1.00 28.93 ? 646 LEU C C   1 
ATOM   1565 O O   . LEU C 2 5   ? 3.830   8.170   -24.336 1.00 32.31 ? 646 LEU C O   1 
ATOM   1566 C CB  . LEU C 2 5   ? 3.642   9.509   -21.639 1.00 20.69 ? 646 LEU C CB  1 
ATOM   1567 C CG  . LEU C 2 5   ? 4.092   10.570  -20.631 1.00 26.59 ? 646 LEU C CG  1 
ATOM   1568 C CD1 . LEU C 2 5   ? 3.987   10.072  -19.215 1.00 22.45 ? 646 LEU C CD1 1 
ATOM   1569 C CD2 . LEU C 2 5   ? 5.511   11.027  -20.932 1.00 28.19 ? 646 LEU C CD2 1 
ATOM   1570 N N   . ASP D 2 1   ? 12.521  -7.883  11.416  1.00 19.86 ? 642 ASP D N   1 
ATOM   1571 C CA  . ASP D 2 1   ? 12.629  -8.438  12.752  1.00 21.80 ? 642 ASP D CA  1 
ATOM   1572 C C   . ASP D 2 1   ? 11.278  -9.004  13.178  1.00 22.42 ? 642 ASP D C   1 
ATOM   1573 O O   . ASP D 2 1   ? 10.247  -8.553  12.693  1.00 25.50 ? 642 ASP D O   1 
ATOM   1574 C CB  . ASP D 2 1   ? 13.113  -7.360  13.728  1.00 24.56 ? 642 ASP D CB  1 
ATOM   1575 C CG  . ASP D 2 1   ? 13.737  -7.945  14.987  1.00 35.58 ? 642 ASP D CG  1 
ATOM   1576 O OD1 . ASP D 2 1   ? 13.904  -9.188  15.065  1.00 40.42 ? 642 ASP D OD1 1 
ATOM   1577 O OD2 . ASP D 2 1   ? 14.087  -7.161  15.897  1.00 39.43 ? 642 ASP D OD2 1 
ATOM   1578 N N   . GLU D 2 2   ? 11.295  -10.001 14.064  1.00 19.81 ? 643 GLU D N   1 
ATOM   1579 C CA  . GLU D 2 2   ? 10.082  -10.615 14.615  1.00 22.22 ? 643 GLU D CA  1 
ATOM   1580 C C   . GLU D 2 2   ? 10.058  -10.587 16.145  1.00 25.95 ? 643 GLU D C   1 
ATOM   1581 O O   . GLU D 2 2   ? 11.022  -10.986 16.794  1.00 30.19 ? 643 GLU D O   1 
ATOM   1582 C CB  . GLU D 2 2   ? 9.964   -12.079 14.165  1.00 22.68 ? 643 GLU D CB  1 
ATOM   1583 C CG  . GLU D 2 2   ? 9.561   -12.266 12.717  1.00 21.29 ? 643 GLU D CG  1 
ATOM   1584 C CD  . GLU D 2 2   ? 9.756   -13.687 12.226  1.00 33.04 ? 643 GLU D CD  1 
ATOM   1585 O OE1 . GLU D 2 2   ? 10.739  -14.344 12.639  1.00 39.03 ? 643 GLU D OE1 1 
ATOM   1586 O OE2 . GLU D 2 2   ? 8.923   -14.150 11.419  1.00 34.29 ? 643 GLU D OE2 1 
ATOM   1587 N N   . THR D 2 3   ? 8.946   -10.143 16.719  1.00 23.56 ? 644 THR D N   1 
ATOM   1588 C CA  . THR D 2 3   ? 8.755   -10.195 18.164  1.00 22.06 ? 644 THR D CA  1 
ATOM   1589 C C   . THR D 2 3   ? 7.457   -10.912 18.537  1.00 22.06 ? 644 THR D C   1 
ATOM   1590 O O   . THR D 2 3   ? 6.384   -10.584 18.028  1.00 20.78 ? 644 THR D O   1 
ATOM   1591 C CB  . THR D 2 3   ? 8.699   -8.778  18.767  1.00 24.33 ? 644 THR D CB  1 
ATOM   1592 O OG1 . THR D 2 3   ? 9.857   -8.039  18.364  1.00 24.79 ? 644 THR D OG1 1 
ATOM   1593 C CG2 . THR D 2 3   ? 8.644   -8.839  20.290  1.00 26.53 ? 644 THR D CG2 1 
ATOM   1594 N N   . ASN D 2 4   ? 7.565   -11.884 19.436  1.00 22.62 ? 645 ASN D N   1 
ATOM   1595 C CA  . ASN D 2 4   ? 6.407   -12.570 19.993  1.00 21.01 ? 645 ASN D CA  1 
ATOM   1596 C C   . ASN D 2 4   ? 5.790   -11.726 21.099  1.00 24.08 ? 645 ASN D C   1 
ATOM   1597 O O   . ASN D 2 4   ? 6.467   -11.404 22.070  1.00 27.25 ? 645 ASN D O   1 
ATOM   1598 C CB  . ASN D 2 4   ? 6.827   -13.922 20.573  1.00 23.93 ? 645 ASN D CB  1 
ATOM   1599 C CG  . ASN D 2 4   ? 6.994   -14.992 19.512  1.00 35.36 ? 645 ASN D CG  1 
ATOM   1600 O OD1 . ASN D 2 4   ? 6.337   -16.033 19.557  1.00 42.68 ? 645 ASN D OD1 1 
ATOM   1601 N ND2 . ASN D 2 4   ? 7.874   -14.742 18.547  1.00 34.43 ? 645 ASN D ND2 1 
ATOM   1602 N N   . LEU D 2 5   ? 4.508   -11.390 20.966  1.00 21.72 ? 646 LEU D N   1 
ATOM   1603 C CA  . LEU D 2 5   ? 3.839   -10.461 21.885  1.00 21.88 ? 646 LEU D CA  1 
ATOM   1604 C C   . LEU D 2 5   ? 2.515   -10.991 22.456  1.00 24.77 ? 646 LEU D C   1 
ATOM   1605 O O   . LEU D 2 5   ? 1.976   -10.420 23.405  1.00 26.16 ? 646 LEU D O   1 
ATOM   1606 C CB  . LEU D 2 5   ? 3.604   -9.107  21.195  1.00 22.23 ? 646 LEU D CB  1 
ATOM   1607 C CG  . LEU D 2 5   ? 4.848   -8.233  20.964  1.00 26.71 ? 646 LEU D CG  1 
ATOM   1608 C CD1 . LEU D 2 5   ? 4.598   -7.130  19.961  1.00 19.89 ? 646 LEU D CD1 1 
ATOM   1609 C CD2 . LEU D 2 5   ? 5.358   -7.652  22.278  1.00 29.54 ? 646 LEU D CD2 1 
ATOM   1610 O OXT . LEU D 2 5   ? 1.935   -11.978 21.985  1.00 22.02 ? 646 LEU D OXT 1 
HETATM 1611 O O   . HOH E 3 .   ? -1.945  14.925  -7.190  1.00 25.08 ? 1   HOH A O   1 
HETATM 1612 O O   . HOH E 3 .   ? -6.239  -0.985  -15.281 1.00 23.80 ? 3   HOH A O   1 
HETATM 1613 O O   . HOH E 3 .   ? -12.491 0.202   5.920   1.00 20.21 ? 11  HOH A O   1 
HETATM 1614 O O   . HOH E 3 .   ? -7.587  -4.018  -17.480 1.00 27.45 ? 13  HOH A O   1 
HETATM 1615 O O   . HOH E 3 .   ? 13.470  5.001   -15.742 1.00 33.19 ? 14  HOH A O   1 
HETATM 1616 O O   . HOH E 3 .   ? -6.908  20.650  -17.953 1.00 32.57 ? 19  HOH A O   1 
HETATM 1617 O O   . HOH E 3 .   ? 15.186  9.429   -13.649 1.00 34.98 ? 22  HOH A O   1 
HETATM 1618 O O   . HOH E 3 .   ? -4.689  9.612   -23.759 1.00 26.31 ? 23  HOH A O   1 
HETATM 1619 O O   . HOH E 3 .   ? -13.947 6.608   -23.054 1.00 36.62 ? 36  HOH A O   1 
HETATM 1620 O O   . HOH E 3 .   ? -11.164 -1.856  -8.469  1.00 26.90 ? 37  HOH A O   1 
HETATM 1621 O O   . HOH E 3 .   ? 13.653  17.752  -15.692 1.00 40.52 ? 38  HOH A O   1 
HETATM 1622 O O   . HOH E 3 .   ? -0.330  3.903   -1.300  1.00 19.06 ? 40  HOH A O   1 
HETATM 1623 O O   . HOH E 3 .   ? -3.523  3.547   -25.006 1.00 23.95 ? 42  HOH A O   1 
HETATM 1624 O O   . HOH E 3 .   ? -2.679  3.639   0.400   1.00 24.87 ? 44  HOH A O   1 
HETATM 1625 O O   . HOH E 3 .   ? 2.281   8.305   -8.242  1.00 25.50 ? 47  HOH A O   1 
HETATM 1626 O O   . HOH E 3 .   ? -10.049 5.755   -22.249 1.00 31.01 ? 49  HOH A O   1 
HETATM 1627 O O   . HOH E 3 .   ? 10.910  15.627  -19.061 1.00 40.96 ? 52  HOH A O   1 
HETATM 1628 O O   . HOH E 3 .   ? -5.805  1.878   -1.948  1.00 25.57 ? 55  HOH A O   1 
HETATM 1629 O O   . HOH E 3 .   ? -4.658  2.020   -0.104  1.00 27.77 ? 58  HOH A O   1 
HETATM 1630 O O   . HOH E 3 .   ? -10.000 3.829   -20.000 1.00 27.70 ? 59  HOH A O   1 
HETATM 1631 O O   . HOH E 3 .   ? 3.875   19.072  -9.226  1.00 30.69 ? 63  HOH A O   1 
HETATM 1632 O O   . HOH E 3 .   ? 4.754   20.084  -11.223 1.00 36.98 ? 65  HOH A O   1 
HETATM 1633 O O   . HOH E 3 .   ? -11.387 3.355   -15.825 1.00 26.66 ? 68  HOH A O   1 
HETATM 1634 O O   . HOH E 3 .   ? -11.662 0.732   -15.203 1.00 38.02 ? 69  HOH A O   1 
HETATM 1635 O O   . HOH E 3 .   ? -15.020 5.481   -0.798  1.00 38.34 ? 72  HOH A O   1 
HETATM 1636 O O   . HOH E 3 .   ? -3.721  -0.209  -30.038 1.00 37.89 ? 73  HOH A O   1 
HETATM 1637 O O   . HOH E 3 .   ? -4.857  10.561  0.386   1.00 34.22 ? 76  HOH A O   1 
HETATM 1638 O O   . HOH F 3 .   ? -4.168  -15.875 11.458  1.00 17.41 ? 2   HOH B O   1 
HETATM 1639 O O   . HOH F 3 .   ? -2.916  -14.992 24.083  1.00 21.54 ? 4   HOH B O   1 
HETATM 1640 O O   . HOH F 3 .   ? -4.939  2.711   18.713  1.00 24.49 ? 6   HOH B O   1 
HETATM 1641 O O   . HOH F 3 .   ? 2.868   -9.020  29.402  1.00 25.37 ? 7   HOH B O   1 
HETATM 1642 O O   . HOH F 3 .   ? -9.484  -8.974  24.149  1.00 21.23 ? 8   HOH B O   1 
HETATM 1643 O O   . HOH F 3 .   ? 11.595  3.256   22.012  1.00 35.76 ? 9   HOH B O   1 
HETATM 1644 O O   . HOH F 3 .   ? -13.509 -8.133  15.147  1.00 21.81 ? 10  HOH B O   1 
HETATM 1645 O O   . HOH F 3 .   ? 9.317   6.718   15.608  1.00 33.06 ? 12  HOH B O   1 
HETATM 1646 O O   . HOH F 3 .   ? 3.804   6.958   11.265  1.00 18.98 ? 15  HOH B O   1 
HETATM 1647 O O   . HOH F 3 .   ? -1.031  -18.000 31.034  1.00 35.94 ? 16  HOH B O   1 
HETATM 1648 O O   . HOH F 3 .   ? 1.297   -0.001  31.337  1.00 31.05 ? 17  HOH B O   1 
HETATM 1649 O O   . HOH F 3 .   ? -1.850  -8.670  4.244   1.00 17.78 ? 18  HOH B O   1 
HETATM 1650 O O   . HOH F 3 .   ? 0.252   -2.201  -3.517  1.00 26.64 ? 20  HOH B O   1 
HETATM 1651 O O   . HOH F 3 .   ? -9.698  -11.436 22.827  1.00 23.57 ? 21  HOH B O   1 
HETATM 1652 O O   . HOH F 3 .   ? 8.132   -3.850  7.233   1.00 20.28 ? 24  HOH B O   1 
HETATM 1653 O O   . HOH F 3 .   ? -0.508  -2.081  24.406  1.00 20.13 ? 25  HOH B O   1 
HETATM 1654 O O   . HOH F 3 .   ? -3.564  -14.924 19.496  1.00 16.81 ? 26  HOH B O   1 
HETATM 1655 O O   . HOH F 3 .   ? -10.752 -13.977 11.994  1.00 14.81 ? 27  HOH B O   1 
HETATM 1656 O O   . HOH F 3 .   ? 9.170   -6.616  6.677   1.00 23.45 ? 28  HOH B O   1 
HETATM 1657 O O   . HOH F 3 .   ? -13.134 -8.984  10.484  1.00 20.18 ? 29  HOH B O   1 
HETATM 1658 O O   . HOH F 3 .   ? 3.003   -0.519  11.656  1.00 18.59 ? 30  HOH B O   1 
HETATM 1659 O O   . HOH F 3 .   ? -11.974 -10.158 -0.125  1.00 23.52 ? 31  HOH B O   1 
HETATM 1660 O O   . HOH F 3 .   ? -4.643  -14.243 -1.087  1.00 25.95 ? 32  HOH B O   1 
HETATM 1661 O O   . HOH F 3 .   ? -7.094  -13.185 2.242   1.00 18.89 ? 33  HOH B O   1 
HETATM 1662 O O   . HOH F 3 .   ? 14.725  -1.932  12.288  1.00 35.29 ? 34  HOH B O   1 
HETATM 1663 O O   . HOH F 3 .   ? -0.975  -7.745  1.369   1.00 14.21 ? 35  HOH B O   1 
HETATM 1664 O O   . HOH F 3 .   ? -10.421 -6.833  4.113   1.00 28.41 ? 39  HOH B O   1 
HETATM 1665 O O   . HOH F 3 .   ? -5.714  -11.277 6.262   1.00 17.67 ? 41  HOH B O   1 
HETATM 1666 O O   . HOH F 3 .   ? 13.260  0.598   11.096  1.00 34.79 ? 43  HOH B O   1 
HETATM 1667 O O   . HOH F 3 .   ? -9.726  -4.088  31.689  1.00 28.66 ? 45  HOH B O   1 
HETATM 1668 O O   . HOH F 3 .   ? -10.200 -11.752 25.842  1.00 39.95 ? 46  HOH B O   1 
HETATM 1669 O O   . HOH F 3 .   ? -4.139  0.241   2.304   1.00 29.34 ? 48  HOH B O   1 
HETATM 1670 O O   . HOH F 3 .   ? 8.022   -0.129  26.641  1.00 29.90 ? 50  HOH B O   1 
HETATM 1671 O O   . HOH F 3 .   ? -8.780  -14.573 14.310  1.00 15.84 ? 51  HOH B O   1 
HETATM 1672 O O   . HOH F 3 .   ? -5.071  1.688   4.399   1.00 37.78 ? 53  HOH B O   1 
HETATM 1673 O O   . HOH F 3 .   ? 13.686  -5.138  17.639  1.00 34.08 ? 54  HOH B O   1 
HETATM 1674 O O   . HOH F 3 .   ? 4.039   8.747   2.821   1.00 21.58 ? 57  HOH B O   1 
HETATM 1675 O O   . HOH F 3 .   ? -1.253  -11.798 -5.217  0.50 29.60 ? 60  HOH B O   1 
HETATM 1676 O O   . HOH F 3 .   ? -5.832  -16.623 26.261  1.00 31.59 ? 61  HOH B O   1 
HETATM 1677 O O   . HOH F 3 .   ? -12.668 -13.318 -9.873  1.00 34.92 ? 62  HOH B O   1 
HETATM 1678 O O   . HOH F 3 .   ? -5.040  -8.949  6.332   1.00 23.34 ? 66  HOH B O   1 
HETATM 1679 O O   . HOH F 3 .   ? -10.487 -11.961 -11.051 1.00 42.41 ? 70  HOH B O   1 
HETATM 1680 O O   . HOH F 3 .   ? -1.705  -17.283 22.798  1.00 29.48 ? 71  HOH B O   1 
HETATM 1681 O O   . HOH F 3 .   ? 8.328   2.029   26.162  1.00 34.25 ? 74  HOH B O   1 
HETATM 1682 O O   . HOH F 3 .   ? -13.826 -11.353 -0.989  1.00 19.82 ? 75  HOH B O   1 
HETATM 1683 O O   . HOH F 3 .   ? -7.222  3.800   17.999  1.00 32.06 ? 77  HOH B O   1 
HETATM 1684 O O   . HOH F 3 .   ? 12.754  3.130   9.708   1.00 42.85 ? 78  HOH B O   1 
HETATM 1685 O O   . HOH F 3 .   ? 8.941   -11.162 23.237  1.00 42.39 ? 79  HOH B O   1 
HETATM 1686 O O   . HOH F 3 .   ? -3.130  -17.762 12.898  1.00 22.83 ? 80  HOH B O   1 
HETATM 1687 O O   . HOH G 3 .   ? -2.708  20.954  -16.152 1.00 26.48 ? 5   HOH C O   1 
HETATM 1688 O O   . HOH G 3 .   ? 5.687   17.424  -18.608 1.00 33.44 ? 56  HOH C O   1 
HETATM 1689 O O   . HOH H 3 .   ? 13.428  -10.479 9.731   1.00 27.91 ? 64  HOH D O   1 
HETATM 1690 O O   . HOH H 3 .   ? 13.079  -9.717  7.302   1.00 34.94 ? 67  HOH D O   1 
# 
